data_4IWS
#
_entry.id   4IWS
#
_cell.length_a   104.297
_cell.length_b   55.818
_cell.length_c   198.422
_cell.angle_alpha   90.00
_cell.angle_beta   90.87
_cell.angle_gamma   90.00
#
_symmetry.space_group_name_H-M   'P 1 21 1'
#
loop_
_entity.id
_entity.type
_entity.pdbx_description
1 polymer PA0254
2 non-polymer 'SULFATE ION'
3 water water
#
_entity_poly.entity_id   1
_entity_poly.type   'polypeptide(L)'
_entity_poly.pdbx_seq_one_letter_code
;MHHHHHHSSGVDLGTENLYFQSMNRSALDFRHFVDHLRRQGDLVDVHTEVDANLEIGAITRRVYERRAPAPLFHNIRDSL
PGARVLGAPAGLRADRARAHSRLALHFGLPEHSGPRDIVAMLRAAMRAEPIAPRRLERGPVQENVWLGEQVDLTRFPVPL
LHEQDGGRYFGTYGFHVVQTPDGSWDSWSVGRLMLVDRNTLAGPTIPTQHIGIIREQWRRLGKPTPWAMALGAPPAALAA
AGMPLPEGVSEAGYVGALVGEPVEVVRTQTNGLWVPANTEIVLEGEISLDETALEGPMGEYHGYSFPIGKPQPLFHVHAL
SFRDQPILPICVAGTPPEENHTIWGTMISAQLLDVAQNAGLPVDMVWCSYEAATCWAVLSIDVQRLAALGTDAAAFAARV
AETVFGSHAGHLVPKLILVGNDIDVTEIDQVVWALATRAHPLHDHFAFPQIRDFPMVPYLDAEDKARGSGGRLVINCLYP
EQFAGQMRAATASFRHAYPTALRRRVEERWSDYGFGDA
;
_entity_poly.pdbx_strand_id   A,B,C,D
#
loop_
_chem_comp.id
_chem_comp.type
_chem_comp.name
_chem_comp.formula
SO4 non-polymer 'SULFATE ION' 'O4 S -2'
#
# COMPACT_ATOMS: atom_id res chain seq x y z
N MET A 23 -3.48 -11.95 -29.29
CA MET A 23 -4.78 -11.84 -28.64
C MET A 23 -5.89 -11.93 -29.69
N ASN A 24 -5.75 -12.89 -30.59
CA ASN A 24 -6.57 -12.94 -31.80
C ASN A 24 -7.98 -13.57 -31.66
N ARG A 25 -8.21 -14.32 -30.58
CA ARG A 25 -9.54 -14.91 -30.33
C ARG A 25 -10.52 -13.86 -29.79
N SER A 26 -10.01 -12.93 -28.98
CA SER A 26 -10.82 -11.82 -28.51
C SER A 26 -11.02 -10.84 -29.65
N ALA A 27 -10.02 -10.70 -30.51
CA ALA A 27 -10.07 -9.71 -31.57
C ALA A 27 -11.07 -10.10 -32.65
N LEU A 28 -11.35 -11.39 -32.75
CA LEU A 28 -12.13 -11.91 -33.88
C LEU A 28 -13.49 -12.41 -33.45
N ASP A 29 -13.84 -12.16 -32.19
CA ASP A 29 -15.13 -12.60 -31.64
C ASP A 29 -15.51 -11.71 -30.48
N PHE A 30 -16.58 -10.94 -30.65
CA PHE A 30 -17.07 -10.05 -29.60
C PHE A 30 -17.43 -10.82 -28.32
N ARG A 31 -18.06 -11.97 -28.47
CA ARG A 31 -18.48 -12.77 -27.33
C ARG A 31 -17.27 -13.25 -26.52
N HIS A 32 -16.21 -13.67 -27.22
CA HIS A 32 -14.96 -14.06 -26.55
C HIS A 32 -14.27 -12.84 -25.94
N PHE A 33 -14.34 -11.71 -26.65
CA PHE A 33 -13.83 -10.44 -26.18
C PHE A 33 -14.46 -10.09 -24.83
N VAL A 34 -15.77 -10.29 -24.72
CA VAL A 34 -16.49 -10.02 -23.48
C VAL A 34 -16.10 -10.96 -22.32
N ASP A 35 -15.95 -12.26 -22.58
CA ASP A 35 -15.54 -13.20 -21.53
C ASP A 35 -14.12 -12.85 -21.05
N HIS A 36 -13.28 -12.43 -21.98
CA HIS A 36 -11.90 -12.05 -21.72
C HIS A 36 -11.83 -10.92 -20.70
N LEU A 37 -12.49 -9.80 -21.01
CA LEU A 37 -12.64 -8.67 -20.08
C LEU A 37 -13.11 -9.07 -18.70
N ARG A 38 -14.13 -9.93 -18.63
CA ARG A 38 -14.57 -10.45 -17.35
C ARG A 38 -13.41 -11.15 -16.69
N ARG A 39 -12.74 -12.01 -17.45
CA ARG A 39 -11.65 -12.82 -16.94
C ARG A 39 -10.51 -12.00 -16.31
N GLN A 40 -10.34 -10.76 -16.76
CA GLN A 40 -9.26 -9.94 -16.26
C GLN A 40 -9.65 -8.92 -15.19
N GLY A 41 -10.94 -8.82 -14.88
CA GLY A 41 -11.41 -7.87 -13.89
C GLY A 41 -11.76 -6.54 -14.55
N ASP A 42 -11.96 -6.59 -15.85
CA ASP A 42 -12.27 -5.39 -16.61
C ASP A 42 -13.71 -5.41 -17.12
N LEU A 43 -14.56 -6.20 -16.46
CA LEU A 43 -15.98 -6.24 -16.80
C LEU A 43 -16.87 -6.40 -15.57
N VAL A 44 -17.82 -5.50 -15.42
CA VAL A 44 -18.83 -5.60 -14.37
C VAL A 44 -20.19 -6.05 -14.93
N ASP A 45 -20.72 -7.12 -14.37
CA ASP A 45 -22.03 -7.62 -14.75
C ASP A 45 -23.14 -7.00 -13.91
N VAL A 46 -23.84 -6.03 -14.52
CA VAL A 46 -24.90 -5.30 -13.85
C VAL A 46 -26.21 -6.11 -13.86
N HIS A 47 -26.67 -6.52 -12.69
CA HIS A 47 -27.91 -7.30 -12.58
C HIS A 47 -29.06 -6.46 -12.06
N THR A 48 -28.74 -5.30 -11.49
CA THR A 48 -29.75 -4.32 -11.12
C THR A 48 -30.58 -3.95 -12.34
N GLU A 49 -31.91 -3.93 -12.21
CA GLU A 49 -32.72 -3.53 -13.36
C GLU A 49 -32.46 -2.08 -13.71
N VAL A 50 -32.07 -1.86 -14.96
CA VAL A 50 -31.75 -0.50 -15.38
C VAL A 50 -32.69 -0.06 -16.50
N ASP A 51 -32.59 1.22 -16.86
CA ASP A 51 -33.50 1.83 -17.81
C ASP A 51 -32.73 2.24 -19.06
N ALA A 52 -33.17 1.73 -20.22
CA ALA A 52 -32.63 2.12 -21.51
C ALA A 52 -32.77 3.63 -21.76
N ASN A 53 -33.74 4.23 -21.09
CA ASN A 53 -33.91 5.68 -21.12
C ASN A 53 -32.90 6.40 -20.23
N LEU A 54 -31.82 6.89 -20.84
CA LEU A 54 -30.80 7.72 -20.19
C LEU A 54 -29.93 7.01 -19.17
N GLU A 55 -30.51 6.13 -18.35
CA GLU A 55 -29.76 5.55 -17.24
C GLU A 55 -28.57 4.72 -17.72
N ILE A 56 -28.83 3.83 -18.68
CA ILE A 56 -27.76 3.06 -19.30
C ILE A 56 -26.60 3.97 -19.73
N GLY A 57 -26.92 5.05 -20.45
CA GLY A 57 -25.92 6.02 -20.86
C GLY A 57 -25.26 6.77 -19.70
N ALA A 58 -26.03 7.07 -18.66
CA ALA A 58 -25.50 7.82 -17.53
C ALA A 58 -24.42 7.01 -16.81
N ILE A 59 -24.68 5.72 -16.64
CA ILE A 59 -23.70 4.81 -16.06
C ILE A 59 -22.48 4.69 -16.96
N THR A 60 -22.71 4.43 -18.24
CA THR A 60 -21.62 4.28 -19.21
C THR A 60 -20.78 5.55 -19.33
N ARG A 61 -21.43 6.71 -19.32
CA ARG A 61 -20.70 7.97 -19.34
C ARG A 61 -19.79 8.05 -18.13
N ARG A 62 -20.34 7.78 -16.96
CA ARG A 62 -19.58 7.77 -15.73
C ARG A 62 -18.45 6.72 -15.76
N VAL A 63 -18.71 5.60 -16.43
CA VAL A 63 -17.68 4.58 -16.63
C VAL A 63 -16.46 5.11 -17.38
N TYR A 64 -16.67 5.82 -18.49
CA TYR A 64 -15.57 6.40 -19.28
C TYR A 64 -14.72 7.36 -18.46
N GLU A 65 -15.43 8.19 -17.70
CA GLU A 65 -14.83 9.31 -17.00
C GLU A 65 -14.07 8.88 -15.76
N ARG A 66 -14.65 7.97 -14.98
CA ARG A 66 -13.92 7.32 -13.88
C ARG A 66 -12.97 6.21 -14.35
N ARG A 67 -13.07 5.85 -15.63
CA ARG A 67 -12.24 4.82 -16.27
C ARG A 67 -12.41 3.45 -15.60
N ALA A 68 -13.67 3.05 -15.47
CA ALA A 68 -14.07 1.87 -14.70
C ALA A 68 -14.15 0.68 -15.64
N PRO A 69 -14.28 -0.55 -15.09
CA PRO A 69 -14.53 -1.74 -15.89
C PRO A 69 -15.74 -1.54 -16.79
N ALA A 70 -15.75 -2.17 -17.97
CA ALA A 70 -16.87 -2.07 -18.88
C ALA A 70 -18.08 -2.72 -18.25
N PRO A 71 -19.25 -2.06 -18.35
CA PRO A 71 -20.47 -2.64 -17.77
C PRO A 71 -21.26 -3.54 -18.73
N LEU A 72 -21.53 -4.77 -18.31
CA LEU A 72 -22.43 -5.62 -19.10
C LEU A 72 -23.84 -5.64 -18.47
N PHE A 73 -24.82 -5.10 -19.19
CA PHE A 73 -26.16 -4.94 -18.65
C PHE A 73 -27.07 -6.11 -19.00
N HIS A 74 -27.54 -6.82 -17.97
CA HIS A 74 -28.32 -8.05 -18.12
C HIS A 74 -29.83 -7.83 -17.94
N ASN A 75 -30.17 -6.87 -17.10
CA ASN A 75 -31.55 -6.65 -16.65
C ASN A 75 -32.06 -5.28 -17.08
N ILE A 76 -32.64 -5.22 -18.27
CA ILE A 76 -33.08 -3.96 -18.84
C ILE A 76 -34.60 -3.89 -18.95
N ARG A 77 -35.16 -2.78 -18.48
CA ARG A 77 -36.59 -2.61 -18.34
C ARG A 77 -37.34 -2.71 -19.66
N ASP A 78 -38.37 -3.55 -19.69
CA ASP A 78 -39.27 -3.71 -20.83
C ASP A 78 -38.62 -4.11 -22.15
N SER A 79 -37.50 -4.82 -22.08
CA SER A 79 -36.77 -5.16 -23.30
C SER A 79 -36.76 -6.66 -23.58
N LEU A 80 -36.34 -7.02 -24.80
CA LEU A 80 -36.21 -8.41 -25.21
C LEU A 80 -35.38 -9.21 -24.23
N PRO A 81 -35.96 -10.29 -23.69
CA PRO A 81 -35.27 -11.15 -22.71
C PRO A 81 -34.05 -11.82 -23.31
N GLY A 82 -32.94 -11.81 -22.58
CA GLY A 82 -31.71 -12.41 -23.05
C GLY A 82 -30.84 -11.40 -23.76
N ALA A 83 -31.46 -10.28 -24.14
CA ALA A 83 -30.71 -9.22 -24.78
C ALA A 83 -29.96 -8.41 -23.74
N ARG A 84 -28.65 -8.23 -23.98
CA ARG A 84 -27.79 -7.48 -23.08
C ARG A 84 -27.19 -6.25 -23.77
N VAL A 85 -26.56 -5.37 -23.01
CA VAL A 85 -25.93 -4.19 -23.58
C VAL A 85 -24.51 -4.04 -23.04
N LEU A 86 -23.57 -3.64 -23.90
CA LEU A 86 -22.21 -3.40 -23.45
C LEU A 86 -21.83 -1.94 -23.67
N GLY A 87 -21.51 -1.24 -22.59
CA GLY A 87 -21.08 0.13 -22.69
C GLY A 87 -19.58 0.19 -22.53
N ALA A 88 -19.01 1.34 -22.91
CA ALA A 88 -17.57 1.53 -22.96
C ALA A 88 -16.80 0.37 -23.55
N PRO A 89 -17.11 -0.04 -24.79
CA PRO A 89 -16.37 -1.17 -25.38
C PRO A 89 -14.86 -0.95 -25.50
N ALA A 90 -14.44 0.30 -25.74
CA ALA A 90 -13.01 0.63 -25.83
C ALA A 90 -12.60 1.80 -24.95
N GLY A 91 -13.31 2.02 -23.84
CA GLY A 91 -12.92 3.06 -22.89
C GLY A 91 -11.64 2.73 -22.12
N LEU A 92 -11.12 3.70 -21.38
CA LEU A 92 -9.89 3.50 -20.59
C LEU A 92 -10.06 2.87 -19.19
N ARG A 93 -8.98 2.31 -18.66
CA ARG A 93 -8.98 1.79 -17.30
C ARG A 93 -8.16 2.70 -16.40
N ALA A 94 -8.59 2.84 -15.16
CA ALA A 94 -7.93 3.74 -14.22
C ALA A 94 -6.49 3.33 -13.92
N ASP A 95 -6.22 2.03 -13.92
CA ASP A 95 -4.86 1.50 -13.76
C ASP A 95 -3.95 2.00 -14.88
N ARG A 96 -2.91 2.74 -14.53
CA ARG A 96 -2.03 3.34 -15.53
C ARG A 96 -1.29 2.33 -16.40
N ALA A 97 -0.99 1.15 -15.87
CA ALA A 97 -0.20 0.16 -16.59
C ALA A 97 -1.03 -0.69 -17.55
N ARG A 98 -2.34 -0.79 -17.31
CA ARG A 98 -3.26 -1.52 -18.18
C ARG A 98 -4.36 -0.60 -18.67
N ALA A 99 -4.11 0.70 -18.64
CA ALA A 99 -5.10 1.71 -19.00
C ALA A 99 -5.70 1.48 -20.41
N HIS A 100 -4.89 0.94 -21.31
CA HIS A 100 -5.30 0.81 -22.71
C HIS A 100 -5.66 -0.63 -23.13
N SER A 101 -5.82 -1.53 -22.17
CA SER A 101 -6.02 -2.95 -22.46
C SER A 101 -7.28 -3.25 -23.27
N ARG A 102 -8.40 -2.62 -22.90
CA ARG A 102 -9.67 -2.85 -23.56
C ARG A 102 -9.54 -2.38 -24.98
N LEU A 103 -8.87 -1.25 -25.16
CA LEU A 103 -8.61 -0.69 -26.49
C LEU A 103 -7.71 -1.62 -27.33
N ALA A 104 -6.65 -2.12 -26.71
CA ALA A 104 -5.69 -3.01 -27.36
C ALA A 104 -6.29 -4.32 -27.86
N LEU A 105 -7.31 -4.83 -27.19
CA LEU A 105 -7.93 -6.08 -27.65
C LEU A 105 -8.52 -5.96 -29.07
N HIS A 106 -8.96 -4.76 -29.42
CA HIS A 106 -9.49 -4.46 -30.75
C HIS A 106 -8.46 -4.63 -31.87
N PHE A 107 -7.19 -4.41 -31.52
CA PHE A 107 -6.10 -4.63 -32.45
C PHE A 107 -5.37 -5.93 -32.10
N GLY A 108 -5.97 -6.73 -31.24
CA GLY A 108 -5.37 -7.98 -30.77
C GLY A 108 -4.06 -7.80 -30.03
N LEU A 109 -3.97 -6.78 -29.17
CA LEU A 109 -2.76 -6.57 -28.36
C LEU A 109 -2.92 -6.86 -26.85
N PRO A 110 -1.85 -7.34 -26.20
CA PRO A 110 -1.64 -7.51 -24.75
C PRO A 110 -2.09 -6.33 -23.88
N GLU A 111 -2.36 -6.63 -22.61
CA GLU A 111 -2.93 -5.66 -21.68
C GLU A 111 -2.02 -4.46 -21.33
N HIS A 112 -0.70 -4.64 -21.40
CA HIS A 112 0.22 -3.54 -21.10
C HIS A 112 0.54 -2.67 -22.33
N SER A 113 -0.18 -2.89 -23.42
CA SER A 113 -0.02 -2.07 -24.62
C SER A 113 -0.41 -0.62 -24.36
N GLY A 114 0.36 0.29 -24.95
CA GLY A 114 0.13 1.73 -24.85
C GLY A 114 0.25 2.41 -26.19
N PRO A 115 0.09 3.75 -26.23
CA PRO A 115 0.07 4.55 -27.46
C PRO A 115 1.09 4.13 -28.52
N ARG A 116 2.37 4.15 -28.19
CA ARG A 116 3.43 3.86 -29.16
C ARG A 116 3.42 2.41 -29.62
N ASP A 117 3.11 1.50 -28.70
CA ASP A 117 3.04 0.09 -29.03
C ASP A 117 1.94 -0.13 -30.07
N ILE A 118 0.79 0.49 -29.82
CA ILE A 118 -0.37 0.34 -30.68
C ILE A 118 -0.12 1.04 -32.02
N VAL A 119 0.53 2.20 -31.98
CA VAL A 119 0.86 2.95 -33.19
C VAL A 119 1.79 2.14 -34.10
N ALA A 120 2.89 1.66 -33.53
CA ALA A 120 3.84 0.83 -34.29
C ALA A 120 3.13 -0.41 -34.85
N MET A 121 2.16 -0.92 -34.11
CA MET A 121 1.38 -2.06 -34.55
C MET A 121 0.51 -1.69 -35.75
N LEU A 122 -0.08 -0.50 -35.71
CA LEU A 122 -0.96 -0.05 -36.76
C LEU A 122 -0.22 0.18 -38.07
N ARG A 123 0.91 0.86 -37.98
CA ARG A 123 1.66 1.18 -39.18
C ARG A 123 2.16 -0.05 -39.92
N ALA A 124 2.62 -1.05 -39.16
CA ALA A 124 3.00 -2.33 -39.71
C ALA A 124 1.83 -3.03 -40.40
N ALA A 125 0.65 -2.87 -39.81
CA ALA A 125 -0.57 -3.47 -40.34
C ALA A 125 -0.99 -2.78 -41.63
N MET A 126 -0.65 -1.49 -41.74
CA MET A 126 -1.00 -0.71 -42.94
C MET A 126 -0.12 -1.12 -44.10
N ARG A 127 1.01 -1.72 -43.76
CA ARG A 127 1.96 -2.21 -44.74
C ARG A 127 1.71 -3.70 -44.98
N ALA A 128 1.05 -4.34 -44.03
CA ALA A 128 0.76 -5.77 -44.14
C ALA A 128 -0.32 -6.05 -45.19
N GLU A 129 -0.25 -7.24 -45.77
CA GLU A 129 -1.15 -7.63 -46.85
C GLU A 129 -2.46 -8.13 -46.30
N PRO A 130 -3.57 -7.75 -46.96
CA PRO A 130 -4.89 -8.23 -46.53
C PRO A 130 -4.97 -9.74 -46.64
N ILE A 131 -5.77 -10.36 -45.79
CA ILE A 131 -6.06 -11.78 -45.89
C ILE A 131 -7.54 -11.91 -46.21
N ALA A 132 -7.86 -12.61 -47.30
CA ALA A 132 -9.23 -12.76 -47.77
C ALA A 132 -10.12 -13.30 -46.68
N PRO A 133 -11.28 -12.64 -46.46
CA PRO A 133 -12.13 -13.11 -45.37
C PRO A 133 -12.62 -14.53 -45.66
N ARG A 134 -12.65 -15.38 -44.63
CA ARG A 134 -13.08 -16.77 -44.78
C ARG A 134 -14.61 -16.91 -44.87
N ARG A 135 -15.10 -17.51 -45.95
CA ARG A 135 -16.55 -17.66 -46.11
C ARG A 135 -17.13 -18.94 -45.47
N LEU A 136 -18.05 -18.75 -44.51
CA LEU A 136 -18.76 -19.87 -43.92
C LEU A 136 -20.18 -19.91 -44.44
N GLU A 137 -20.82 -21.07 -44.29
CA GLU A 137 -22.22 -21.24 -44.66
C GLU A 137 -23.12 -20.89 -43.48
N ARG A 138 -22.63 -21.15 -42.28
CA ARG A 138 -23.39 -20.83 -41.07
C ARG A 138 -22.55 -20.16 -39.99
N GLY A 139 -23.20 -19.39 -39.13
CA GLY A 139 -22.53 -18.73 -38.02
C GLY A 139 -23.55 -18.35 -36.97
N PRO A 140 -23.09 -18.13 -35.74
CA PRO A 140 -23.94 -17.87 -34.55
C PRO A 140 -24.89 -16.68 -34.73
N VAL A 141 -24.56 -15.79 -35.67
CA VAL A 141 -25.39 -14.61 -35.94
C VAL A 141 -26.75 -15.04 -36.54
N GLN A 142 -26.88 -16.31 -36.89
CA GLN A 142 -28.10 -16.84 -37.51
C GLN A 142 -28.98 -17.61 -36.54
N GLU A 143 -28.65 -17.59 -35.25
CA GLU A 143 -29.42 -18.32 -34.24
C GLU A 143 -30.83 -17.76 -34.07
N ASN A 144 -31.03 -16.52 -34.49
CA ASN A 144 -32.36 -15.92 -34.45
C ASN A 144 -32.58 -14.99 -35.63
N VAL A 145 -33.67 -15.21 -36.36
CA VAL A 145 -33.97 -14.43 -37.55
C VAL A 145 -35.40 -13.91 -37.51
N TRP A 146 -35.54 -12.60 -37.69
CA TRP A 146 -36.85 -11.94 -37.79
C TRP A 146 -36.99 -11.39 -39.20
N LEU A 147 -38.08 -11.75 -39.87
CA LEU A 147 -38.31 -11.36 -41.26
C LEU A 147 -39.51 -10.43 -41.39
N GLY A 148 -39.36 -9.34 -42.15
CA GLY A 148 -40.49 -8.49 -42.46
C GLY A 148 -41.22 -7.96 -41.23
N GLU A 149 -42.47 -8.38 -41.07
CA GLU A 149 -43.32 -7.86 -40.02
C GLU A 149 -42.87 -8.29 -38.62
N GLN A 150 -41.99 -9.29 -38.56
CA GLN A 150 -41.48 -9.78 -37.28
C GLN A 150 -40.47 -8.79 -36.74
N VAL A 151 -39.99 -7.92 -37.63
CA VAL A 151 -38.99 -6.92 -37.30
C VAL A 151 -39.60 -5.84 -36.41
N ASP A 152 -39.15 -5.84 -35.17
CA ASP A 152 -39.59 -4.87 -34.20
C ASP A 152 -38.31 -4.45 -33.50
N LEU A 153 -37.68 -3.42 -34.04
CA LEU A 153 -36.43 -2.89 -33.52
C LEU A 153 -36.61 -2.35 -32.11
N THR A 154 -37.83 -1.94 -31.79
CA THR A 154 -38.15 -1.39 -30.47
C THR A 154 -38.03 -2.41 -29.34
N ARG A 155 -38.11 -3.71 -29.66
CA ARG A 155 -38.00 -4.78 -28.67
C ARG A 155 -36.58 -4.93 -28.11
N PHE A 156 -35.58 -4.53 -28.88
CA PHE A 156 -34.25 -4.48 -28.32
C PHE A 156 -34.19 -3.35 -27.29
N PRO A 157 -33.24 -3.42 -26.36
CA PRO A 157 -33.09 -2.35 -25.38
C PRO A 157 -32.44 -1.11 -26.01
N VAL A 158 -33.14 -0.48 -26.94
CA VAL A 158 -32.62 0.68 -27.66
C VAL A 158 -32.58 1.91 -26.76
N PRO A 159 -31.36 2.40 -26.50
CA PRO A 159 -31.10 3.49 -25.56
C PRO A 159 -31.32 4.89 -26.13
N LEU A 160 -31.80 5.80 -25.27
CA LEU A 160 -31.60 7.23 -25.47
C LEU A 160 -30.32 7.50 -24.69
N LEU A 161 -29.31 8.07 -25.35
CA LEU A 161 -27.96 8.07 -24.77
C LEU A 161 -27.60 9.34 -23.98
N HIS A 162 -28.11 10.48 -24.44
CA HIS A 162 -27.91 11.77 -23.76
C HIS A 162 -29.26 12.47 -23.67
N GLU A 163 -29.40 13.36 -22.70
CA GLU A 163 -30.66 14.02 -22.42
C GLU A 163 -31.16 14.86 -23.58
N GLN A 164 -30.23 15.54 -24.25
CA GLN A 164 -30.59 16.42 -25.34
C GLN A 164 -30.57 15.74 -26.72
N ASP A 165 -30.48 14.40 -26.75
CA ASP A 165 -30.48 13.68 -28.02
C ASP A 165 -31.85 13.81 -28.66
N GLY A 166 -31.90 13.78 -30.00
CA GLY A 166 -33.13 13.97 -30.74
C GLY A 166 -33.94 12.69 -30.93
N GLY A 167 -33.36 11.56 -30.54
CA GLY A 167 -34.05 10.28 -30.59
C GLY A 167 -33.21 9.22 -29.92
N ARG A 168 -33.65 7.98 -29.99
CA ARG A 168 -32.89 6.87 -29.44
C ARG A 168 -32.02 6.25 -30.54
N TYR A 169 -30.83 5.79 -30.15
CA TYR A 169 -29.88 5.23 -31.10
C TYR A 169 -29.69 3.71 -31.05
N PHE A 170 -29.99 3.05 -32.17
CA PHE A 170 -29.81 1.61 -32.31
C PHE A 170 -28.35 1.27 -32.62
N GLY A 171 -27.75 2.03 -33.53
CA GLY A 171 -26.37 1.82 -33.89
C GLY A 171 -25.45 2.92 -33.45
N THR A 172 -24.58 2.65 -32.48
CA THR A 172 -23.48 3.56 -32.12
C THR A 172 -22.17 2.81 -31.97
N TYR A 173 -22.21 1.49 -32.16
CA TYR A 173 -20.97 0.72 -32.15
C TYR A 173 -21.01 -0.44 -33.13
N GLY A 174 -20.97 -0.10 -34.41
CA GLY A 174 -21.08 -1.07 -35.47
C GLY A 174 -20.84 -0.39 -36.79
N PHE A 175 -20.96 -1.12 -37.90
CA PHE A 175 -20.72 -0.54 -39.21
C PHE A 175 -21.72 -1.00 -40.26
N HIS A 176 -21.83 -0.21 -41.33
CA HIS A 176 -22.66 -0.51 -42.49
C HIS A 176 -21.91 -1.37 -43.49
N VAL A 177 -22.63 -2.28 -44.14
CA VAL A 177 -22.08 -3.04 -45.25
C VAL A 177 -22.85 -2.64 -46.49
N VAL A 178 -22.12 -2.16 -47.49
CA VAL A 178 -22.72 -1.90 -48.80
C VAL A 178 -21.79 -2.45 -49.87
N GLN A 179 -22.38 -2.88 -50.99
CA GLN A 179 -21.60 -3.48 -52.04
C GLN A 179 -21.87 -2.76 -53.33
N THR A 180 -20.86 -2.69 -54.17
CA THR A 180 -21.01 -2.01 -55.45
C THR A 180 -21.96 -2.84 -56.32
N PRO A 181 -22.68 -2.19 -57.25
CA PRO A 181 -23.70 -2.93 -58.02
C PRO A 181 -23.17 -4.17 -58.73
N ASP A 182 -21.94 -4.14 -59.24
CA ASP A 182 -21.36 -5.30 -59.93
C ASP A 182 -20.64 -6.29 -59.00
N GLY A 183 -20.59 -5.95 -57.72
CA GLY A 183 -20.12 -6.89 -56.71
C GLY A 183 -18.64 -7.18 -56.75
N SER A 184 -17.86 -6.24 -57.27
CA SER A 184 -16.42 -6.38 -57.35
C SER A 184 -15.73 -5.98 -56.04
N TRP A 185 -16.42 -5.19 -55.24
CA TRP A 185 -15.92 -4.80 -53.93
C TRP A 185 -17.06 -4.38 -53.02
N ASP A 186 -16.81 -4.43 -51.72
CA ASP A 186 -17.78 -3.95 -50.77
C ASP A 186 -17.11 -2.97 -49.82
N SER A 187 -17.84 -2.48 -48.82
CA SER A 187 -17.27 -1.51 -47.90
C SER A 187 -17.82 -1.67 -46.48
N TRP A 188 -16.98 -1.39 -45.51
CA TRP A 188 -17.40 -1.32 -44.13
C TRP A 188 -17.18 0.10 -43.69
N SER A 189 -18.22 0.75 -43.17
CA SER A 189 -18.05 2.10 -42.63
C SER A 189 -18.82 2.25 -41.33
N VAL A 190 -18.17 2.82 -40.32
CA VAL A 190 -18.82 3.05 -39.04
C VAL A 190 -19.82 4.19 -39.22
N GLY A 191 -20.92 4.12 -38.47
CA GLY A 191 -21.95 5.12 -38.62
C GLY A 191 -23.01 4.97 -37.56
N ARG A 192 -23.65 6.11 -37.21
CA ARG A 192 -24.71 6.16 -36.23
C ARG A 192 -26.08 5.97 -36.91
N LEU A 193 -26.95 5.17 -36.30
CA LEU A 193 -28.31 4.98 -36.80
C LEU A 193 -29.34 5.24 -35.72
N MET A 194 -30.13 6.29 -35.91
CA MET A 194 -31.18 6.61 -34.96
C MET A 194 -32.37 5.72 -35.22
N LEU A 195 -33.13 5.43 -34.17
CA LEU A 195 -34.35 4.65 -34.30
C LEU A 195 -35.52 5.51 -34.77
N VAL A 196 -36.19 5.09 -35.85
CA VAL A 196 -37.33 5.85 -36.35
C VAL A 196 -38.66 5.20 -35.94
N ASP A 197 -38.91 3.99 -36.41
CA ASP A 197 -40.03 3.20 -35.90
C ASP A 197 -39.68 1.71 -35.72
N ARG A 198 -40.70 0.87 -35.84
CA ARG A 198 -40.57 -0.58 -35.84
C ARG A 198 -39.35 -1.08 -36.63
N ASN A 199 -39.23 -0.63 -37.87
CA ASN A 199 -38.28 -1.21 -38.82
C ASN A 199 -37.65 -0.17 -39.71
N THR A 200 -37.40 1.01 -39.14
CA THR A 200 -36.78 2.10 -39.87
C THR A 200 -35.74 2.81 -39.01
N LEU A 201 -34.56 3.04 -39.58
CA LEU A 201 -33.52 3.79 -38.90
C LEU A 201 -33.13 4.95 -39.82
N ALA A 202 -32.32 5.85 -39.31
CA ALA A 202 -31.81 6.94 -40.14
C ALA A 202 -30.46 7.38 -39.58
N GLY A 203 -29.58 7.78 -40.48
CA GLY A 203 -28.25 8.15 -40.06
C GLY A 203 -27.52 8.63 -41.28
N PRO A 204 -26.37 9.31 -41.08
CA PRO A 204 -25.64 9.96 -42.16
C PRO A 204 -24.93 8.99 -43.11
N THR A 205 -24.98 9.31 -44.40
CA THR A 205 -24.21 8.64 -45.41
C THR A 205 -23.30 9.67 -46.02
N ILE A 206 -22.03 9.68 -45.62
CA ILE A 206 -21.09 10.62 -46.19
C ILE A 206 -20.90 10.39 -47.70
N PRO A 207 -21.26 11.40 -48.51
CA PRO A 207 -21.28 11.34 -49.98
C PRO A 207 -19.91 11.02 -50.60
N THR A 208 -18.83 11.39 -49.92
CA THR A 208 -17.48 11.17 -50.44
C THR A 208 -16.85 9.87 -49.99
N GLN A 209 -17.35 9.31 -48.89
CA GLN A 209 -16.87 8.01 -48.38
C GLN A 209 -17.29 6.87 -49.29
N HIS A 210 -16.84 5.65 -48.99
CA HIS A 210 -17.15 4.47 -49.78
C HIS A 210 -18.65 4.16 -49.83
N ILE A 211 -19.35 4.51 -48.77
CA ILE A 211 -20.78 4.23 -48.68
C ILE A 211 -21.62 5.27 -49.44
N GLY A 212 -21.11 6.49 -49.54
CA GLY A 212 -21.75 7.51 -50.35
C GLY A 212 -21.47 7.33 -51.82
N ILE A 213 -20.25 6.87 -52.11
CA ILE A 213 -19.80 6.56 -53.48
C ILE A 213 -20.68 5.47 -54.09
N ILE A 214 -20.88 4.39 -53.32
CA ILE A 214 -21.72 3.25 -53.72
C ILE A 214 -23.20 3.60 -53.77
N ARG A 215 -23.66 4.40 -52.81
CA ARG A 215 -25.02 4.90 -52.84
C ARG A 215 -25.31 5.58 -54.17
N GLU A 216 -24.39 6.44 -54.57
CA GLU A 216 -24.45 7.11 -55.85
C GLU A 216 -24.39 6.11 -57.01
N GLN A 217 -23.62 5.05 -56.84
CA GLN A 217 -23.53 4.00 -57.86
C GLN A 217 -24.85 3.30 -58.08
N TRP A 218 -25.58 3.02 -57.00
CA TRP A 218 -26.90 2.41 -57.12
C TRP A 218 -27.95 3.42 -57.57
N ARG A 219 -27.75 4.68 -57.18
CA ARG A 219 -28.71 5.73 -57.52
C ARG A 219 -28.72 6.03 -59.02
N ARG A 220 -27.60 5.82 -59.70
CA ARG A 220 -27.54 5.98 -61.15
C ARG A 220 -28.23 4.81 -61.85
N LEU A 221 -28.60 3.80 -61.07
CA LEU A 221 -29.42 2.70 -61.54
C LEU A 221 -30.85 2.89 -61.08
N GLY A 222 -31.12 4.04 -60.44
CA GLY A 222 -32.43 4.34 -59.91
C GLY A 222 -32.88 3.31 -58.89
N LYS A 223 -31.92 2.76 -58.16
CA LYS A 223 -32.20 1.77 -57.15
C LYS A 223 -31.66 2.24 -55.80
N PRO A 224 -32.36 1.85 -54.71
CA PRO A 224 -31.76 2.10 -53.39
C PRO A 224 -30.60 1.14 -53.17
N THR A 225 -29.84 1.36 -52.10
CA THR A 225 -28.64 0.58 -51.84
C THR A 225 -28.90 -0.56 -50.86
N PRO A 226 -28.77 -1.82 -51.32
CA PRO A 226 -28.83 -2.97 -50.42
C PRO A 226 -27.84 -2.76 -49.30
N TRP A 227 -28.25 -3.09 -48.08
CA TRP A 227 -27.47 -2.72 -46.90
C TRP A 227 -27.61 -3.69 -45.73
N ALA A 228 -26.57 -3.70 -44.90
CA ALA A 228 -26.61 -4.41 -43.65
C ALA A 228 -25.80 -3.60 -42.65
N MET A 229 -26.02 -3.85 -41.37
CA MET A 229 -25.15 -3.34 -40.34
C MET A 229 -24.77 -4.45 -39.37
N ALA A 230 -23.48 -4.52 -39.04
CA ALA A 230 -23.01 -5.46 -38.04
C ALA A 230 -22.83 -4.75 -36.70
N LEU A 231 -23.52 -5.24 -35.68
CA LEU A 231 -23.37 -4.70 -34.33
C LEU A 231 -22.92 -5.83 -33.44
N GLY A 232 -21.94 -5.57 -32.59
CA GLY A 232 -21.30 -6.63 -31.83
C GLY A 232 -20.40 -7.44 -32.75
N ALA A 233 -19.91 -6.77 -33.79
CA ALA A 233 -18.97 -7.36 -34.73
C ALA A 233 -17.64 -7.59 -34.02
N PRO A 234 -16.79 -8.45 -34.60
CA PRO A 234 -15.43 -8.64 -34.08
C PRO A 234 -14.77 -7.30 -33.78
N PRO A 235 -14.12 -7.20 -32.61
CA PRO A 235 -13.36 -5.99 -32.25
C PRO A 235 -12.41 -5.53 -33.37
N ALA A 236 -11.75 -6.45 -34.07
CA ALA A 236 -10.87 -6.07 -35.16
C ALA A 236 -11.62 -5.71 -36.44
N ALA A 237 -12.84 -6.22 -36.59
CA ALA A 237 -13.67 -5.85 -37.74
C ALA A 237 -14.12 -4.37 -37.64
N LEU A 238 -14.53 -3.96 -36.44
CA LEU A 238 -14.92 -2.58 -36.22
C LEU A 238 -13.79 -1.61 -36.57
N ALA A 239 -12.57 -1.96 -36.14
CA ALA A 239 -11.41 -1.12 -36.36
C ALA A 239 -10.96 -1.12 -37.82
N ALA A 240 -11.01 -2.28 -38.45
CA ALA A 240 -10.64 -2.42 -39.85
C ALA A 240 -11.53 -1.55 -40.73
N ALA A 241 -12.72 -1.24 -40.23
CA ALA A 241 -13.67 -0.38 -40.93
C ALA A 241 -13.19 1.06 -41.00
N GLY A 242 -12.09 1.37 -40.31
CA GLY A 242 -11.58 2.71 -40.28
C GLY A 242 -10.24 2.87 -40.97
N MET A 243 -9.82 1.81 -41.66
CA MET A 243 -8.59 1.85 -42.43
C MET A 243 -8.67 2.90 -43.54
N PRO A 244 -7.51 3.37 -43.99
CA PRO A 244 -7.45 4.20 -45.21
C PRO A 244 -7.39 3.31 -46.44
N LEU A 245 -8.51 3.20 -47.15
CA LEU A 245 -8.56 2.39 -48.37
C LEU A 245 -8.98 3.18 -49.60
N PRO A 246 -8.32 2.93 -50.74
CA PRO A 246 -8.74 3.62 -51.95
C PRO A 246 -10.08 3.08 -52.37
N GLU A 247 -10.82 3.82 -53.18
CA GLU A 247 -12.10 3.35 -53.69
C GLU A 247 -11.82 2.08 -54.48
N GLY A 248 -12.71 1.10 -54.36
CA GLY A 248 -12.55 -0.16 -55.08
C GLY A 248 -11.91 -1.26 -54.25
N VAL A 249 -11.55 -0.93 -53.01
CA VAL A 249 -10.91 -1.88 -52.11
C VAL A 249 -11.77 -2.06 -50.85
N SER A 250 -11.86 -3.30 -50.40
CA SER A 250 -12.73 -3.70 -49.29
C SER A 250 -12.01 -3.74 -47.95
N GLU A 251 -12.70 -3.26 -46.91
CA GLU A 251 -12.19 -3.22 -45.54
C GLU A 251 -11.95 -4.61 -44.95
N ALA A 252 -12.87 -5.52 -45.21
CA ALA A 252 -12.93 -6.84 -44.57
C ALA A 252 -11.64 -7.66 -44.55
N GLY A 253 -10.76 -7.43 -45.52
CA GLY A 253 -9.56 -8.23 -45.64
C GLY A 253 -8.45 -7.65 -44.79
N TYR A 254 -8.67 -6.45 -44.30
CA TYR A 254 -7.65 -5.74 -43.53
C TYR A 254 -7.76 -6.04 -42.04
N VAL A 255 -8.76 -6.84 -41.70
CA VAL A 255 -8.79 -7.49 -40.40
C VAL A 255 -7.57 -8.39 -40.30
N GLY A 256 -7.34 -9.17 -41.36
CA GLY A 256 -6.23 -10.10 -41.38
C GLY A 256 -4.91 -9.37 -41.37
N ALA A 257 -4.90 -8.22 -42.04
CA ALA A 257 -3.79 -7.30 -41.96
C ALA A 257 -3.52 -7.02 -40.50
N LEU A 258 -4.59 -6.72 -39.76
CA LEU A 258 -4.48 -6.34 -38.34
C LEU A 258 -4.00 -7.43 -37.37
N VAL A 259 -4.65 -8.60 -37.37
CA VAL A 259 -4.37 -9.60 -36.34
C VAL A 259 -3.76 -10.89 -36.85
N GLY A 260 -3.38 -10.90 -38.12
CA GLY A 260 -2.72 -12.05 -38.70
C GLY A 260 -3.66 -13.19 -39.04
N GLU A 261 -4.95 -12.96 -38.80
CA GLU A 261 -5.97 -13.98 -39.05
C GLU A 261 -7.14 -13.35 -39.78
N PRO A 262 -7.78 -14.10 -40.70
CA PRO A 262 -8.95 -13.61 -41.43
C PRO A 262 -10.22 -13.62 -40.58
N VAL A 263 -11.05 -12.61 -40.81
CA VAL A 263 -12.38 -12.59 -40.26
C VAL A 263 -13.20 -13.68 -40.95
N GLU A 264 -14.05 -14.35 -40.19
CA GLU A 264 -14.97 -15.31 -40.80
C GLU A 264 -16.30 -14.63 -41.09
N VAL A 265 -16.92 -14.96 -42.22
CA VAL A 265 -18.13 -14.28 -42.67
C VAL A 265 -19.15 -15.26 -43.23
N VAL A 266 -20.43 -14.91 -43.08
CA VAL A 266 -21.52 -15.64 -43.73
C VAL A 266 -22.29 -14.66 -44.60
N ARG A 267 -23.19 -15.19 -45.42
CA ARG A 267 -24.08 -14.39 -46.23
C ARG A 267 -25.27 -13.92 -45.40
N THR A 268 -25.74 -12.71 -45.67
CA THR A 268 -26.98 -12.22 -45.05
C THR A 268 -28.16 -13.12 -45.38
N GLN A 269 -29.21 -13.04 -44.59
CA GLN A 269 -30.38 -13.87 -44.84
C GLN A 269 -31.09 -13.45 -46.12
N THR A 270 -31.15 -12.13 -46.40
CA THR A 270 -32.04 -11.63 -47.43
C THR A 270 -31.42 -10.92 -48.63
N ASN A 271 -30.21 -10.38 -48.53
CA ASN A 271 -29.70 -9.60 -49.66
C ASN A 271 -28.31 -9.94 -50.22
N GLY A 272 -27.77 -11.10 -49.84
CA GLY A 272 -26.52 -11.57 -50.41
C GLY A 272 -25.29 -10.78 -50.03
N LEU A 273 -25.34 -10.09 -48.90
CA LEU A 273 -24.21 -9.32 -48.42
C LEU A 273 -23.39 -10.18 -47.47
N TRP A 274 -22.09 -9.87 -47.35
CA TRP A 274 -21.23 -10.62 -46.45
C TRP A 274 -21.05 -9.91 -45.11
N VAL A 275 -21.39 -10.61 -44.03
CA VAL A 275 -21.27 -10.05 -42.68
C VAL A 275 -20.51 -11.04 -41.83
N PRO A 276 -19.86 -10.55 -40.75
CA PRO A 276 -19.07 -11.50 -39.94
C PRO A 276 -19.96 -12.52 -39.22
N ALA A 277 -19.49 -13.76 -39.18
CA ALA A 277 -20.25 -14.90 -38.71
C ALA A 277 -20.66 -14.83 -37.24
N ASN A 278 -19.84 -14.24 -36.40
CA ASN A 278 -20.14 -14.28 -34.98
C ASN A 278 -20.70 -12.97 -34.47
N THR A 279 -21.10 -12.11 -35.41
CA THR A 279 -21.65 -10.80 -35.08
C THR A 279 -22.81 -10.99 -34.12
N GLU A 280 -22.91 -10.13 -33.12
CA GLU A 280 -23.98 -10.25 -32.14
C GLU A 280 -25.32 -10.00 -32.79
N ILE A 281 -25.43 -8.91 -33.54
CA ILE A 281 -26.69 -8.52 -34.16
C ILE A 281 -26.48 -7.96 -35.58
N VAL A 282 -27.14 -8.56 -36.57
CA VAL A 282 -27.10 -8.05 -37.96
C VAL A 282 -28.47 -7.54 -38.42
N LEU A 283 -28.47 -6.35 -39.04
CA LEU A 283 -29.66 -5.76 -39.62
C LEU A 283 -29.54 -5.87 -41.13
N GLU A 284 -30.66 -5.99 -41.83
CA GLU A 284 -30.66 -6.16 -43.28
C GLU A 284 -31.74 -5.31 -43.91
N GLY A 285 -31.45 -4.70 -45.05
CA GLY A 285 -32.44 -3.87 -45.71
C GLY A 285 -31.86 -3.03 -46.82
N GLU A 286 -32.27 -1.77 -46.89
CA GLU A 286 -31.85 -0.89 -47.98
C GLU A 286 -31.83 0.55 -47.52
N ILE A 287 -30.92 1.33 -48.10
CA ILE A 287 -30.87 2.75 -47.85
C ILE A 287 -31.73 3.41 -48.90
N SER A 288 -32.85 3.97 -48.46
CA SER A 288 -33.82 4.61 -49.35
C SER A 288 -33.19 5.63 -50.32
N LEU A 289 -33.83 5.78 -51.47
CA LEU A 289 -33.30 6.70 -52.47
C LEU A 289 -33.51 8.16 -52.08
N ASP A 290 -34.69 8.50 -51.56
CA ASP A 290 -35.00 9.91 -51.34
C ASP A 290 -35.79 10.18 -50.08
N GLU A 291 -36.07 9.15 -49.31
CA GLU A 291 -36.78 9.32 -48.06
C GLU A 291 -35.80 9.78 -46.97
N THR A 292 -36.25 10.73 -46.14
CA THR A 292 -35.48 11.17 -44.98
C THR A 292 -36.33 11.23 -43.71
N ALA A 293 -35.66 11.25 -42.57
CA ALA A 293 -36.25 11.60 -41.29
C ALA A 293 -35.32 12.60 -40.61
N LEU A 294 -35.84 13.43 -39.71
CA LEU A 294 -34.98 14.35 -38.98
C LEU A 294 -34.17 13.54 -37.97
N GLU A 295 -32.85 13.58 -38.10
CA GLU A 295 -31.98 12.75 -37.28
C GLU A 295 -31.12 13.63 -36.41
N GLY A 296 -30.69 13.09 -35.27
CA GLY A 296 -29.96 13.87 -34.30
C GLY A 296 -30.87 14.80 -33.56
N PRO A 297 -30.30 15.65 -32.69
CA PRO A 297 -28.86 15.69 -32.52
C PRO A 297 -28.37 14.67 -31.52
N MET A 298 -27.06 14.59 -31.36
CA MET A 298 -26.45 13.62 -30.49
C MET A 298 -25.13 14.20 -30.02
N GLY A 299 -24.73 13.89 -28.79
CA GLY A 299 -23.42 14.30 -28.31
C GLY A 299 -22.42 13.61 -29.21
N GLU A 300 -21.39 14.33 -29.63
CA GLU A 300 -20.44 13.78 -30.58
C GLU A 300 -19.04 13.80 -30.01
N TYR A 301 -18.06 13.41 -30.82
CA TYR A 301 -16.67 13.22 -30.37
C TYR A 301 -16.07 14.43 -29.64
N HIS A 302 -16.51 15.62 -30.03
CA HIS A 302 -15.87 16.84 -29.55
C HIS A 302 -16.23 17.19 -28.12
N GLY A 303 -17.21 16.48 -27.54
CA GLY A 303 -17.64 16.71 -26.18
C GLY A 303 -18.94 17.51 -26.04
N TYR A 304 -19.56 17.80 -27.17
CA TYR A 304 -20.75 18.66 -27.19
C TYR A 304 -21.95 18.02 -27.87
N SER A 305 -23.13 18.47 -27.47
CA SER A 305 -24.41 18.07 -28.05
C SER A 305 -25.10 19.28 -28.67
N PHE A 306 -24.85 19.55 -29.94
CA PHE A 306 -25.48 20.68 -30.62
C PHE A 306 -27.00 20.51 -30.66
N PRO A 307 -27.76 21.63 -30.70
CA PRO A 307 -29.20 21.56 -30.43
C PRO A 307 -30.09 21.14 -31.60
N ILE A 308 -29.60 21.27 -32.82
CA ILE A 308 -30.46 21.07 -33.97
C ILE A 308 -30.27 19.68 -34.59
N GLY A 309 -31.39 19.08 -35.00
CA GLY A 309 -31.35 17.84 -35.77
C GLY A 309 -31.23 18.14 -37.25
N LYS A 310 -30.78 17.16 -38.03
CA LYS A 310 -30.59 17.34 -39.47
C LYS A 310 -31.22 16.20 -40.28
N PRO A 311 -31.89 16.52 -41.39
CA PRO A 311 -32.51 15.41 -42.14
C PRO A 311 -31.48 14.44 -42.75
N GLN A 312 -31.76 13.14 -42.65
CA GLN A 312 -30.82 12.10 -43.02
C GLN A 312 -31.60 10.95 -43.65
N PRO A 313 -30.95 10.18 -44.55
CA PRO A 313 -31.57 9.06 -45.28
C PRO A 313 -32.22 7.97 -44.41
N LEU A 314 -33.30 7.36 -44.92
CA LEU A 314 -33.92 6.23 -44.24
C LEU A 314 -33.21 4.91 -44.52
N PHE A 315 -33.17 4.04 -43.53
CA PHE A 315 -32.60 2.70 -43.67
C PHE A 315 -33.70 1.71 -43.30
N HIS A 316 -34.40 1.18 -44.31
CA HIS A 316 -35.45 0.21 -44.05
C HIS A 316 -34.83 -1.11 -43.62
N VAL A 317 -35.25 -1.58 -42.45
CA VAL A 317 -34.79 -2.88 -41.94
C VAL A 317 -35.85 -3.95 -42.26
N HIS A 318 -35.53 -4.81 -43.22
CA HIS A 318 -36.47 -5.83 -43.70
C HIS A 318 -36.32 -7.13 -42.94
N ALA A 319 -35.15 -7.32 -42.34
CA ALA A 319 -34.87 -8.50 -41.54
C ALA A 319 -33.71 -8.19 -40.59
N LEU A 320 -33.63 -8.92 -39.50
CA LEU A 320 -32.47 -8.86 -38.65
C LEU A 320 -32.20 -10.24 -38.12
N SER A 321 -30.93 -10.57 -37.94
CA SER A 321 -30.61 -11.81 -37.25
C SER A 321 -29.71 -11.48 -36.08
N PHE A 322 -29.71 -12.32 -35.07
CA PHE A 322 -28.89 -12.09 -33.90
C PHE A 322 -28.57 -13.41 -33.22
N ARG A 323 -27.49 -13.43 -32.45
CA ARG A 323 -27.09 -14.59 -31.64
C ARG A 323 -28.08 -14.89 -30.52
N ASP A 324 -28.00 -16.11 -29.98
CA ASP A 324 -28.71 -16.40 -28.75
C ASP A 324 -28.23 -15.43 -27.69
N GLN A 325 -29.16 -14.75 -27.02
CA GLN A 325 -28.86 -13.79 -25.96
C GLN A 325 -28.03 -12.58 -26.41
N PRO A 326 -28.47 -11.87 -27.46
CA PRO A 326 -27.58 -10.94 -28.14
C PRO A 326 -27.05 -9.79 -27.25
N ILE A 327 -25.80 -9.41 -27.47
CA ILE A 327 -25.21 -8.26 -26.80
C ILE A 327 -25.14 -7.05 -27.75
N LEU A 328 -25.78 -5.97 -27.35
CA LEU A 328 -25.75 -4.73 -28.12
C LEU A 328 -24.73 -3.74 -27.54
N PRO A 329 -23.54 -3.64 -28.16
CA PRO A 329 -22.56 -2.62 -27.75
C PRO A 329 -23.01 -1.20 -28.11
N ILE A 330 -22.65 -0.24 -27.26
CA ILE A 330 -23.00 1.16 -27.51
C ILE A 330 -21.82 2.08 -27.26
N CYS A 331 -21.86 3.25 -27.89
CA CYS A 331 -20.93 4.34 -27.60
C CYS A 331 -21.74 5.52 -27.09
N VAL A 332 -21.39 6.01 -25.92
CA VAL A 332 -22.01 7.22 -25.40
C VAL A 332 -21.06 8.38 -25.64
N ALA A 333 -21.15 8.93 -26.84
CA ALA A 333 -20.17 9.89 -27.34
C ALA A 333 -20.21 11.21 -26.59
N GLY A 334 -19.05 11.84 -26.41
CA GLY A 334 -18.94 13.08 -25.66
C GLY A 334 -17.53 13.38 -25.15
N THR A 335 -17.44 14.01 -23.97
CA THR A 335 -16.13 14.37 -23.38
C THR A 335 -15.24 13.14 -23.27
N PRO A 336 -13.92 13.33 -23.42
CA PRO A 336 -12.99 12.19 -23.44
C PRO A 336 -12.74 11.54 -22.08
N PRO A 337 -12.23 10.29 -22.09
CA PRO A 337 -11.93 9.48 -23.28
C PRO A 337 -12.98 8.40 -23.59
N GLU A 338 -13.51 8.43 -24.81
CA GLU A 338 -14.52 7.45 -25.22
C GLU A 338 -14.07 6.77 -26.55
N GLU A 339 -14.96 6.07 -27.26
CA GLU A 339 -14.51 5.24 -28.37
C GLU A 339 -14.03 6.02 -29.58
N ASN A 340 -14.54 7.24 -29.78
CA ASN A 340 -14.07 8.07 -30.89
C ASN A 340 -12.61 8.40 -30.72
N HIS A 341 -12.20 8.62 -29.48
CA HIS A 341 -10.84 9.10 -29.18
C HIS A 341 -9.86 7.98 -29.14
N THR A 342 -10.21 6.89 -28.45
CA THR A 342 -9.31 5.77 -28.25
C THR A 342 -9.13 4.90 -29.49
N ILE A 343 -10.18 4.75 -30.29
CA ILE A 343 -10.03 4.00 -31.54
C ILE A 343 -9.60 4.93 -32.68
N TRP A 344 -10.52 5.77 -33.14
CA TRP A 344 -10.22 6.65 -34.26
C TRP A 344 -9.05 7.61 -33.98
N GLY A 345 -8.98 8.15 -32.78
CA GLY A 345 -7.87 9.02 -32.44
C GLY A 345 -6.54 8.29 -32.52
N THR A 346 -6.46 7.12 -31.90
CA THR A 346 -5.24 6.31 -31.94
C THR A 346 -4.87 5.95 -33.38
N MET A 347 -5.88 5.57 -34.15
CA MET A 347 -5.70 5.24 -35.57
C MET A 347 -5.26 6.41 -36.44
N ILE A 348 -5.72 7.60 -36.11
CA ILE A 348 -5.33 8.81 -36.84
C ILE A 348 -3.85 9.12 -36.61
N SER A 349 -3.43 9.18 -35.34
CA SER A 349 -2.03 9.41 -34.97
C SER A 349 -1.08 8.57 -35.82
N ALA A 350 -1.40 7.28 -35.93
CA ALA A 350 -0.57 6.38 -36.74
C ALA A 350 -0.54 6.78 -38.23
N GLN A 351 -1.71 7.15 -38.78
CA GLN A 351 -1.79 7.61 -40.17
C GLN A 351 -0.97 8.86 -40.38
N LEU A 352 -1.02 9.75 -39.39
CA LEU A 352 -0.31 11.01 -39.46
C LEU A 352 1.18 10.80 -39.33
N LEU A 353 1.58 9.82 -38.54
CA LEU A 353 3.00 9.46 -38.43
C LEU A 353 3.54 9.00 -39.79
N ASP A 354 2.71 8.29 -40.53
CA ASP A 354 3.10 7.82 -41.84
C ASP A 354 3.17 8.99 -42.81
N VAL A 355 2.14 9.82 -42.83
CA VAL A 355 2.10 10.97 -43.72
C VAL A 355 3.34 11.84 -43.54
N ALA A 356 3.77 12.03 -42.29
CA ALA A 356 4.90 12.88 -41.97
C ALA A 356 6.24 12.26 -42.37
N GLN A 357 6.38 10.96 -42.13
CA GLN A 357 7.62 10.28 -42.40
C GLN A 357 7.79 9.99 -43.89
N ASN A 358 6.68 9.75 -44.58
CA ASN A 358 6.71 9.54 -46.02
C ASN A 358 6.94 10.85 -46.78
N ALA A 359 6.84 11.98 -46.06
CA ALA A 359 6.98 13.31 -46.65
C ALA A 359 8.38 13.89 -46.48
N GLY A 360 9.06 13.52 -45.40
CA GLY A 360 10.43 13.96 -45.19
C GLY A 360 10.56 14.83 -43.97
N LEU A 361 9.46 14.98 -43.24
CA LEU A 361 9.42 15.76 -42.01
C LEU A 361 10.08 14.99 -40.87
N PRO A 362 10.92 15.69 -40.07
CA PRO A 362 11.65 15.11 -38.93
C PRO A 362 10.74 14.83 -37.75
N VAL A 363 9.76 13.95 -37.98
CA VAL A 363 8.77 13.57 -36.98
C VAL A 363 8.93 12.09 -36.65
N ASP A 364 9.15 11.77 -35.36
CA ASP A 364 9.30 10.39 -34.92
C ASP A 364 8.07 9.84 -34.20
N MET A 365 7.10 10.73 -33.97
CA MET A 365 5.82 10.34 -33.36
C MET A 365 4.74 11.39 -33.57
N VAL A 366 3.50 10.96 -33.76
CA VAL A 366 2.34 11.84 -33.69
C VAL A 366 1.31 11.27 -32.70
N TRP A 367 0.64 12.15 -31.96
CA TRP A 367 -0.33 11.71 -30.97
C TRP A 367 -1.50 12.66 -30.79
N CYS A 368 -2.69 12.14 -31.02
CA CYS A 368 -3.92 12.89 -30.90
C CYS A 368 -4.42 12.72 -29.47
N SER A 369 -4.03 13.66 -28.63
CA SER A 369 -4.33 13.60 -27.21
C SER A 369 -5.81 13.29 -27.02
N TYR A 370 -6.10 12.22 -26.28
CA TYR A 370 -7.47 11.88 -25.94
C TYR A 370 -8.13 13.07 -25.27
N GLU A 371 -7.39 13.71 -24.38
CA GLU A 371 -7.89 14.80 -23.56
C GLU A 371 -8.38 15.97 -24.42
N ALA A 372 -7.77 16.13 -25.59
CA ALA A 372 -8.08 17.20 -26.53
C ALA A 372 -9.18 16.78 -27.53
N ALA A 373 -9.82 15.64 -27.25
CA ALA A 373 -10.99 15.18 -28.02
C ALA A 373 -10.78 15.16 -29.53
N THR A 374 -9.56 14.79 -29.93
CA THR A 374 -9.18 14.67 -31.35
C THR A 374 -9.27 16.02 -32.06
N CYS A 375 -9.11 17.09 -31.29
CA CYS A 375 -9.05 18.42 -31.85
C CYS A 375 -7.61 18.88 -32.00
N TRP A 376 -6.68 18.04 -31.58
CA TRP A 376 -5.28 18.31 -31.92
C TRP A 376 -4.37 17.08 -31.98
N ALA A 377 -3.28 17.22 -32.72
CA ALA A 377 -2.24 16.20 -32.81
C ALA A 377 -0.90 16.80 -32.40
N VAL A 378 -0.23 16.20 -31.43
CA VAL A 378 1.07 16.70 -31.04
C VAL A 378 2.14 15.94 -31.80
N LEU A 379 2.92 16.66 -32.60
CA LEU A 379 3.95 16.08 -33.44
C LEU A 379 5.31 16.07 -32.73
N SER A 380 5.92 14.90 -32.64
CA SER A 380 7.22 14.78 -31.98
C SER A 380 8.36 15.07 -32.96
N ILE A 381 9.05 16.19 -32.74
CA ILE A 381 10.11 16.62 -33.65
C ILE A 381 11.53 16.16 -33.23
N ASP A 382 12.22 15.47 -34.13
CA ASP A 382 13.62 15.12 -33.93
C ASP A 382 14.48 16.33 -34.28
N VAL A 383 15.02 17.00 -33.27
CA VAL A 383 15.71 18.26 -33.50
C VAL A 383 17.10 18.14 -34.16
N GLN A 384 17.77 16.99 -33.99
CA GLN A 384 18.99 16.74 -34.78
C GLN A 384 18.64 16.70 -36.27
N ARG A 385 17.51 16.06 -36.60
CA ARG A 385 17.05 15.96 -37.98
C ARG A 385 16.41 17.25 -38.51
N LEU A 386 15.80 18.02 -37.62
CA LEU A 386 15.23 19.32 -37.96
C LEU A 386 16.32 20.30 -38.43
N ALA A 387 17.36 20.45 -37.61
CA ALA A 387 18.47 21.35 -37.90
C ALA A 387 19.02 21.17 -39.31
N ALA A 388 19.08 19.92 -39.77
CA ALA A 388 19.52 19.59 -41.12
C ALA A 388 18.67 20.28 -42.20
N LEU A 389 17.38 20.49 -41.91
CA LEU A 389 16.49 21.13 -42.87
C LEU A 389 16.88 22.58 -43.16
N GLY A 390 17.50 23.24 -42.20
CA GLY A 390 17.88 24.63 -42.37
C GLY A 390 16.69 25.54 -42.59
N THR A 391 15.64 25.33 -41.80
CA THR A 391 14.43 26.11 -42.01
C THR A 391 14.17 27.05 -40.82
N ASP A 392 12.95 27.57 -40.69
CA ASP A 392 12.58 28.38 -39.55
C ASP A 392 11.15 28.05 -39.19
N ALA A 393 10.61 28.70 -38.17
CA ALA A 393 9.27 28.41 -37.67
C ALA A 393 8.17 28.55 -38.72
N ALA A 394 8.16 29.71 -39.40
CA ALA A 394 7.12 30.07 -40.37
C ALA A 394 7.10 29.14 -41.59
N ALA A 395 8.27 28.83 -42.13
CA ALA A 395 8.36 27.92 -43.27
C ALA A 395 7.96 26.51 -42.88
N PHE A 396 8.55 26.00 -41.79
CA PHE A 396 8.25 24.66 -41.28
C PHE A 396 6.76 24.50 -41.03
N ALA A 397 6.19 25.43 -40.29
CA ALA A 397 4.77 25.41 -39.92
C ALA A 397 3.93 25.25 -41.18
N ALA A 398 4.07 26.20 -42.09
CA ALA A 398 3.40 26.14 -43.38
C ALA A 398 3.65 24.78 -44.06
N ARG A 399 4.90 24.35 -44.13
CA ARG A 399 5.19 23.03 -44.69
C ARG A 399 4.48 21.89 -43.97
N VAL A 400 4.63 21.78 -42.64
CA VAL A 400 3.95 20.70 -41.91
C VAL A 400 2.43 20.76 -42.16
N ALA A 401 1.92 21.98 -42.27
CA ALA A 401 0.49 22.22 -42.45
C ALA A 401 -0.05 21.73 -43.81
N GLU A 402 0.65 22.06 -44.89
CA GLU A 402 0.20 21.59 -46.20
C GLU A 402 0.26 20.06 -46.29
N THR A 403 1.25 19.48 -45.64
CA THR A 403 1.50 18.05 -45.70
C THR A 403 0.48 17.28 -44.91
N VAL A 404 0.22 17.77 -43.70
CA VAL A 404 -0.67 17.12 -42.76
C VAL A 404 -2.15 17.35 -43.07
N PHE A 405 -2.55 18.60 -43.25
CA PHE A 405 -3.95 18.90 -43.52
C PHE A 405 -4.34 18.44 -44.92
N GLY A 406 -3.33 18.23 -45.76
CA GLY A 406 -3.56 17.75 -47.12
C GLY A 406 -3.86 16.27 -47.19
N SER A 407 -3.68 15.56 -46.07
CA SER A 407 -3.99 14.14 -45.98
C SER A 407 -5.39 13.90 -45.47
N HIS A 408 -5.88 12.69 -45.67
CA HIS A 408 -7.22 12.29 -45.27
C HIS A 408 -7.41 12.21 -43.75
N ALA A 409 -6.38 11.75 -43.05
CA ALA A 409 -6.39 11.69 -41.59
C ALA A 409 -6.29 13.08 -40.98
N GLY A 410 -5.32 13.87 -41.48
CA GLY A 410 -5.07 15.20 -40.97
C GLY A 410 -6.14 16.22 -41.33
N HIS A 411 -6.95 15.90 -42.33
CA HIS A 411 -8.12 16.71 -42.66
C HIS A 411 -9.09 16.77 -41.48
N LEU A 412 -9.04 15.76 -40.62
CA LEU A 412 -10.00 15.63 -39.53
C LEU A 412 -9.54 16.31 -38.23
N VAL A 413 -8.34 16.87 -38.24
CA VAL A 413 -7.77 17.51 -37.04
C VAL A 413 -7.40 18.96 -37.33
N PRO A 414 -8.05 19.91 -36.63
CA PRO A 414 -7.87 21.32 -36.93
C PRO A 414 -6.55 21.91 -36.44
N LYS A 415 -6.00 21.38 -35.36
CA LYS A 415 -4.84 22.02 -34.76
C LYS A 415 -3.68 21.07 -34.63
N LEU A 416 -2.48 21.56 -34.95
CA LEU A 416 -1.29 20.74 -34.77
C LEU A 416 -0.31 21.43 -33.84
N ILE A 417 0.32 20.65 -32.96
CA ILE A 417 1.36 21.18 -32.11
C ILE A 417 2.71 20.56 -32.47
N LEU A 418 3.71 21.42 -32.66
CA LEU A 418 5.04 20.96 -32.98
C LEU A 418 5.95 21.18 -31.76
N VAL A 419 6.46 20.10 -31.20
CA VAL A 419 7.35 20.19 -30.06
C VAL A 419 8.54 19.26 -30.26
N GLY A 420 9.65 19.55 -29.57
CA GLY A 420 10.80 18.66 -29.61
C GLY A 420 10.51 17.33 -28.95
N ASN A 421 11.25 16.30 -29.34
CA ASN A 421 10.98 14.95 -28.84
C ASN A 421 11.67 14.63 -27.51
N ASP A 422 12.00 15.67 -26.74
CA ASP A 422 12.56 15.46 -25.41
C ASP A 422 11.44 15.12 -24.45
N ILE A 423 10.22 15.39 -24.89
CA ILE A 423 9.02 15.06 -24.13
C ILE A 423 8.31 13.90 -24.77
N ASP A 424 7.52 13.21 -23.96
CA ASP A 424 6.60 12.21 -24.46
C ASP A 424 5.31 12.90 -24.90
N VAL A 425 5.07 12.99 -26.20
CA VAL A 425 3.88 13.69 -26.71
C VAL A 425 2.64 12.89 -26.36
N THR A 426 2.86 11.73 -25.77
CA THR A 426 1.87 10.74 -25.38
C THR A 426 1.22 11.13 -24.05
N GLU A 427 2.03 11.77 -23.21
CA GLU A 427 1.60 12.22 -21.89
C GLU A 427 1.16 13.67 -21.93
N ILE A 428 -0.09 13.92 -21.54
CA ILE A 428 -0.70 15.24 -21.67
C ILE A 428 -0.08 16.28 -20.75
N ASP A 429 0.39 15.85 -19.58
CA ASP A 429 1.00 16.78 -18.64
C ASP A 429 2.32 17.32 -19.16
N GLN A 430 2.98 16.57 -20.05
CA GLN A 430 4.24 17.03 -20.65
C GLN A 430 4.01 17.96 -21.85
N VAL A 431 2.95 17.69 -22.59
CA VAL A 431 2.53 18.53 -23.71
C VAL A 431 2.10 19.90 -23.18
N VAL A 432 1.40 19.87 -22.05
CA VAL A 432 0.97 21.08 -21.39
C VAL A 432 2.18 21.89 -20.93
N TRP A 433 3.17 21.23 -20.37
CA TRP A 433 4.37 21.92 -19.93
C TRP A 433 5.05 22.57 -21.11
N ALA A 434 5.14 21.83 -22.21
CA ALA A 434 5.81 22.31 -23.41
C ALA A 434 5.11 23.53 -24.02
N LEU A 435 3.79 23.48 -24.04
CA LEU A 435 2.95 24.53 -24.59
C LEU A 435 3.08 25.82 -23.75
N ALA A 436 3.00 25.67 -22.43
CA ALA A 436 3.09 26.83 -21.54
C ALA A 436 4.46 27.50 -21.59
N THR A 437 5.53 26.71 -21.70
CA THR A 437 6.88 27.19 -21.51
C THR A 437 7.65 27.39 -22.80
N ARG A 438 7.08 26.95 -23.93
CA ARG A 438 7.78 27.07 -25.22
C ARG A 438 7.03 27.78 -26.35
N ALA A 439 5.71 27.88 -26.25
CA ALA A 439 4.99 28.58 -27.31
C ALA A 439 4.91 30.06 -26.97
N HIS A 440 5.50 30.87 -27.85
CA HIS A 440 5.58 32.32 -27.71
C HIS A 440 4.37 32.99 -28.36
N PRO A 441 3.67 33.83 -27.60
CA PRO A 441 2.48 34.55 -28.05
C PRO A 441 2.60 35.32 -29.36
N LEU A 442 3.81 35.80 -29.69
CA LEU A 442 4.02 36.66 -30.86
C LEU A 442 4.53 35.92 -32.09
N HIS A 443 5.08 34.73 -31.91
CA HIS A 443 5.80 34.09 -33.01
C HIS A 443 5.36 32.70 -33.37
N ASP A 444 4.65 32.02 -32.48
CA ASP A 444 4.46 30.58 -32.64
C ASP A 444 3.02 30.16 -32.92
N HIS A 445 2.15 31.15 -33.15
CA HIS A 445 0.74 30.94 -33.46
C HIS A 445 0.49 31.17 -34.95
N PHE A 446 0.68 30.11 -35.75
CA PHE A 446 0.52 30.18 -37.21
C PHE A 446 -0.86 29.70 -37.69
N ALA A 447 -1.77 30.64 -37.95
CA ALA A 447 -3.09 30.31 -38.46
C ALA A 447 -3.12 30.06 -39.97
N PHE A 448 -3.87 29.06 -40.42
CA PHE A 448 -4.01 28.80 -41.86
C PHE A 448 -5.46 28.90 -42.30
N PRO A 449 -5.95 30.14 -42.44
CA PRO A 449 -7.37 30.47 -42.60
C PRO A 449 -7.95 30.03 -43.93
N GLN A 450 -7.10 29.68 -44.89
CA GLN A 450 -7.57 29.33 -46.22
C GLN A 450 -7.46 27.84 -46.55
N ILE A 451 -7.20 27.02 -45.54
CA ILE A 451 -7.15 25.56 -45.73
C ILE A 451 -8.45 24.95 -45.23
N ARG A 452 -9.14 24.24 -46.12
CA ARG A 452 -10.47 23.68 -45.84
C ARG A 452 -10.60 23.03 -44.49
N ASP A 453 -11.63 23.43 -43.76
CA ASP A 453 -11.95 22.80 -42.49
C ASP A 453 -12.70 21.48 -42.65
N PHE A 454 -12.49 20.60 -41.67
CA PHE A 454 -13.40 19.50 -41.37
C PHE A 454 -14.58 20.15 -40.65
N PRO A 455 -15.79 19.98 -41.18
CA PRO A 455 -16.99 20.75 -40.78
C PRO A 455 -17.52 20.58 -39.34
N MET A 456 -17.10 19.56 -38.60
CA MET A 456 -17.62 19.30 -37.25
C MET A 456 -16.83 19.93 -36.09
N VAL A 457 -15.73 20.61 -36.37
CA VAL A 457 -14.95 21.22 -35.32
C VAL A 457 -15.79 22.23 -34.52
N PRO A 458 -15.87 22.04 -33.19
CA PRO A 458 -16.93 22.75 -32.46
C PRO A 458 -16.81 24.29 -32.41
N TYR A 459 -15.63 24.85 -32.64
CA TYR A 459 -15.44 26.29 -32.44
C TYR A 459 -15.62 27.16 -33.68
N LEU A 460 -15.96 26.54 -34.81
CA LEU A 460 -16.13 27.33 -36.02
C LEU A 460 -17.33 28.24 -35.85
N ASP A 461 -17.38 29.28 -36.67
CA ASP A 461 -18.54 30.16 -36.69
C ASP A 461 -19.12 30.17 -38.11
N ALA A 462 -20.18 30.93 -38.29
CA ALA A 462 -20.88 31.00 -39.58
C ALA A 462 -20.01 31.56 -40.70
N GLU A 463 -19.13 32.50 -40.36
CA GLU A 463 -18.19 33.04 -41.34
C GLU A 463 -17.31 31.91 -41.85
N ASP A 464 -16.81 31.10 -40.93
CA ASP A 464 -15.95 29.97 -41.28
C ASP A 464 -16.68 29.00 -42.20
N LYS A 465 -17.83 28.53 -41.73
CA LYS A 465 -18.62 27.53 -42.42
C LYS A 465 -19.06 27.96 -43.82
N ALA A 466 -19.11 29.28 -44.03
CA ALA A 466 -19.52 29.85 -45.31
C ALA A 466 -18.32 30.12 -46.20
N ARG A 467 -17.17 30.20 -45.57
CA ARG A 467 -15.91 30.32 -46.28
C ARG A 467 -15.43 28.91 -46.57
N GLY A 468 -15.84 27.97 -45.73
CA GLY A 468 -15.38 26.59 -45.86
C GLY A 468 -14.03 26.38 -45.21
N SER A 469 -13.46 27.43 -44.61
CA SER A 469 -12.17 27.35 -43.94
C SER A 469 -12.01 28.47 -42.91
N GLY A 470 -10.91 28.44 -42.15
CA GLY A 470 -10.68 29.44 -41.13
C GLY A 470 -10.34 28.88 -39.76
N GLY A 471 -10.51 27.57 -39.59
CA GLY A 471 -10.25 26.95 -38.31
C GLY A 471 -8.90 26.30 -38.08
N ARG A 472 -8.01 26.30 -39.08
CA ARG A 472 -6.77 25.53 -39.00
C ARG A 472 -5.65 26.28 -38.29
N LEU A 473 -4.80 25.54 -37.60
CA LEU A 473 -3.74 26.16 -36.84
C LEU A 473 -2.60 25.21 -36.61
N VAL A 474 -1.39 25.76 -36.60
CA VAL A 474 -0.25 25.02 -36.14
C VAL A 474 0.34 25.82 -35.02
N ILE A 475 0.50 25.19 -33.86
CA ILE A 475 1.16 25.81 -32.72
C ILE A 475 2.57 25.27 -32.68
N ASN A 476 3.54 26.17 -32.58
CA ASN A 476 4.93 25.78 -32.65
C ASN A 476 5.56 25.91 -31.30
N CYS A 477 6.09 24.81 -30.79
CA CYS A 477 6.72 24.81 -29.48
C CYS A 477 8.21 24.49 -29.63
N LEU A 478 8.70 24.61 -30.86
CA LEU A 478 10.11 24.48 -31.10
C LEU A 478 10.70 25.85 -30.86
N TYR A 479 11.65 25.89 -29.94
CA TYR A 479 12.36 27.11 -29.66
C TYR A 479 13.15 27.47 -30.90
N PRO A 480 13.29 28.77 -31.21
CA PRO A 480 13.91 29.27 -32.44
C PRO A 480 15.32 28.71 -32.68
N GLU A 481 16.08 28.53 -31.62
CA GLU A 481 17.42 27.97 -31.71
C GLU A 481 17.43 26.49 -32.11
N GLN A 482 16.31 25.80 -31.88
CA GLN A 482 16.21 24.37 -32.18
C GLN A 482 16.27 24.12 -33.69
N PHE A 483 15.98 25.16 -34.46
CA PHE A 483 16.06 25.08 -35.91
C PHE A 483 17.51 25.07 -36.39
N ALA A 484 18.41 25.56 -35.54
CA ALA A 484 19.85 25.45 -35.78
C ALA A 484 20.47 24.31 -34.98
N GLY A 485 19.64 23.60 -34.21
CA GLY A 485 20.10 22.41 -33.52
C GLY A 485 20.43 22.62 -32.05
N GLN A 486 20.22 23.82 -31.55
CA GLN A 486 20.52 24.10 -30.15
C GLN A 486 19.29 24.18 -29.28
N MET A 487 19.54 24.27 -27.98
CA MET A 487 18.51 24.37 -26.98
C MET A 487 19.02 25.37 -25.94
N ARG A 488 18.18 26.33 -25.59
CA ARG A 488 18.57 27.41 -24.71
C ARG A 488 18.94 26.90 -23.32
N ALA A 489 18.25 25.85 -22.88
CA ALA A 489 18.32 25.42 -21.49
C ALA A 489 18.16 23.92 -21.40
N ALA A 490 18.78 23.30 -20.39
CA ALA A 490 18.52 21.90 -20.11
C ALA A 490 17.22 21.82 -19.33
N THR A 491 16.68 20.63 -19.20
CA THR A 491 15.47 20.40 -18.43
C THR A 491 15.83 19.96 -17.01
N ALA A 492 15.15 20.52 -16.02
CA ALA A 492 15.43 20.19 -14.64
C ALA A 492 14.45 19.15 -14.15
N SER A 493 14.76 17.90 -14.45
CA SER A 493 13.97 16.76 -13.98
C SER A 493 14.87 15.67 -13.42
N PHE A 494 14.27 14.55 -13.04
CA PHE A 494 15.03 13.40 -12.62
C PHE A 494 15.87 12.90 -13.80
N ARG A 495 15.23 12.72 -14.95
CA ARG A 495 15.92 12.19 -16.11
C ARG A 495 17.06 13.08 -16.60
N HIS A 496 16.84 14.39 -16.64
CA HIS A 496 17.76 15.30 -17.36
C HIS A 496 18.71 16.17 -16.53
N ALA A 497 18.54 16.20 -15.21
CA ALA A 497 19.43 17.00 -14.38
C ALA A 497 20.51 16.16 -13.69
N TYR A 498 20.50 14.85 -13.96
CA TYR A 498 21.40 13.89 -13.32
C TYR A 498 22.01 12.90 -14.32
N PRO A 499 23.24 12.45 -14.06
CA PRO A 499 23.90 11.45 -14.92
C PRO A 499 23.23 10.10 -14.84
N THR A 500 23.26 9.35 -15.95
CA THR A 500 22.66 8.01 -16.00
C THR A 500 23.08 7.16 -14.81
N ALA A 501 24.39 7.15 -14.55
CA ALA A 501 24.97 6.37 -13.48
C ALA A 501 24.25 6.62 -12.15
N LEU A 502 23.94 7.89 -11.89
CA LEU A 502 23.32 8.29 -10.63
C LEU A 502 21.84 7.97 -10.58
N ARG A 503 21.14 8.16 -11.70
CA ARG A 503 19.76 7.69 -11.84
C ARG A 503 19.68 6.22 -11.48
N ARG A 504 20.55 5.42 -12.10
CA ARG A 504 20.62 3.97 -11.83
C ARG A 504 20.80 3.63 -10.36
N ARG A 505 21.73 4.34 -9.71
CA ARG A 505 21.99 4.15 -8.28
C ARG A 505 20.76 4.46 -7.45
N VAL A 506 20.08 5.55 -7.79
CA VAL A 506 18.91 5.97 -7.04
C VAL A 506 17.78 4.94 -7.17
N GLU A 507 17.56 4.46 -8.39
CA GLU A 507 16.59 3.40 -8.64
C GLU A 507 16.96 2.08 -8.01
N GLU A 508 18.27 1.81 -7.95
CA GLU A 508 18.73 0.55 -7.39
C GLU A 508 18.60 0.57 -5.89
N ARG A 509 18.89 1.73 -5.31
CA ARG A 509 18.96 1.88 -3.88
C ARG A 509 17.63 2.35 -3.30
N TRP A 510 16.59 2.32 -4.14
CA TRP A 510 15.28 2.89 -3.80
C TRP A 510 14.71 2.26 -2.53
N SER A 511 14.77 0.94 -2.46
CA SER A 511 14.26 0.28 -1.28
C SER A 511 15.24 0.40 -0.13
N ASP A 512 16.52 0.44 -0.46
CA ASP A 512 17.55 0.76 0.53
C ASP A 512 17.33 2.10 1.23
N TYR A 513 16.94 3.15 0.48
CA TYR A 513 16.62 4.45 1.10
C TYR A 513 15.46 4.33 2.07
N GLY A 514 14.48 3.49 1.71
CA GLY A 514 13.42 3.16 2.64
C GLY A 514 12.05 3.39 2.06
N PHE A 515 11.97 3.45 0.74
CA PHE A 515 10.70 3.67 0.08
C PHE A 515 9.96 2.38 -0.21
N ASN B 24 -1.99 23.02 13.27
CA ASN B 24 -1.66 24.25 13.99
C ASN B 24 -0.29 24.20 14.69
N ARG B 25 0.03 23.10 15.35
CA ARG B 25 1.35 22.93 15.94
C ARG B 25 2.37 22.62 14.86
N SER B 26 1.93 21.95 13.79
CA SER B 26 2.77 21.73 12.63
C SER B 26 3.08 23.01 11.84
N ALA B 27 2.12 23.95 11.81
CA ALA B 27 2.28 25.14 10.99
C ALA B 27 3.32 26.06 11.59
N LEU B 28 3.52 25.94 12.90
CA LEU B 28 4.30 26.90 13.66
C LEU B 28 5.64 26.34 14.12
N ASP B 29 5.86 25.06 13.88
CA ASP B 29 7.05 24.35 14.34
C ASP B 29 7.43 23.36 13.27
N PHE B 30 8.54 23.64 12.59
CA PHE B 30 9.02 22.78 11.49
C PHE B 30 9.39 21.37 11.97
N ARG B 31 9.99 21.26 13.14
CA ARG B 31 10.36 19.94 13.64
C ARG B 31 9.12 19.12 13.93
N HIS B 32 8.08 19.77 14.47
CA HIS B 32 6.84 19.08 14.77
C HIS B 32 6.10 18.76 13.47
N PHE B 33 6.29 19.63 12.49
CA PHE B 33 5.76 19.45 11.15
C PHE B 33 6.28 18.13 10.58
N VAL B 34 7.57 17.85 10.82
CA VAL B 34 8.23 16.65 10.33
C VAL B 34 7.72 15.36 10.99
N ASP B 35 7.61 15.37 12.32
CA ASP B 35 7.08 14.25 13.08
C ASP B 35 5.62 14.02 12.72
N HIS B 36 4.97 15.08 12.24
CA HIS B 36 3.59 15.01 11.80
C HIS B 36 3.50 14.17 10.55
N LEU B 37 4.33 14.51 9.56
CA LEU B 37 4.37 13.75 8.33
C LEU B 37 4.75 12.30 8.61
N ARG B 38 5.68 12.09 9.54
CA ARG B 38 6.08 10.74 9.86
C ARG B 38 4.88 9.99 10.40
N ARG B 39 4.20 10.60 11.37
CA ARG B 39 3.00 10.03 11.99
C ARG B 39 1.94 9.60 10.97
N GLN B 40 1.73 10.41 9.93
CA GLN B 40 0.72 10.09 8.93
C GLN B 40 1.30 9.24 7.78
N GLY B 41 2.55 8.82 7.92
CA GLY B 41 3.21 8.02 6.90
C GLY B 41 3.58 8.78 5.63
N ASP B 42 3.76 10.09 5.75
CA ASP B 42 4.16 10.87 4.60
C ASP B 42 5.65 11.25 4.72
N LEU B 43 6.40 10.43 5.42
CA LEU B 43 7.85 10.62 5.56
C LEU B 43 8.62 9.31 5.50
N VAL B 44 9.72 9.29 4.76
CA VAL B 44 10.63 8.17 4.82
C VAL B 44 11.93 8.64 5.47
N ASP B 45 12.35 7.92 6.51
CA ASP B 45 13.61 8.20 7.15
C ASP B 45 14.73 7.43 6.44
N VAL B 46 15.59 8.17 5.73
CA VAL B 46 16.71 7.54 5.02
C VAL B 46 17.94 7.45 5.92
N HIS B 47 18.27 6.22 6.31
CA HIS B 47 19.39 5.97 7.20
C HIS B 47 20.67 5.72 6.41
N THR B 48 20.52 5.28 5.16
CA THR B 48 21.64 5.12 4.23
C THR B 48 22.43 6.40 4.13
N GLU B 49 23.76 6.28 4.11
CA GLU B 49 24.60 7.42 3.82
C GLU B 49 24.35 7.90 2.38
N VAL B 50 23.97 9.17 2.26
CA VAL B 50 23.78 9.74 0.94
C VAL B 50 24.74 10.90 0.77
N ASP B 51 24.83 11.37 -0.45
CA ASP B 51 25.81 12.36 -0.85
C ASP B 51 25.08 13.64 -1.21
N ALA B 52 25.51 14.76 -0.64
CA ALA B 52 24.92 16.05 -1.00
C ALA B 52 25.31 16.49 -2.42
N ASN B 53 26.35 15.87 -2.98
CA ASN B 53 26.67 16.08 -4.38
C ASN B 53 25.74 15.27 -5.25
N LEU B 54 24.65 15.90 -5.67
CA LEU B 54 23.69 15.36 -6.66
C LEU B 54 22.75 14.27 -6.16
N GLU B 55 23.24 13.38 -5.31
CA GLU B 55 22.44 12.24 -4.90
C GLU B 55 21.17 12.65 -4.21
N ILE B 56 21.31 13.55 -3.23
CA ILE B 56 20.15 14.03 -2.47
C ILE B 56 19.11 14.64 -3.42
N GLY B 57 19.56 15.50 -4.33
CA GLY B 57 18.69 16.09 -5.33
C GLY B 57 18.03 15.06 -6.21
N ALA B 58 18.80 14.08 -6.66
CA ALA B 58 18.29 13.05 -7.56
C ALA B 58 17.19 12.26 -6.89
N ILE B 59 17.37 11.99 -5.60
CA ILE B 59 16.37 11.26 -4.86
C ILE B 59 15.11 12.10 -4.71
N THR B 60 15.29 13.37 -4.37
CA THR B 60 14.17 14.27 -4.10
C THR B 60 13.38 14.54 -5.37
N ARG B 61 14.11 14.65 -6.49
CA ARG B 61 13.51 14.83 -7.80
C ARG B 61 12.60 13.67 -8.11
N ARG B 62 13.07 12.45 -7.87
CA ARG B 62 12.25 11.27 -8.13
C ARG B 62 11.08 11.24 -7.17
N VAL B 63 11.29 11.76 -5.97
CA VAL B 63 10.23 11.90 -4.98
C VAL B 63 9.08 12.83 -5.45
N TYR B 64 9.39 13.96 -6.07
CA TYR B 64 8.34 14.85 -6.62
C TYR B 64 7.57 14.17 -7.72
N GLU B 65 8.31 13.53 -8.61
CA GLU B 65 7.75 12.93 -9.80
C GLU B 65 6.93 11.67 -9.53
N ARG B 66 7.37 10.86 -8.56
CA ARG B 66 6.63 9.66 -8.19
C ARG B 66 5.60 10.02 -7.13
N ARG B 67 5.73 11.25 -6.60
CA ARG B 67 4.88 11.74 -5.51
C ARG B 67 4.96 10.82 -4.29
N ALA B 68 6.21 10.50 -3.91
CA ALA B 68 6.53 9.65 -2.75
C ALA B 68 6.53 10.45 -1.46
N PRO B 69 6.63 9.75 -0.30
CA PRO B 69 6.82 10.49 0.95
C PRO B 69 8.05 11.40 0.88
N ALA B 70 8.02 12.46 1.68
CA ALA B 70 9.16 13.35 1.80
C ALA B 70 10.27 12.61 2.51
N PRO B 71 11.48 12.63 1.94
CA PRO B 71 12.62 11.96 2.58
C PRO B 71 13.29 12.84 3.62
N LEU B 72 13.55 12.28 4.80
CA LEU B 72 14.39 12.96 5.76
C LEU B 72 15.70 12.22 5.75
N PHE B 73 16.73 12.87 5.21
CA PHE B 73 18.05 12.27 5.09
C PHE B 73 18.82 12.36 6.40
N HIS B 74 19.14 11.20 6.98
CA HIS B 74 19.74 11.15 8.32
C HIS B 74 21.27 11.12 8.31
N ASN B 75 21.85 10.55 7.26
CA ASN B 75 23.29 10.48 7.10
C ASN B 75 23.71 11.13 5.79
N ILE B 76 24.36 12.29 5.88
CA ILE B 76 24.92 12.94 4.70
C ILE B 76 26.44 12.87 4.82
N ARG B 77 27.04 12.29 3.80
CA ARG B 77 28.49 12.14 3.67
C ARG B 77 29.32 13.42 3.92
N ASP B 78 30.39 13.26 4.69
CA ASP B 78 31.36 14.32 4.99
C ASP B 78 30.71 15.60 5.52
N SER B 79 29.63 15.45 6.27
CA SER B 79 28.92 16.62 6.81
C SER B 79 29.02 16.65 8.32
N LEU B 80 28.67 17.79 8.92
CA LEU B 80 28.51 17.90 10.35
C LEU B 80 27.68 16.74 10.89
N PRO B 81 28.24 15.99 11.85
CA PRO B 81 27.51 14.84 12.41
C PRO B 81 26.20 15.27 13.08
N GLY B 82 25.10 14.66 12.66
CA GLY B 82 23.80 14.97 13.23
C GLY B 82 23.00 15.90 12.33
N ALA B 83 23.70 16.60 11.45
CA ALA B 83 23.05 17.45 10.46
C ALA B 83 22.19 16.64 9.51
N ARG B 84 20.97 17.10 9.32
CA ARG B 84 19.99 16.40 8.51
C ARG B 84 19.49 17.26 7.36
N VAL B 85 18.75 16.62 6.46
CA VAL B 85 18.19 17.28 5.29
C VAL B 85 16.77 16.74 5.04
N LEU B 86 15.85 17.65 4.73
CA LEU B 86 14.50 17.26 4.40
C LEU B 86 14.26 17.58 2.93
N GLY B 87 14.02 16.55 2.12
CA GLY B 87 13.70 16.76 0.73
C GLY B 87 12.20 16.89 0.59
N ALA B 88 11.76 17.58 -0.46
CA ALA B 88 10.35 17.71 -0.85
C ALA B 88 9.41 18.14 0.27
N PRO B 89 9.67 19.32 0.89
CA PRO B 89 8.82 19.70 2.02
C PRO B 89 7.37 20.01 1.65
N ALA B 90 7.09 20.29 0.38
CA ALA B 90 5.71 20.47 -0.07
C ALA B 90 5.37 19.73 -1.36
N GLY B 91 6.14 18.70 -1.68
CA GLY B 91 5.80 17.83 -2.79
C GLY B 91 4.42 17.21 -2.61
N LEU B 92 3.87 16.62 -3.67
CA LEU B 92 2.54 16.02 -3.57
C LEU B 92 2.59 14.52 -3.29
N ARG B 93 1.43 13.99 -2.87
CA ARG B 93 1.30 12.57 -2.55
C ARG B 93 0.58 11.83 -3.66
N ALA B 94 0.85 10.53 -3.76
CA ALA B 94 0.27 9.72 -4.82
C ALA B 94 -1.20 9.45 -4.57
N ASP B 95 -1.58 9.58 -3.31
CA ASP B 95 -2.96 9.41 -2.90
C ASP B 95 -3.78 10.60 -3.40
N ARG B 96 -4.69 10.35 -4.34
CA ARG B 96 -5.57 11.39 -4.89
C ARG B 96 -6.34 12.10 -3.78
N ALA B 97 -6.82 11.34 -2.80
CA ALA B 97 -7.62 11.90 -1.72
C ALA B 97 -6.82 12.81 -0.78
N ARG B 98 -5.51 12.55 -0.69
CA ARG B 98 -4.64 13.26 0.24
C ARG B 98 -3.44 13.85 -0.49
N ALA B 99 -3.57 14.09 -1.79
CA ALA B 99 -2.46 14.59 -2.61
C ALA B 99 -1.80 15.82 -2.00
N HIS B 100 -2.62 16.78 -1.58
CA HIS B 100 -2.09 18.07 -1.12
C HIS B 100 -1.93 18.18 0.38
N SER B 101 -1.86 17.07 1.11
CA SER B 101 -1.76 17.17 2.58
C SER B 101 -0.45 17.82 3.04
N ARG B 102 0.67 17.50 2.38
CA ARG B 102 1.95 18.12 2.72
C ARG B 102 1.89 19.64 2.53
N LEU B 103 1.33 20.07 1.41
CA LEU B 103 1.27 21.50 1.11
C LEU B 103 0.25 22.20 2.02
N ALA B 104 -0.88 21.52 2.28
CA ALA B 104 -1.92 22.05 3.15
C ALA B 104 -1.39 22.31 4.55
N LEU B 105 -0.49 21.44 4.99
CA LEU B 105 0.11 21.54 6.32
C LEU B 105 0.90 22.83 6.55
N HIS B 106 1.25 23.53 5.48
CA HIS B 106 1.94 24.81 5.58
C HIS B 106 0.91 25.92 5.85
N PHE B 107 -0.36 25.55 5.86
CA PHE B 107 -1.43 26.52 6.12
C PHE B 107 -2.31 26.13 7.30
N GLY B 108 -1.89 25.13 8.08
CA GLY B 108 -2.68 24.59 9.17
C GLY B 108 -3.74 23.59 8.72
N LEU B 109 -3.95 23.51 7.42
CA LEU B 109 -5.05 22.72 6.85
C LEU B 109 -4.86 21.19 6.94
N PRO B 110 -5.98 20.45 7.02
CA PRO B 110 -5.95 18.99 7.19
C PRO B 110 -5.74 18.17 5.90
N GLU B 111 -5.56 16.89 6.11
CA GLU B 111 -5.10 15.92 5.11
C GLU B 111 -5.83 15.88 3.75
N HIS B 112 -7.14 16.13 3.75
CA HIS B 112 -7.92 16.01 2.53
C HIS B 112 -8.26 17.36 1.91
N SER B 113 -7.54 18.40 2.31
CA SER B 113 -7.68 19.72 1.69
C SER B 113 -7.26 19.71 0.22
N GLY B 114 -8.17 20.14 -0.65
CA GLY B 114 -7.86 20.27 -2.07
C GLY B 114 -7.55 21.71 -2.43
N PRO B 115 -7.27 21.96 -3.72
CA PRO B 115 -7.04 23.29 -4.29
C PRO B 115 -8.07 24.33 -3.83
N ARG B 116 -9.36 24.04 -4.04
CA ARG B 116 -10.46 24.94 -3.68
C ARG B 116 -10.59 25.21 -2.19
N ASP B 117 -10.41 24.17 -1.36
CA ASP B 117 -10.40 24.34 0.09
C ASP B 117 -9.31 25.31 0.50
N ILE B 118 -8.14 25.16 -0.11
CA ILE B 118 -6.96 25.93 0.30
C ILE B 118 -7.05 27.38 -0.16
N VAL B 119 -7.73 27.62 -1.27
CA VAL B 119 -7.86 28.99 -1.79
C VAL B 119 -8.84 29.80 -0.95
N ALA B 120 -9.99 29.22 -0.66
CA ALA B 120 -10.98 29.84 0.22
C ALA B 120 -10.38 30.11 1.59
N MET B 121 -9.54 29.19 2.04
CA MET B 121 -8.78 29.41 3.27
C MET B 121 -7.85 30.61 3.12
N LEU B 122 -7.23 30.71 1.95
CA LEU B 122 -6.23 31.76 1.72
C LEU B 122 -6.86 33.15 1.60
N ARG B 123 -7.98 33.25 0.91
CA ARG B 123 -8.71 34.51 0.80
C ARG B 123 -9.30 34.92 2.13
N ALA B 124 -9.62 33.95 2.96
CA ALA B 124 -10.08 34.24 4.32
C ALA B 124 -8.96 34.90 5.11
N ALA B 125 -7.81 34.24 5.16
CA ALA B 125 -6.63 34.74 5.84
C ALA B 125 -6.30 36.16 5.39
N MET B 126 -6.37 36.39 4.08
CA MET B 126 -6.02 37.67 3.49
C MET B 126 -6.82 38.83 4.06
N ARG B 127 -7.86 38.52 4.83
CA ARG B 127 -8.67 39.53 5.47
C ARG B 127 -8.84 39.29 6.96
N ALA B 128 -7.98 38.45 7.51
CA ALA B 128 -7.95 38.26 8.97
C ALA B 128 -7.01 39.29 9.55
N GLU B 129 -7.26 39.70 10.79
CA GLU B 129 -6.33 40.62 11.47
C GLU B 129 -5.02 39.92 11.65
N PRO B 130 -3.92 40.58 11.28
CA PRO B 130 -2.61 40.03 11.65
C PRO B 130 -2.46 39.97 13.17
N ILE B 131 -1.67 39.01 13.64
CA ILE B 131 -1.36 38.86 15.05
C ILE B 131 0.12 39.13 15.23
N ALA B 132 0.48 39.99 16.18
CA ALA B 132 1.87 40.32 16.46
C ALA B 132 2.67 39.09 16.88
N PRO B 133 3.88 38.93 16.32
CA PRO B 133 4.79 37.87 16.76
C PRO B 133 5.06 37.95 18.26
N ARG B 134 4.92 36.82 18.96
CA ARG B 134 5.21 36.74 20.37
C ARG B 134 6.72 36.74 20.60
N ARG B 135 7.23 37.71 21.37
CA ARG B 135 8.68 37.81 21.62
C ARG B 135 9.14 36.95 22.79
N LEU B 136 10.08 36.05 22.54
CA LEU B 136 10.62 35.20 23.59
C LEU B 136 12.07 35.58 23.89
N GLU B 137 12.49 35.37 25.13
CA GLU B 137 13.89 35.60 25.49
C GLU B 137 14.80 34.56 24.84
N ARG B 138 14.25 33.37 24.63
CA ARG B 138 15.05 32.21 24.38
C ARG B 138 14.32 31.31 23.35
N GLY B 139 15.06 30.39 22.73
CA GLY B 139 14.48 29.45 21.80
C GLY B 139 15.45 28.36 21.39
N PRO B 140 14.93 27.33 20.70
CA PRO B 140 15.67 26.14 20.24
C PRO B 140 16.75 26.41 19.18
N VAL B 141 16.58 27.46 18.39
CA VAL B 141 17.51 27.79 17.34
C VAL B 141 18.83 28.27 17.97
N GLN B 142 18.80 28.48 19.28
CA GLN B 142 19.92 29.02 20.03
C GLN B 142 20.77 27.94 20.68
N GLU B 143 20.41 26.68 20.47
CA GLU B 143 21.13 25.56 21.09
C GLU B 143 22.61 25.50 20.71
N ASN B 144 22.91 25.92 19.48
CA ASN B 144 24.30 25.97 19.01
C ASN B 144 24.58 27.30 18.30
N VAL B 145 25.67 27.98 18.68
CA VAL B 145 26.05 29.24 18.03
C VAL B 145 27.48 29.22 17.49
N TRP B 146 27.64 29.65 16.24
CA TRP B 146 28.98 29.85 15.68
C TRP B 146 29.18 31.33 15.39
N LEU B 147 30.29 31.87 15.91
CA LEU B 147 30.59 33.28 15.82
C LEU B 147 31.87 33.46 15.01
N GLY B 148 31.82 34.39 14.06
CA GLY B 148 32.99 34.80 13.29
C GLY B 148 33.75 33.68 12.59
N GLU B 149 34.98 33.47 13.04
CA GLU B 149 35.89 32.41 12.56
C GLU B 149 35.40 30.96 12.81
N GLN B 150 34.56 30.76 13.83
CA GLN B 150 33.96 29.47 14.08
C GLN B 150 32.91 29.12 13.04
N VAL B 151 32.55 30.09 12.20
CA VAL B 151 31.56 29.87 11.14
C VAL B 151 32.18 29.24 9.90
N ASP B 152 31.60 28.12 9.46
CA ASP B 152 32.01 27.44 8.25
C ASP B 152 30.77 26.81 7.66
N LEU B 153 30.21 27.44 6.65
CA LEU B 153 29.00 26.92 6.00
C LEU B 153 29.25 25.56 5.33
N THR B 154 30.47 25.34 4.86
CA THR B 154 30.79 24.08 4.18
C THR B 154 30.63 22.84 5.08
N ARG B 155 30.55 23.07 6.40
CA ARG B 155 30.33 21.97 7.33
C ARG B 155 28.91 21.42 7.21
N PHE B 156 28.02 22.21 6.62
CA PHE B 156 26.65 21.78 6.39
C PHE B 156 26.50 20.84 5.20
N PRO B 157 25.46 19.98 5.23
CA PRO B 157 25.20 19.14 4.06
C PRO B 157 24.68 19.98 2.91
N VAL B 158 25.50 20.88 2.39
CA VAL B 158 25.07 21.81 1.34
C VAL B 158 25.03 21.08 0.01
N PRO B 159 23.85 21.03 -0.62
CA PRO B 159 23.69 20.18 -1.79
C PRO B 159 24.07 20.83 -3.11
N LEU B 160 24.63 20.05 -4.03
CA LEU B 160 24.62 20.46 -5.42
C LEU B 160 23.34 19.82 -5.99
N LEU B 161 22.34 20.64 -6.29
CA LEU B 161 20.99 20.13 -6.55
C LEU B 161 20.75 19.61 -7.97
N HIS B 162 21.40 20.24 -8.95
CA HIS B 162 21.36 19.78 -10.35
C HIS B 162 22.78 19.82 -10.89
N GLU B 163 23.14 18.85 -11.73
CA GLU B 163 24.49 18.75 -12.27
C GLU B 163 24.90 19.97 -13.09
N GLN B 164 23.92 20.72 -13.59
CA GLN B 164 24.23 21.88 -14.41
C GLN B 164 24.22 23.20 -13.61
N ASP B 165 23.93 23.15 -12.31
CA ASP B 165 23.98 24.35 -11.47
C ASP B 165 25.41 24.88 -11.36
N GLY B 166 25.53 26.20 -11.21
CA GLY B 166 26.83 26.84 -11.14
C GLY B 166 27.45 26.84 -9.77
N GLY B 167 26.86 26.08 -8.85
CA GLY B 167 27.40 25.92 -7.51
C GLY B 167 26.41 25.27 -6.57
N ARG B 168 26.78 25.20 -5.29
CA ARG B 168 25.95 24.55 -4.28
C ARG B 168 25.10 25.58 -3.55
N TYR B 169 23.86 25.21 -3.24
CA TYR B 169 22.93 26.14 -2.62
C TYR B 169 22.63 25.87 -1.16
N PHE B 170 23.05 26.82 -0.32
CA PHE B 170 22.74 26.75 1.10
C PHE B 170 21.26 27.01 1.37
N GLY B 171 20.73 28.05 0.74
CA GLY B 171 19.34 28.41 0.92
C GLY B 171 18.43 28.16 -0.27
N THR B 172 17.59 27.13 -0.20
CA THR B 172 16.51 26.99 -1.18
C THR B 172 15.15 26.77 -0.54
N TYR B 173 15.11 26.78 0.78
CA TYR B 173 13.84 26.71 1.51
C TYR B 173 13.79 27.60 2.75
N GLY B 174 14.12 28.88 2.57
CA GLY B 174 14.06 29.83 3.66
C GLY B 174 13.80 31.25 3.18
N PHE B 175 13.63 32.17 4.14
CA PHE B 175 13.45 33.57 3.80
C PHE B 175 14.54 34.46 4.41
N HIS B 176 14.75 35.62 3.78
CA HIS B 176 15.64 36.62 4.33
C HIS B 176 14.86 37.46 5.32
N VAL B 177 15.56 37.91 6.37
CA VAL B 177 15.00 38.85 7.32
C VAL B 177 15.81 40.14 7.29
N VAL B 178 15.16 41.25 6.94
CA VAL B 178 15.76 42.57 7.05
C VAL B 178 14.78 43.58 7.65
N GLN B 179 15.33 44.64 8.25
CA GLN B 179 14.56 45.67 8.91
C GLN B 179 14.91 47.08 8.38
N THR B 180 13.90 47.96 8.32
CA THR B 180 14.12 49.35 7.93
C THR B 180 15.01 50.06 8.96
N PRO B 181 15.82 51.04 8.50
CA PRO B 181 16.79 51.73 9.36
C PRO B 181 16.23 52.23 10.71
N ASP B 182 15.03 52.82 10.71
CA ASP B 182 14.47 53.33 11.95
C ASP B 182 13.81 52.23 12.79
N GLY B 183 13.80 51.02 12.24
CA GLY B 183 13.31 49.86 12.94
C GLY B 183 11.81 49.71 13.01
N SER B 184 11.08 50.56 12.27
CA SER B 184 9.62 50.58 12.37
C SER B 184 8.94 49.41 11.66
N TRP B 185 9.65 48.75 10.75
CA TRP B 185 9.07 47.60 10.05
C TRP B 185 10.07 46.56 9.54
N ASP B 186 9.55 45.35 9.41
CA ASP B 186 10.32 44.13 9.19
C ASP B 186 9.94 43.63 7.79
N SER B 187 10.84 42.88 7.16
CA SER B 187 10.51 42.17 5.93
C SER B 187 10.97 40.72 6.00
N TRP B 188 10.14 39.83 5.49
CA TRP B 188 10.51 38.44 5.31
C TRP B 188 10.30 38.14 3.85
N SER B 189 11.27 37.52 3.21
CA SER B 189 11.15 37.27 1.78
C SER B 189 11.97 36.07 1.38
N VAL B 190 11.37 35.23 0.54
CA VAL B 190 12.03 34.03 0.07
C VAL B 190 13.05 34.38 -1.02
N GLY B 191 14.22 33.75 -0.94
CA GLY B 191 15.19 33.87 -2.00
C GLY B 191 16.15 32.71 -1.87
N ARG B 192 16.90 32.43 -2.93
CA ARG B 192 17.92 31.40 -2.89
C ARG B 192 19.25 32.02 -2.46
N LEU B 193 20.12 31.22 -1.87
CA LEU B 193 21.46 31.67 -1.53
C LEU B 193 22.48 30.62 -1.89
N MET B 194 23.35 30.95 -2.84
CA MET B 194 24.41 30.04 -3.25
C MET B 194 25.54 30.04 -2.24
N LEU B 195 26.10 28.87 -1.97
CA LEU B 195 27.30 28.83 -1.13
C LEU B 195 28.56 29.32 -1.84
N VAL B 196 29.14 30.42 -1.36
CA VAL B 196 30.34 30.97 -1.98
C VAL B 196 31.61 30.46 -1.30
N ASP B 197 31.64 30.52 0.03
CA ASP B 197 32.73 29.96 0.82
C ASP B 197 32.28 29.71 2.26
N ARG B 198 33.23 29.54 3.18
CA ARG B 198 32.91 29.12 4.54
C ARG B 198 31.99 30.10 5.29
N ASN B 199 31.98 31.36 4.86
CA ASN B 199 31.13 32.35 5.54
C ASN B 199 30.61 33.44 4.60
N THR B 200 30.46 33.07 3.33
CA THR B 200 29.95 33.98 2.32
C THR B 200 28.94 33.26 1.42
N LEU B 201 27.82 33.90 1.19
CA LEU B 201 26.83 33.41 0.24
C LEU B 201 26.56 34.50 -0.78
N ALA B 202 25.65 34.24 -1.71
CA ALA B 202 25.29 35.21 -2.72
C ALA B 202 24.01 34.73 -3.40
N GLY B 203 23.19 35.68 -3.81
CA GLY B 203 21.93 35.36 -4.47
C GLY B 203 21.24 36.66 -4.81
N PRO B 204 20.11 36.57 -5.52
CA PRO B 204 19.32 37.73 -5.97
C PRO B 204 18.71 38.58 -4.85
N THR B 205 18.58 39.87 -5.15
CA THR B 205 17.93 40.84 -4.29
C THR B 205 17.17 41.83 -5.15
N ILE B 206 15.87 41.63 -5.31
CA ILE B 206 15.07 42.42 -6.22
C ILE B 206 14.80 43.82 -5.68
N PRO B 207 15.31 44.85 -6.37
CA PRO B 207 15.18 46.26 -5.98
C PRO B 207 13.73 46.72 -5.81
N THR B 208 12.81 46.18 -6.60
CA THR B 208 11.40 46.61 -6.55
C THR B 208 10.62 46.00 -5.39
N GLN B 209 11.27 45.10 -4.64
CA GLN B 209 10.65 44.42 -3.52
C GLN B 209 11.13 44.96 -2.17
N HIS B 210 10.48 44.51 -1.09
CA HIS B 210 10.74 45.02 0.26
C HIS B 210 12.19 44.89 0.69
N ILE B 211 12.80 43.76 0.36
CA ILE B 211 14.21 43.56 0.66
C ILE B 211 15.09 44.58 -0.10
N GLY B 212 14.87 44.71 -1.40
CA GLY B 212 15.62 45.64 -2.22
C GLY B 212 15.41 47.08 -1.80
N ILE B 213 14.15 47.44 -1.57
CA ILE B 213 13.77 48.76 -1.07
C ILE B 213 14.49 49.12 0.24
N ILE B 214 14.64 48.14 1.13
CA ILE B 214 15.30 48.31 2.42
C ILE B 214 16.84 48.37 2.31
N ARG B 215 17.39 47.58 1.40
CA ARG B 215 18.81 47.70 1.08
C ARG B 215 19.13 49.14 0.73
N GLU B 216 18.29 49.70 -0.14
CA GLU B 216 18.48 51.07 -0.63
C GLU B 216 18.43 52.10 0.50
N GLN B 217 17.59 51.86 1.49
CA GLN B 217 17.56 52.72 2.67
C GLN B 217 18.90 52.67 3.43
N TRP B 218 19.54 51.51 3.50
CA TRP B 218 20.84 51.42 4.16
C TRP B 218 21.95 51.92 3.26
N ARG B 219 21.75 51.80 1.96
CA ARG B 219 22.63 52.42 0.96
C ARG B 219 22.61 53.96 1.05
N ARG B 220 21.42 54.54 1.21
CA ARG B 220 21.24 55.98 1.39
C ARG B 220 21.72 56.46 2.78
N LEU B 221 22.25 55.54 3.56
CA LEU B 221 22.88 55.83 4.85
C LEU B 221 24.36 55.48 4.79
N GLY B 222 24.78 54.91 3.66
CA GLY B 222 26.18 54.54 3.46
C GLY B 222 26.52 53.20 4.08
N LYS B 223 25.51 52.48 4.51
CA LYS B 223 25.73 51.25 5.25
C LYS B 223 25.34 50.01 4.44
N PRO B 224 25.99 48.89 4.74
CA PRO B 224 25.48 47.58 4.31
C PRO B 224 24.20 47.25 5.08
N THR B 225 23.41 46.30 4.58
CA THR B 225 22.13 45.94 5.21
C THR B 225 22.22 44.78 6.21
N PRO B 226 21.87 45.04 7.49
CA PRO B 226 21.75 43.93 8.44
C PRO B 226 20.77 42.89 7.89
N TRP B 227 21.18 41.63 7.98
CA TRP B 227 20.46 40.51 7.37
C TRP B 227 20.46 39.25 8.25
N ALA B 228 19.41 38.46 8.07
CA ALA B 228 19.42 37.11 8.60
C ALA B 228 18.66 36.25 7.60
N MET B 229 18.91 34.94 7.64
CA MET B 229 18.10 34.00 6.88
C MET B 229 17.63 32.88 7.80
N ALA B 230 16.34 32.58 7.73
CA ALA B 230 15.74 31.51 8.51
C ALA B 230 15.52 30.33 7.58
N LEU B 231 16.05 29.19 7.97
CA LEU B 231 15.94 27.94 7.22
C LEU B 231 15.39 26.89 8.18
N GLY B 232 14.32 26.21 7.77
CA GLY B 232 13.63 25.33 8.70
C GLY B 232 12.78 26.18 9.63
N ALA B 233 12.32 27.31 9.10
CA ALA B 233 11.37 28.18 9.77
C ALA B 233 10.00 27.50 9.76
N PRO B 234 9.11 27.88 10.68
CA PRO B 234 7.75 27.33 10.70
C PRO B 234 7.17 27.29 9.29
N PRO B 235 6.51 26.20 8.94
CA PRO B 235 5.96 26.07 7.58
C PRO B 235 5.08 27.26 7.22
N ALA B 236 4.27 27.72 8.16
CA ALA B 236 3.41 28.87 7.93
C ALA B 236 4.17 30.20 7.85
N ALA B 237 5.39 30.23 8.37
CA ALA B 237 6.24 31.42 8.25
C ALA B 237 6.88 31.53 6.86
N LEU B 238 7.27 30.38 6.30
CA LEU B 238 7.65 30.32 4.90
C LEU B 238 6.54 30.83 3.99
N ALA B 239 5.31 30.43 4.27
CA ALA B 239 4.15 30.83 3.46
C ALA B 239 3.90 32.34 3.46
N ALA B 240 3.95 32.95 4.63
CA ALA B 240 3.77 34.40 4.78
C ALA B 240 4.85 35.16 4.02
N ALA B 241 6.04 34.55 3.97
CA ALA B 241 7.22 35.17 3.36
C ALA B 241 7.16 35.26 1.83
N GLY B 242 5.97 35.20 1.25
CA GLY B 242 5.80 35.31 -0.19
C GLY B 242 4.69 36.25 -0.61
N MET B 243 3.79 36.54 0.33
CA MET B 243 2.67 37.45 0.10
C MET B 243 3.14 38.85 -0.22
N PRO B 244 2.56 39.46 -1.25
CA PRO B 244 2.78 40.88 -1.50
C PRO B 244 2.01 41.72 -0.47
N LEU B 245 2.64 42.79 0.02
CA LEU B 245 2.02 43.69 0.99
C LEU B 245 2.54 45.11 0.75
N PRO B 246 1.78 46.13 1.19
CA PRO B 246 2.26 47.51 1.04
C PRO B 246 3.55 47.73 1.80
N GLU B 247 4.42 48.60 1.30
CA GLU B 247 5.65 48.95 1.99
C GLU B 247 5.35 49.40 3.42
N GLY B 248 6.17 48.95 4.36
CA GLY B 248 5.99 49.32 5.75
C GLY B 248 5.24 48.27 6.52
N VAL B 249 4.74 47.27 5.80
CA VAL B 249 3.95 46.21 6.39
C VAL B 249 4.81 44.96 6.60
N SER B 250 4.68 44.35 7.77
CA SER B 250 5.48 43.18 8.16
C SER B 250 4.76 41.85 7.99
N GLU B 251 5.40 40.97 7.21
CA GLU B 251 4.96 39.59 6.94
C GLU B 251 4.72 38.74 8.18
N ALA B 252 5.49 38.99 9.24
CA ALA B 252 5.42 38.15 10.45
C ALA B 252 4.07 38.08 11.17
N GLY B 253 3.23 39.10 11.00
CA GLY B 253 1.90 39.07 11.60
C GLY B 253 0.90 38.22 10.83
N TYR B 254 1.20 37.98 9.56
CA TYR B 254 0.29 37.23 8.70
C TYR B 254 0.42 35.71 8.88
N VAL B 255 1.42 35.28 9.63
CA VAL B 255 1.42 33.93 10.19
C VAL B 255 0.19 33.76 11.06
N GLY B 256 -0.05 34.74 11.94
CA GLY B 256 -1.20 34.76 12.84
C GLY B 256 -2.53 34.88 12.11
N ALA B 257 -2.53 35.58 10.99
CA ALA B 257 -3.69 35.64 10.11
C ALA B 257 -3.96 34.28 9.47
N LEU B 258 -2.91 33.59 9.05
CA LEU B 258 -3.05 32.27 8.43
C LEU B 258 -3.63 31.22 9.37
N VAL B 259 -3.00 31.07 10.53
CA VAL B 259 -3.28 29.93 11.39
C VAL B 259 -3.95 30.29 12.71
N GLY B 260 -4.19 31.57 12.95
CA GLY B 260 -4.86 31.99 14.17
C GLY B 260 -3.97 31.94 15.40
N GLU B 261 -2.67 31.78 15.21
CA GLU B 261 -1.71 31.86 16.30
C GLU B 261 -0.50 32.67 15.87
N PRO B 262 0.08 33.45 16.78
CA PRO B 262 1.27 34.23 16.43
C PRO B 262 2.51 33.37 16.28
N VAL B 263 3.42 33.76 15.40
CA VAL B 263 4.70 33.09 15.30
C VAL B 263 5.56 33.58 16.46
N GLU B 264 6.34 32.68 17.03
CA GLU B 264 7.18 33.06 18.16
C GLU B 264 8.55 33.44 17.64
N VAL B 265 9.06 34.59 18.08
CA VAL B 265 10.37 35.03 17.61
C VAL B 265 11.33 35.32 18.74
N VAL B 266 12.63 35.24 18.44
CA VAL B 266 13.70 35.65 19.35
C VAL B 266 14.60 36.58 18.57
N ARG B 267 15.31 37.47 19.25
CA ARG B 267 16.28 38.32 18.56
C ARG B 267 17.46 37.46 18.17
N THR B 268 18.14 37.86 17.10
CA THR B 268 19.34 37.16 16.67
C THR B 268 20.49 37.44 17.64
N GLN B 269 21.55 36.63 17.55
CA GLN B 269 22.71 36.85 18.39
C GLN B 269 23.43 38.15 18.03
N THR B 270 23.37 38.54 16.76
CA THR B 270 24.31 39.50 16.17
C THR B 270 23.78 40.91 15.88
N ASN B 271 22.59 41.00 15.30
CA ASN B 271 22.20 42.24 14.61
C ASN B 271 20.78 42.75 14.84
N GLY B 272 20.22 42.51 16.02
CA GLY B 272 18.95 43.12 16.37
C GLY B 272 17.72 42.75 15.54
N LEU B 273 17.85 41.73 14.72
CA LEU B 273 16.71 41.24 13.94
C LEU B 273 15.94 40.20 14.72
N TRP B 274 14.66 40.07 14.42
CA TRP B 274 13.83 39.04 15.05
C TRP B 274 13.60 37.84 14.12
N VAL B 275 13.88 36.65 14.64
CA VAL B 275 13.72 35.40 13.89
C VAL B 275 12.88 34.37 14.66
N PRO B 276 12.24 33.44 13.95
CA PRO B 276 11.38 32.51 14.68
C PRO B 276 12.15 31.65 15.68
N ALA B 277 11.65 31.59 16.91
CA ALA B 277 12.27 30.85 18.00
C ALA B 277 12.70 29.43 17.62
N ASN B 278 11.90 28.75 16.82
CA ASN B 278 12.19 27.34 16.59
C ASN B 278 12.73 27.00 15.21
N THR B 279 13.20 28.01 14.48
CA THR B 279 13.89 27.81 13.21
C THR B 279 15.01 26.77 13.41
N GLU B 280 15.26 25.97 12.38
CA GLU B 280 16.29 24.92 12.45
C GLU B 280 17.67 25.54 12.41
N ILE B 281 17.85 26.49 11.51
CA ILE B 281 19.12 27.17 11.33
C ILE B 281 18.85 28.63 10.98
N VAL B 282 19.47 29.55 11.72
CA VAL B 282 19.47 30.97 11.36
C VAL B 282 20.89 31.42 11.03
N LEU B 283 21.04 32.11 9.90
CA LEU B 283 22.30 32.72 9.53
C LEU B 283 22.19 34.20 9.82
N GLU B 284 23.28 34.82 10.23
CA GLU B 284 23.29 36.23 10.54
C GLU B 284 24.47 36.96 9.90
N GLY B 285 24.26 38.20 9.49
CA GLY B 285 25.32 38.97 8.92
C GLY B 285 24.83 40.24 8.26
N GLU B 286 25.28 40.46 7.03
CA GLU B 286 24.92 41.67 6.30
C GLU B 286 25.05 41.47 4.80
N ILE B 287 24.30 42.25 4.05
CA ILE B 287 24.37 42.22 2.61
C ILE B 287 25.29 43.32 2.14
N SER B 288 26.40 42.92 1.51
CA SER B 288 27.39 43.86 0.98
C SER B 288 26.82 44.91 0.04
N LEU B 289 27.36 46.13 0.17
CA LEU B 289 26.98 47.26 -0.67
C LEU B 289 27.37 47.04 -2.12
N ASP B 290 28.58 46.55 -2.33
CA ASP B 290 29.16 46.57 -3.66
C ASP B 290 29.68 45.21 -4.14
N GLU B 291 29.96 44.31 -3.20
CA GLU B 291 30.59 43.05 -3.57
C GLU B 291 29.62 42.15 -4.31
N THR B 292 30.08 41.49 -5.36
CA THR B 292 29.28 40.47 -6.04
C THR B 292 30.05 39.17 -6.25
N ALA B 293 29.30 38.11 -6.50
CA ALA B 293 29.87 36.88 -7.02
C ALA B 293 28.96 36.42 -8.14
N LEU B 294 29.54 35.74 -9.13
CA LEU B 294 28.77 35.11 -10.19
C LEU B 294 27.92 34.03 -9.53
N GLU B 295 26.61 34.23 -9.55
CA GLU B 295 25.72 33.37 -8.85
C GLU B 295 24.91 32.58 -9.88
N GLY B 296 24.62 31.33 -9.57
CA GLY B 296 23.87 30.50 -10.49
C GLY B 296 24.78 30.04 -11.59
N PRO B 297 24.20 29.42 -12.63
CA PRO B 297 22.75 29.26 -12.79
C PRO B 297 22.13 28.14 -11.93
N MET B 298 20.80 28.16 -11.82
CA MET B 298 20.11 27.06 -11.15
C MET B 298 18.92 26.58 -11.97
N GLY B 299 18.62 25.28 -11.88
CA GLY B 299 17.41 24.75 -12.45
C GLY B 299 16.24 25.39 -11.73
N GLU B 300 15.32 26.01 -12.49
CA GLU B 300 14.29 26.84 -11.88
C GLU B 300 12.86 26.35 -12.11
N TYR B 301 11.93 26.96 -11.39
CA TYR B 301 10.51 26.59 -11.31
C TYR B 301 9.89 26.25 -12.65
N HIS B 302 10.41 26.86 -13.71
CA HIS B 302 9.78 26.72 -15.01
C HIS B 302 10.15 25.39 -15.69
N GLY B 303 11.07 24.64 -15.09
CA GLY B 303 11.40 23.31 -15.56
C GLY B 303 12.72 23.26 -16.31
N TYR B 304 13.41 24.40 -16.35
CA TYR B 304 14.64 24.48 -17.11
C TYR B 304 15.91 24.81 -16.29
N SER B 305 17.07 24.57 -16.89
CA SER B 305 18.36 24.89 -16.29
C SER B 305 19.18 25.66 -17.33
N PHE B 306 19.09 26.98 -17.29
CA PHE B 306 19.83 27.82 -18.21
C PHE B 306 21.31 27.76 -17.84
N PRO B 307 22.20 27.90 -18.84
CA PRO B 307 23.63 27.62 -18.68
C PRO B 307 24.50 28.78 -18.17
N ILE B 308 24.01 30.02 -18.21
CA ILE B 308 24.82 31.19 -17.82
C ILE B 308 24.32 31.89 -16.54
N GLY B 309 25.24 32.18 -15.62
CA GLY B 309 24.92 32.85 -14.37
C GLY B 309 25.16 34.34 -14.45
N LYS B 310 24.68 35.07 -13.44
CA LYS B 310 24.91 36.51 -13.38
C LYS B 310 25.35 36.89 -11.97
N PRO B 311 26.12 37.99 -11.83
CA PRO B 311 26.58 38.49 -10.53
C PRO B 311 25.43 38.88 -9.59
N GLN B 312 25.62 38.59 -8.30
CA GLN B 312 24.65 38.92 -7.27
C GLN B 312 25.37 39.41 -6.01
N PRO B 313 24.68 40.21 -5.16
CA PRO B 313 25.28 40.72 -3.91
C PRO B 313 25.84 39.62 -2.99
N LEU B 314 27.00 39.87 -2.37
CA LEU B 314 27.52 38.94 -1.37
C LEU B 314 26.73 39.06 -0.09
N PHE B 315 26.57 37.93 0.59
CA PHE B 315 25.98 37.92 1.92
C PHE B 315 27.05 37.36 2.84
N HIS B 316 27.54 38.20 3.74
CA HIS B 316 28.57 37.82 4.70
C HIS B 316 27.95 37.22 5.96
N VAL B 317 28.28 35.97 6.24
CA VAL B 317 27.77 35.32 7.42
C VAL B 317 28.73 35.52 8.58
N HIS B 318 28.34 36.39 9.52
CA HIS B 318 29.18 36.70 10.66
C HIS B 318 28.88 35.79 11.84
N ALA B 319 27.72 35.15 11.81
CA ALA B 319 27.29 34.25 12.86
C ALA B 319 26.12 33.43 12.36
N LEU B 320 25.95 32.25 12.98
CA LEU B 320 24.81 31.40 12.69
C LEU B 320 24.47 30.60 13.93
N SER B 321 23.25 30.12 13.99
CA SER B 321 22.82 29.33 15.11
C SER B 321 21.80 28.28 14.67
N PHE B 322 21.73 27.19 15.43
CA PHE B 322 20.91 26.06 15.02
C PHE B 322 20.51 25.15 16.18
N ARG B 323 19.36 24.52 16.00
CA ARG B 323 18.90 23.47 16.91
C ARG B 323 19.82 22.28 16.80
N ASP B 324 19.86 21.46 17.84
CA ASP B 324 20.62 20.23 17.81
C ASP B 324 20.09 19.37 16.69
N GLN B 325 21.02 18.74 15.96
CA GLN B 325 20.69 17.87 14.84
C GLN B 325 19.88 18.61 13.78
N PRO B 326 20.41 19.75 13.27
CA PRO B 326 19.59 20.65 12.47
C PRO B 326 19.16 20.07 11.13
N ILE B 327 17.90 20.26 10.76
CA ILE B 327 17.36 19.79 9.50
C ILE B 327 17.36 20.92 8.46
N LEU B 328 18.07 20.70 7.36
CA LEU B 328 18.11 21.66 6.27
C LEU B 328 17.09 21.31 5.18
N PRO B 329 15.95 22.00 5.17
CA PRO B 329 14.98 21.69 4.11
C PRO B 329 15.50 22.24 2.79
N ILE B 330 15.15 21.60 1.68
CA ILE B 330 15.64 22.05 0.41
C ILE B 330 14.54 22.05 -0.64
N CYS B 331 14.79 22.76 -1.74
CA CYS B 331 13.91 22.72 -2.90
C CYS B 331 14.73 22.46 -4.17
N VAL B 332 14.46 21.33 -4.80
CA VAL B 332 15.12 20.94 -6.04
C VAL B 332 14.20 21.32 -7.19
N ALA B 333 14.25 22.60 -7.55
CA ALA B 333 13.33 23.17 -8.52
C ALA B 333 13.43 22.56 -9.94
N GLY B 334 12.33 22.59 -10.68
CA GLY B 334 12.28 22.01 -12.01
C GLY B 334 10.88 21.74 -12.51
N THR B 335 10.75 20.73 -13.35
CA THR B 335 9.43 20.33 -13.85
C THR B 335 8.49 19.93 -12.69
N PRO B 336 7.19 20.20 -12.85
CA PRO B 336 6.18 20.03 -11.79
C PRO B 336 5.92 18.60 -11.32
N PRO B 337 5.35 18.46 -10.11
CA PRO B 337 5.08 19.56 -9.17
C PRO B 337 6.14 19.66 -8.05
N GLU B 338 6.70 20.85 -7.84
CA GLU B 338 7.64 21.08 -6.75
C GLU B 338 7.12 22.26 -5.91
N GLU B 339 7.86 22.72 -4.91
CA GLU B 339 7.33 23.74 -3.99
C GLU B 339 6.99 25.08 -4.64
N ASN B 340 7.63 25.42 -5.75
CA ASN B 340 7.33 26.66 -6.47
C ASN B 340 5.91 26.63 -7.04
N HIS B 341 5.48 25.46 -7.48
CA HIS B 341 4.14 25.31 -8.05
C HIS B 341 3.11 25.09 -6.96
N THR B 342 3.45 24.22 -6.01
CA THR B 342 2.54 23.81 -4.98
C THR B 342 2.26 24.92 -3.97
N ILE B 343 3.32 25.51 -3.42
CA ILE B 343 3.14 26.62 -2.48
C ILE B 343 2.82 27.94 -3.20
N TRP B 344 3.75 28.42 -4.00
CA TRP B 344 3.57 29.73 -4.63
C TRP B 344 2.48 29.77 -5.69
N GLY B 345 2.36 28.71 -6.49
CA GLY B 345 1.29 28.64 -7.48
C GLY B 345 -0.10 28.72 -6.88
N THR B 346 -0.28 28.01 -5.77
CA THR B 346 -1.50 27.97 -5.00
C THR B 346 -1.84 29.31 -4.37
N MET B 347 -0.82 29.97 -3.83
CA MET B 347 -1.01 31.28 -3.23
C MET B 347 -1.38 32.34 -4.28
N ILE B 348 -0.62 32.37 -5.38
CA ILE B 348 -0.93 33.19 -6.55
C ILE B 348 -2.38 33.02 -7.04
N SER B 349 -2.85 31.78 -7.09
CA SER B 349 -4.22 31.49 -7.51
C SER B 349 -5.26 32.08 -6.55
N ALA B 350 -4.87 32.23 -5.30
CA ALA B 350 -5.77 32.79 -4.31
C ALA B 350 -5.81 34.30 -4.49
N GLN B 351 -4.63 34.90 -4.49
CA GLN B 351 -4.49 36.34 -4.65
C GLN B 351 -5.18 36.80 -5.93
N LEU B 352 -4.94 36.09 -7.03
CA LEU B 352 -5.57 36.39 -8.30
C LEU B 352 -7.09 36.24 -8.30
N LEU B 353 -7.60 35.20 -7.64
CA LEU B 353 -9.05 35.06 -7.45
C LEU B 353 -9.62 36.25 -6.67
N ASP B 354 -8.82 36.77 -5.75
CA ASP B 354 -9.21 37.89 -4.91
C ASP B 354 -9.13 39.21 -5.67
N VAL B 355 -8.16 39.32 -6.57
CA VAL B 355 -7.99 40.50 -7.39
C VAL B 355 -9.12 40.66 -8.41
N ALA B 356 -9.51 39.54 -9.04
CA ALA B 356 -10.55 39.54 -10.07
C ALA B 356 -11.94 39.85 -9.54
N GLN B 357 -12.34 39.16 -8.47
CA GLN B 357 -13.62 39.39 -7.82
C GLN B 357 -13.77 40.84 -7.36
N ASN B 358 -12.73 41.34 -6.69
CA ASN B 358 -12.67 42.72 -6.21
C ASN B 358 -12.99 43.76 -7.31
N ALA B 359 -12.45 43.57 -8.50
CA ALA B 359 -12.61 44.54 -9.59
C ALA B 359 -13.87 44.29 -10.42
N GLY B 360 -14.69 43.36 -9.97
CA GLY B 360 -16.00 43.17 -10.57
C GLY B 360 -16.04 42.22 -11.74
N LEU B 361 -14.99 41.42 -11.89
CA LEU B 361 -14.90 40.43 -12.95
C LEU B 361 -15.64 39.17 -12.55
N PRO B 362 -16.35 38.53 -13.51
CA PRO B 362 -17.19 37.36 -13.28
C PRO B 362 -16.40 36.05 -13.08
N VAL B 363 -15.39 36.09 -12.23
CA VAL B 363 -14.51 34.95 -11.96
C VAL B 363 -14.92 34.26 -10.65
N ASP B 364 -15.10 32.95 -10.69
CA ASP B 364 -15.46 32.21 -9.49
C ASP B 364 -14.38 31.25 -8.99
N MET B 365 -13.26 31.19 -9.72
CA MET B 365 -12.11 30.36 -9.35
C MET B 365 -10.91 30.66 -10.24
N VAL B 366 -9.71 30.58 -9.68
CA VAL B 366 -8.47 30.66 -10.45
C VAL B 366 -7.50 29.56 -10.01
N TRP B 367 -6.91 28.85 -10.98
CA TRP B 367 -5.93 27.82 -10.71
C TRP B 367 -4.73 27.89 -11.68
N CYS B 368 -3.55 28.15 -11.13
CA CYS B 368 -2.31 28.00 -11.86
C CYS B 368 -1.96 26.52 -11.90
N SER B 369 -2.35 25.87 -12.98
CA SER B 369 -2.14 24.43 -13.12
C SER B 369 -0.68 24.11 -12.83
N TYR B 370 -0.44 23.12 -11.98
CA TYR B 370 0.91 22.74 -11.62
C TYR B 370 1.63 22.29 -12.89
N GLU B 371 0.91 21.58 -13.76
CA GLU B 371 1.46 21.01 -14.99
C GLU B 371 2.01 22.09 -15.93
N ALA B 372 1.47 23.31 -15.83
CA ALA B 372 1.97 24.44 -16.64
C ALA B 372 3.12 25.20 -15.95
N ALA B 373 3.67 24.62 -14.88
CA ALA B 373 4.83 25.19 -14.17
C ALA B 373 4.73 26.68 -13.82
N THR B 374 3.53 27.13 -13.43
CA THR B 374 3.26 28.53 -13.05
C THR B 374 3.41 29.49 -14.24
N CYS B 375 3.30 28.97 -15.46
CA CYS B 375 3.41 29.83 -16.62
C CYS B 375 2.03 30.15 -17.18
N TRP B 376 1.01 29.61 -16.53
CA TRP B 376 -0.36 29.99 -16.86
C TRP B 376 -1.32 29.84 -15.66
N ALA B 377 -2.35 30.69 -15.64
CA ALA B 377 -3.41 30.61 -14.65
C ALA B 377 -4.75 30.57 -15.39
N VAL B 378 -5.64 29.69 -14.94
CA VAL B 378 -6.90 29.51 -15.64
C VAL B 378 -8.02 30.15 -14.84
N LEU B 379 -8.82 30.95 -15.53
CA LEU B 379 -9.87 31.70 -14.86
C LEU B 379 -11.23 31.10 -15.19
N SER B 380 -11.91 30.62 -14.15
CA SER B 380 -13.27 30.11 -14.29
C SER B 380 -14.26 31.26 -14.34
N ILE B 381 -15.14 31.25 -15.34
CA ILE B 381 -16.06 32.36 -15.58
C ILE B 381 -17.52 31.98 -15.42
N ASP B 382 -18.22 32.69 -14.55
CA ASP B 382 -19.68 32.59 -14.43
C ASP B 382 -20.30 33.28 -15.65
N VAL B 383 -20.75 32.50 -16.63
CA VAL B 383 -21.22 33.11 -17.87
C VAL B 383 -22.56 33.82 -17.73
N GLN B 384 -23.20 33.68 -16.58
CA GLN B 384 -24.42 34.45 -16.30
C GLN B 384 -24.05 35.87 -15.93
N ARG B 385 -23.04 35.99 -15.08
CA ARG B 385 -22.56 37.31 -14.65
C ARG B 385 -21.82 38.01 -15.79
N LEU B 386 -21.16 37.22 -16.65
CA LEU B 386 -20.46 37.76 -17.81
C LEU B 386 -21.40 38.43 -18.80
N ALA B 387 -22.55 37.79 -19.00
CA ALA B 387 -23.60 38.29 -19.88
C ALA B 387 -24.06 39.68 -19.50
N ALA B 388 -23.95 40.01 -18.21
CA ALA B 388 -24.41 41.30 -17.67
C ALA B 388 -23.50 42.45 -18.07
N LEU B 389 -22.24 42.14 -18.37
CA LEU B 389 -21.24 43.17 -18.67
C LEU B 389 -21.45 43.77 -20.06
N GLY B 390 -22.19 43.07 -20.90
CA GLY B 390 -22.52 43.54 -22.23
C GLY B 390 -21.30 43.81 -23.06
N THR B 391 -20.33 42.91 -23.01
CA THR B 391 -19.05 43.15 -23.67
C THR B 391 -18.70 42.04 -24.65
N ASP B 392 -17.46 42.00 -25.12
CA ASP B 392 -17.02 40.92 -25.99
C ASP B 392 -15.63 40.43 -25.60
N ALA B 393 -15.05 39.57 -26.43
CA ALA B 393 -13.83 38.86 -26.08
C ALA B 393 -12.62 39.77 -25.97
N ALA B 394 -12.38 40.59 -26.99
CA ALA B 394 -11.20 41.46 -27.00
C ALA B 394 -11.24 42.45 -25.84
N ALA B 395 -12.42 43.01 -25.61
CA ALA B 395 -12.60 44.01 -24.58
C ALA B 395 -12.48 43.35 -23.20
N PHE B 396 -13.16 42.23 -23.02
CA PHE B 396 -13.06 41.49 -21.78
C PHE B 396 -11.63 41.01 -21.55
N ALA B 397 -10.97 40.58 -22.61
CA ALA B 397 -9.60 40.11 -22.51
C ALA B 397 -8.63 41.24 -22.09
N ALA B 398 -8.79 42.43 -22.64
CA ALA B 398 -7.94 43.56 -22.26
C ALA B 398 -8.19 43.98 -20.80
N ARG B 399 -9.45 44.14 -20.44
CA ARG B 399 -9.82 44.45 -19.07
C ARG B 399 -9.28 43.42 -18.10
N VAL B 400 -9.31 42.14 -18.47
CA VAL B 400 -8.84 41.06 -17.59
C VAL B 400 -7.32 41.14 -17.40
N ALA B 401 -6.62 41.45 -18.48
CA ALA B 401 -5.16 41.49 -18.47
C ALA B 401 -4.63 42.58 -17.54
N GLU B 402 -5.20 43.77 -17.66
CA GLU B 402 -4.80 44.89 -16.83
C GLU B 402 -5.03 44.61 -15.35
N THR B 403 -6.17 44.05 -15.01
CA THR B 403 -6.49 43.77 -13.62
C THR B 403 -5.48 42.75 -13.10
N VAL B 404 -5.32 41.69 -13.86
CA VAL B 404 -4.46 40.57 -13.46
C VAL B 404 -2.98 40.93 -13.47
N PHE B 405 -2.46 41.33 -14.61
CA PHE B 405 -1.04 41.62 -14.75
C PHE B 405 -0.64 42.90 -14.01
N GLY B 406 -1.63 43.72 -13.68
CA GLY B 406 -1.39 44.92 -12.91
C GLY B 406 -1.32 44.66 -11.41
N SER B 407 -1.39 43.39 -11.02
CA SER B 407 -1.27 43.02 -9.61
C SER B 407 0.07 42.35 -9.38
N HIS B 408 0.45 42.13 -8.13
CA HIS B 408 1.77 41.54 -7.88
C HIS B 408 1.79 40.04 -8.20
N ALA B 409 0.73 39.33 -7.83
CA ALA B 409 0.62 37.91 -8.13
C ALA B 409 0.59 37.64 -9.64
N GLY B 410 -0.19 38.44 -10.36
CA GLY B 410 -0.41 38.23 -11.77
C GLY B 410 0.74 38.74 -12.64
N HIS B 411 1.60 39.55 -12.04
CA HIS B 411 2.80 39.97 -12.74
C HIS B 411 3.66 38.75 -13.03
N LEU B 412 3.49 37.71 -12.20
CA LEU B 412 4.35 36.52 -12.23
C LEU B 412 3.94 35.45 -13.24
N VAL B 413 2.71 35.55 -13.75
CA VAL B 413 2.18 34.59 -14.71
C VAL B 413 1.93 35.28 -16.07
N PRO B 414 2.57 34.79 -17.14
CA PRO B 414 2.44 35.48 -18.43
C PRO B 414 1.20 35.11 -19.24
N LYS B 415 0.58 33.97 -18.97
CA LYS B 415 -0.55 33.53 -19.78
C LYS B 415 -1.82 33.32 -18.97
N LEU B 416 -2.93 33.85 -19.48
CA LEU B 416 -4.22 33.71 -18.82
C LEU B 416 -5.17 32.95 -19.74
N ILE B 417 -5.91 32.00 -19.17
CA ILE B 417 -6.91 31.27 -19.93
C ILE B 417 -8.30 31.56 -19.35
N LEU B 418 -9.16 32.08 -20.19
CA LEU B 418 -10.52 32.40 -19.76
C LEU B 418 -11.47 31.34 -20.30
N VAL B 419 -12.05 30.58 -19.39
CA VAL B 419 -13.01 29.55 -19.75
C VAL B 419 -14.25 29.65 -18.85
N GLY B 420 -15.43 29.37 -19.41
CA GLY B 420 -16.63 29.25 -18.61
C GLY B 420 -16.54 28.20 -17.50
N ASN B 421 -17.40 28.33 -16.50
CA ASN B 421 -17.33 27.51 -15.29
C ASN B 421 -18.03 26.13 -15.32
N ASP B 422 -18.39 25.66 -16.51
CA ASP B 422 -18.96 24.32 -16.64
C ASP B 422 -17.89 23.25 -16.44
N ILE B 423 -16.63 23.65 -16.68
CA ILE B 423 -15.49 22.79 -16.44
C ILE B 423 -14.84 23.20 -15.13
N ASP B 424 -14.14 22.25 -14.51
CA ASP B 424 -13.43 22.44 -13.26
C ASP B 424 -11.98 22.76 -13.59
N VAL B 425 -11.57 24.01 -13.35
CA VAL B 425 -10.26 24.45 -13.82
C VAL B 425 -9.06 23.95 -12.99
N THR B 426 -9.34 23.14 -11.95
CA THR B 426 -8.24 22.52 -11.21
C THR B 426 -7.88 21.20 -11.86
N GLU B 427 -8.64 20.83 -12.88
CA GLU B 427 -8.45 19.59 -13.61
C GLU B 427 -7.84 19.88 -14.97
N ILE B 428 -6.57 19.54 -15.12
CA ILE B 428 -5.86 19.86 -16.34
C ILE B 428 -6.54 19.21 -17.56
N ASP B 429 -7.02 17.99 -17.40
CA ASP B 429 -7.71 17.28 -18.48
C ASP B 429 -8.91 18.08 -19.02
N GLN B 430 -9.62 18.73 -18.11
CA GLN B 430 -10.78 19.55 -18.47
C GLN B 430 -10.39 20.86 -19.13
N VAL B 431 -9.25 21.40 -18.71
CA VAL B 431 -8.74 22.64 -19.28
C VAL B 431 -8.28 22.42 -20.72
N VAL B 432 -7.60 21.29 -20.94
CA VAL B 432 -7.16 20.91 -22.27
C VAL B 432 -8.34 20.72 -23.23
N TRP B 433 -9.41 20.10 -22.74
CA TRP B 433 -10.62 19.94 -23.54
C TRP B 433 -11.15 21.29 -24.00
N ALA B 434 -11.35 22.18 -23.04
CA ALA B 434 -11.83 23.53 -23.33
C ALA B 434 -10.85 24.25 -24.24
N LEU B 435 -9.56 24.16 -23.91
CA LEU B 435 -8.51 24.78 -24.69
C LEU B 435 -8.60 24.37 -26.16
N ALA B 436 -8.66 23.07 -26.41
CA ALA B 436 -8.68 22.56 -27.77
C ALA B 436 -9.98 22.84 -28.54
N THR B 437 -11.11 22.79 -27.83
CA THR B 437 -12.41 22.79 -28.51
C THR B 437 -13.04 24.17 -28.58
N ARG B 438 -12.57 25.10 -27.75
CA ARG B 438 -13.22 26.42 -27.68
C ARG B 438 -12.42 27.58 -28.25
N ALA B 439 -11.09 27.50 -28.18
CA ALA B 439 -10.25 28.61 -28.61
C ALA B 439 -10.06 28.66 -30.12
N HIS B 440 -10.65 29.67 -30.74
CA HIS B 440 -10.59 29.87 -32.18
C HIS B 440 -9.28 30.56 -32.58
N PRO B 441 -8.50 29.93 -33.49
CA PRO B 441 -7.25 30.43 -34.05
C PRO B 441 -7.27 31.89 -34.54
N LEU B 442 -8.42 32.34 -35.01
CA LEU B 442 -8.52 33.69 -35.54
C LEU B 442 -8.88 34.71 -34.49
N HIS B 443 -9.53 34.30 -33.41
CA HIS B 443 -10.28 35.28 -32.62
C HIS B 443 -9.95 35.27 -31.15
N ASP B 444 -9.23 34.25 -30.70
CA ASP B 444 -9.14 33.98 -29.26
C ASP B 444 -7.73 34.03 -28.68
N HIS B 445 -6.84 34.69 -29.41
CA HIS B 445 -5.42 34.76 -29.07
C HIS B 445 -5.03 36.21 -28.88
N PHE B 446 -5.10 36.68 -27.63
CA PHE B 446 -4.90 38.10 -27.38
C PHE B 446 -3.52 38.41 -26.79
N ALA B 447 -2.57 38.73 -27.66
CA ALA B 447 -1.25 39.19 -27.21
C ALA B 447 -1.34 40.59 -26.58
N PHE B 448 -0.59 40.78 -25.50
CA PHE B 448 -0.42 42.10 -24.88
C PHE B 448 1.06 42.36 -24.71
N PRO B 449 1.74 42.54 -25.83
CA PRO B 449 3.20 42.60 -25.81
C PRO B 449 3.75 43.92 -25.28
N GLN B 450 2.91 44.79 -24.73
CA GLN B 450 3.41 46.03 -24.14
C GLN B 450 3.29 45.98 -22.61
N ILE B 451 2.70 44.91 -22.10
CA ILE B 451 2.67 44.70 -20.66
C ILE B 451 3.95 44.01 -20.19
N ARG B 452 4.64 44.67 -19.27
CA ARG B 452 5.97 44.24 -18.83
C ARG B 452 6.05 42.81 -18.33
N ASP B 453 7.15 42.16 -18.68
CA ASP B 453 7.33 40.76 -18.37
C ASP B 453 7.91 40.52 -16.99
N PHE B 454 7.59 39.34 -16.45
CA PHE B 454 8.37 38.76 -15.37
C PHE B 454 9.54 38.10 -16.09
N PRO B 455 10.77 38.58 -15.82
CA PRO B 455 11.95 38.26 -16.63
C PRO B 455 12.34 36.78 -16.68
N MET B 456 11.81 35.98 -15.76
CA MET B 456 12.20 34.57 -15.66
C MET B 456 11.49 33.65 -16.66
N VAL B 457 10.47 34.20 -17.33
CA VAL B 457 9.65 33.43 -18.25
C VAL B 457 10.52 32.80 -19.36
N PRO B 458 10.50 31.44 -19.46
CA PRO B 458 11.54 30.72 -20.22
C PRO B 458 11.57 30.98 -21.74
N TYR B 459 10.42 31.39 -22.32
CA TYR B 459 10.30 31.52 -23.77
C TYR B 459 10.62 32.92 -24.29
N LEU B 460 10.88 33.85 -23.38
CA LEU B 460 11.27 35.19 -23.79
C LEU B 460 12.54 35.13 -24.59
N ASP B 461 12.60 35.90 -25.68
CA ASP B 461 13.79 35.98 -26.51
C ASP B 461 14.56 37.28 -26.24
N ALA B 462 15.61 37.54 -27.00
CA ALA B 462 16.45 38.72 -26.78
C ALA B 462 15.73 40.03 -27.03
N GLU B 463 14.84 40.04 -28.02
CA GLU B 463 14.00 41.21 -28.29
C GLU B 463 13.03 41.50 -27.14
N ASP B 464 12.46 40.44 -26.55
CA ASP B 464 11.54 40.56 -25.43
C ASP B 464 12.22 41.15 -24.19
N LYS B 465 13.43 40.67 -23.91
CA LYS B 465 14.18 41.05 -22.72
C LYS B 465 14.76 42.46 -22.80
N ALA B 466 15.24 42.84 -23.97
CA ALA B 466 15.73 44.20 -24.18
C ALA B 466 14.58 45.19 -24.12
N ARG B 467 13.47 44.86 -24.77
CA ARG B 467 12.27 45.67 -24.75
C ARG B 467 11.64 45.76 -23.36
N GLY B 468 11.57 44.62 -22.65
CA GLY B 468 10.94 44.55 -21.34
C GLY B 468 9.55 43.94 -21.37
N SER B 469 9.07 43.63 -22.57
CA SER B 469 7.71 43.15 -22.76
C SER B 469 7.65 42.26 -23.99
N GLY B 470 6.47 41.78 -24.34
CA GLY B 470 6.30 40.87 -25.47
C GLY B 470 5.78 39.48 -25.09
N GLY B 471 5.86 39.11 -23.82
CA GLY B 471 5.50 37.77 -23.40
C GLY B 471 4.08 37.52 -22.96
N ARG B 472 3.31 38.59 -22.72
CA ARG B 472 1.99 38.45 -22.10
C ARG B 472 0.93 38.01 -23.10
N LEU B 473 -0.06 37.28 -22.62
CA LEU B 473 -1.08 36.71 -23.48
C LEU B 473 -2.28 36.24 -22.70
N VAL B 474 -3.45 36.50 -23.26
CA VAL B 474 -4.68 35.95 -22.74
C VAL B 474 -5.29 35.03 -23.77
N ILE B 475 -5.62 33.82 -23.36
CA ILE B 475 -6.26 32.88 -24.28
C ILE B 475 -7.71 32.73 -23.91
N ASN B 476 -8.58 33.11 -24.83
CA ASN B 476 -10.01 33.01 -24.60
C ASN B 476 -10.61 31.71 -25.07
N CYS B 477 -11.29 31.02 -24.15
CA CYS B 477 -12.07 29.83 -24.46
C CYS B 477 -13.55 30.11 -24.19
N LEU B 478 -13.92 31.39 -24.19
CA LEU B 478 -15.31 31.78 -24.00
C LEU B 478 -15.94 32.04 -25.35
N TYR B 479 -16.84 31.14 -25.76
CA TYR B 479 -17.51 31.24 -27.03
C TYR B 479 -18.12 32.62 -27.15
N PRO B 480 -18.29 33.11 -28.39
CA PRO B 480 -18.81 34.48 -28.55
C PRO B 480 -20.21 34.66 -27.96
N GLU B 481 -21.13 33.76 -28.29
CA GLU B 481 -22.49 33.82 -27.76
C GLU B 481 -22.57 33.75 -26.22
N GLN B 482 -21.48 33.32 -25.58
CA GLN B 482 -21.44 33.22 -24.12
C GLN B 482 -21.44 34.59 -23.47
N PHE B 483 -21.00 35.59 -24.23
CA PHE B 483 -21.03 36.96 -23.76
C PHE B 483 -22.45 37.51 -23.79
N ALA B 484 -23.32 36.91 -24.61
CA ALA B 484 -24.74 37.24 -24.62
C ALA B 484 -25.49 36.24 -23.75
N GLY B 485 -24.74 35.50 -22.94
CA GLY B 485 -25.31 34.56 -21.98
C GLY B 485 -25.72 33.24 -22.56
N GLN B 486 -25.35 33.00 -23.82
CA GLN B 486 -25.78 31.79 -24.51
C GLN B 486 -24.69 30.74 -24.68
N MET B 487 -25.08 29.62 -25.27
CA MET B 487 -24.16 28.52 -25.52
C MET B 487 -24.65 27.75 -26.75
N ARG B 488 -23.72 27.43 -27.64
CA ARG B 488 -24.06 26.88 -28.93
C ARG B 488 -24.47 25.43 -28.78
N ALA B 489 -24.01 24.82 -27.69
CA ALA B 489 -24.16 23.39 -27.53
C ALA B 489 -23.99 23.00 -26.07
N ALA B 490 -24.67 21.94 -25.65
CA ALA B 490 -24.52 21.40 -24.31
C ALA B 490 -23.27 20.55 -24.25
N THR B 491 -22.69 20.46 -23.06
CA THR B 491 -21.55 19.60 -22.81
C THR B 491 -22.01 18.17 -22.57
N ALA B 492 -21.52 17.22 -23.37
CA ALA B 492 -21.95 15.82 -23.24
C ALA B 492 -21.07 15.06 -22.28
N SER B 493 -21.24 15.35 -21.00
CA SER B 493 -20.46 14.72 -19.95
C SER B 493 -21.49 14.16 -19.00
N PHE B 494 -21.05 13.35 -18.03
CA PHE B 494 -21.97 12.79 -17.05
C PHE B 494 -22.71 13.93 -16.32
N ARG B 495 -21.95 14.93 -15.90
CA ARG B 495 -22.49 16.06 -15.13
C ARG B 495 -23.53 16.89 -15.87
N HIS B 496 -23.28 17.18 -17.14
CA HIS B 496 -24.15 18.10 -17.87
C HIS B 496 -25.10 17.47 -18.90
N ALA B 497 -25.13 16.14 -19.01
CA ALA B 497 -25.94 15.48 -20.06
C ALA B 497 -27.09 14.69 -19.48
N TYR B 498 -27.25 14.74 -18.17
CA TYR B 498 -28.28 13.99 -17.48
C TYR B 498 -28.83 14.83 -16.33
N PRO B 499 -30.13 14.69 -16.03
CA PRO B 499 -30.80 15.40 -14.95
C PRO B 499 -30.22 15.07 -13.59
N THR B 500 -30.47 15.93 -12.62
CA THR B 500 -29.94 15.77 -11.27
C THR B 500 -30.42 14.50 -10.60
N ALA B 501 -31.71 14.17 -10.76
CA ALA B 501 -32.26 12.98 -10.12
C ALA B 501 -31.59 11.70 -10.62
N LEU B 502 -31.27 11.69 -11.91
CA LEU B 502 -30.64 10.51 -12.50
C LEU B 502 -29.19 10.39 -12.03
N ARG B 503 -28.47 11.50 -12.01
CA ARG B 503 -27.07 11.50 -11.61
C ARG B 503 -26.90 10.96 -10.20
N ARG B 504 -27.77 11.41 -9.30
CA ARG B 504 -27.73 10.97 -7.90
C ARG B 504 -28.05 9.49 -7.79
N ARG B 505 -29.02 9.04 -8.59
CA ARG B 505 -29.37 7.61 -8.65
C ARG B 505 -28.18 6.73 -9.01
N VAL B 506 -27.47 7.13 -10.07
CA VAL B 506 -26.29 6.42 -10.53
C VAL B 506 -25.14 6.48 -9.51
N GLU B 507 -25.04 7.60 -8.80
CA GLU B 507 -23.99 7.79 -7.81
C GLU B 507 -24.18 6.91 -6.58
N GLU B 508 -25.39 6.90 -6.05
CA GLU B 508 -25.67 6.14 -4.84
C GLU B 508 -25.78 4.66 -5.14
N ARG B 509 -26.24 4.33 -6.35
CA ARG B 509 -26.42 2.94 -6.74
C ARG B 509 -25.17 2.30 -7.35
N TRP B 510 -24.15 3.12 -7.62
CA TRP B 510 -22.88 2.69 -8.24
C TRP B 510 -22.32 1.34 -7.78
N SER B 511 -22.42 1.05 -6.50
CA SER B 511 -21.78 -0.14 -5.92
C SER B 511 -22.68 -1.35 -5.94
N ASP B 512 -23.97 -1.10 -6.14
CA ASP B 512 -24.92 -2.19 -6.29
C ASP B 512 -24.98 -2.61 -7.75
N TYR B 513 -24.58 -1.71 -8.64
CA TYR B 513 -24.39 -2.02 -10.07
C TYR B 513 -23.31 -3.07 -10.23
N GLY B 514 -22.24 -2.95 -9.44
CA GLY B 514 -21.23 -3.97 -9.34
C GLY B 514 -19.85 -3.35 -9.38
N PHE B 515 -19.82 -2.03 -9.27
CA PHE B 515 -18.58 -1.31 -9.48
C PHE B 515 -17.62 -1.31 -8.28
N GLY B 516 -18.17 -1.24 -7.08
CA GLY B 516 -17.32 -1.02 -5.92
C GLY B 516 -16.80 0.40 -5.99
N ASP B 517 -15.50 0.55 -6.26
CA ASP B 517 -14.88 1.87 -6.41
C ASP B 517 -14.21 2.05 -7.77
N ALA B 518 -14.80 2.88 -8.62
CA ALA B 518 -14.34 3.03 -10.01
C ALA B 518 -13.05 3.85 -10.15
N ARG C 25 -25.26 1.04 12.69
CA ARG C 25 -25.88 0.82 11.39
C ARG C 25 -25.14 -0.25 10.61
N SER C 26 -23.82 -0.31 10.78
CA SER C 26 -23.04 -1.41 10.21
C SER C 26 -23.36 -2.69 10.96
N ALA C 27 -23.40 -2.59 12.29
CA ALA C 27 -23.71 -3.71 13.17
C ALA C 27 -25.14 -4.20 12.96
N LEU C 28 -25.98 -3.36 12.37
CA LEU C 28 -27.41 -3.63 12.33
C LEU C 28 -27.96 -3.89 10.93
N ASP C 29 -27.11 -3.73 9.92
CA ASP C 29 -27.50 -3.93 8.54
C ASP C 29 -26.30 -4.49 7.80
N PHE C 30 -26.47 -5.69 7.25
CA PHE C 30 -25.35 -6.44 6.66
C PHE C 30 -24.87 -5.77 5.39
N ARG C 31 -25.82 -5.38 4.55
CA ARG C 31 -25.47 -4.68 3.31
C ARG C 31 -24.70 -3.38 3.55
N HIS C 32 -25.04 -2.65 4.62
CA HIS C 32 -24.35 -1.39 4.95
C HIS C 32 -22.97 -1.69 5.48
N PHE C 33 -22.86 -2.82 6.17
CA PHE C 33 -21.60 -3.32 6.69
C PHE C 33 -20.60 -3.62 5.56
N VAL C 34 -21.07 -4.31 4.51
CA VAL C 34 -20.27 -4.53 3.32
C VAL C 34 -19.80 -3.21 2.69
N ASP C 35 -20.71 -2.23 2.60
CA ASP C 35 -20.41 -0.95 1.98
C ASP C 35 -19.36 -0.26 2.82
N HIS C 36 -19.43 -0.51 4.12
CA HIS C 36 -18.50 0.08 5.05
C HIS C 36 -17.11 -0.51 4.86
N LEU C 37 -17.05 -1.83 4.73
CA LEU C 37 -15.80 -2.52 4.49
C LEU C 37 -15.08 -1.98 3.27
N ARG C 38 -15.83 -1.74 2.19
CA ARG C 38 -15.23 -1.20 0.99
C ARG C 38 -14.78 0.23 1.22
N ARG C 39 -15.59 0.99 1.95
CA ARG C 39 -15.36 2.40 2.22
C ARG C 39 -14.01 2.65 2.90
N GLN C 40 -13.57 1.68 3.70
CA GLN C 40 -12.32 1.80 4.45
C GLN C 40 -11.20 0.99 3.79
N GLY C 41 -11.40 0.63 2.53
CA GLY C 41 -10.41 -0.13 1.78
C GLY C 41 -10.23 -1.57 2.25
N ASP C 42 -11.29 -2.19 2.74
CA ASP C 42 -11.20 -3.57 3.22
C ASP C 42 -12.16 -4.57 2.53
N LEU C 43 -12.62 -4.23 1.34
CA LEU C 43 -13.39 -5.16 0.51
C LEU C 43 -12.79 -5.21 -0.89
N VAL C 44 -12.75 -6.39 -1.47
CA VAL C 44 -12.31 -6.54 -2.85
C VAL C 44 -13.45 -7.12 -3.67
N ASP C 45 -13.91 -6.35 -4.65
CA ASP C 45 -15.06 -6.76 -5.46
C ASP C 45 -14.65 -7.64 -6.64
N VAL C 46 -14.74 -8.95 -6.43
CA VAL C 46 -14.33 -9.93 -7.44
C VAL C 46 -15.35 -10.07 -8.58
N HIS C 47 -15.09 -9.39 -9.69
CA HIS C 47 -15.98 -9.37 -10.84
C HIS C 47 -15.77 -10.58 -11.72
N THR C 48 -14.59 -11.18 -11.60
CA THR C 48 -14.22 -12.38 -12.33
C THR C 48 -15.22 -13.53 -12.03
N GLU C 49 -15.59 -14.30 -13.04
CA GLU C 49 -16.44 -15.46 -12.77
C GLU C 49 -15.68 -16.48 -11.94
N VAL C 50 -16.32 -16.94 -10.86
CA VAL C 50 -15.73 -17.96 -10.01
C VAL C 50 -16.66 -19.16 -9.86
N ASP C 51 -16.08 -20.28 -9.45
CA ASP C 51 -16.82 -21.53 -9.27
C ASP C 51 -17.06 -21.79 -7.80
N ALA C 52 -18.32 -22.09 -7.47
CA ALA C 52 -18.73 -22.40 -6.09
C ALA C 52 -18.15 -23.73 -5.60
N ASN C 53 -17.85 -24.62 -6.54
CA ASN C 53 -17.09 -25.82 -6.26
C ASN C 53 -15.63 -25.46 -6.02
N LEU C 54 -15.24 -25.38 -4.74
CA LEU C 54 -13.83 -25.22 -4.32
C LEU C 54 -13.11 -23.88 -4.57
N GLU C 55 -13.41 -23.17 -5.66
CA GLU C 55 -12.68 -21.93 -5.98
C GLU C 55 -12.97 -20.80 -4.99
N ILE C 56 -14.24 -20.57 -4.69
CA ILE C 56 -14.59 -19.53 -3.71
C ILE C 56 -13.95 -19.80 -2.35
N GLY C 57 -14.17 -21.01 -1.81
CA GLY C 57 -13.53 -21.45 -0.59
C GLY C 57 -12.01 -21.31 -0.57
N ALA C 58 -11.36 -21.67 -1.68
CA ALA C 58 -9.90 -21.54 -1.78
C ALA C 58 -9.41 -20.09 -1.85
N ILE C 59 -10.15 -19.23 -2.55
CA ILE C 59 -9.78 -17.81 -2.55
C ILE C 59 -9.93 -17.27 -1.13
N THR C 60 -11.06 -17.62 -0.52
CA THR C 60 -11.37 -17.14 0.82
C THR C 60 -10.35 -17.68 1.84
N ARG C 61 -9.89 -18.90 1.60
CA ARG C 61 -8.88 -19.50 2.46
C ARG C 61 -7.57 -18.71 2.39
N ARG C 62 -7.14 -18.38 1.19
CA ARG C 62 -5.89 -17.64 1.04
C ARG C 62 -6.01 -16.27 1.70
N VAL C 63 -7.21 -15.67 1.61
CA VAL C 63 -7.50 -14.38 2.25
C VAL C 63 -7.30 -14.37 3.77
N TYR C 64 -7.84 -15.39 4.46
CA TYR C 64 -7.65 -15.57 5.89
C TYR C 64 -6.19 -15.51 6.26
N GLU C 65 -5.43 -16.42 5.66
CA GLU C 65 -4.04 -16.62 6.01
C GLU C 65 -3.16 -15.46 5.53
N ARG C 66 -3.53 -14.84 4.42
CA ARG C 66 -2.82 -13.63 4.02
C ARG C 66 -3.34 -12.43 4.79
N ARG C 67 -4.48 -12.58 5.46
CA ARG C 67 -5.13 -11.44 6.13
C ARG C 67 -5.44 -10.36 5.09
N ALA C 68 -5.96 -10.80 3.95
CA ALA C 68 -6.33 -9.94 2.84
C ALA C 68 -7.69 -9.30 3.12
N PRO C 69 -8.13 -8.35 2.27
CA PRO C 69 -9.49 -7.84 2.46
C PRO C 69 -10.55 -8.91 2.12
N ALA C 70 -11.78 -8.72 2.63
CA ALA C 70 -12.86 -9.65 2.39
C ALA C 70 -13.28 -9.58 0.93
N PRO C 71 -13.38 -10.74 0.26
CA PRO C 71 -13.81 -10.74 -1.13
C PRO C 71 -15.34 -10.82 -1.29
N LEU C 72 -15.89 -9.82 -1.96
CA LEU C 72 -17.27 -9.89 -2.42
C LEU C 72 -17.32 -10.46 -3.84
N PHE C 73 -17.87 -11.65 -3.99
CA PHE C 73 -17.92 -12.30 -5.29
C PHE C 73 -19.21 -11.92 -6.01
N HIS C 74 -19.07 -11.26 -7.16
CA HIS C 74 -20.20 -10.77 -7.93
C HIS C 74 -20.72 -11.81 -8.94
N ASN C 75 -19.83 -12.70 -9.35
CA ASN C 75 -20.16 -13.57 -10.45
C ASN C 75 -19.78 -15.00 -10.12
N ILE C 76 -20.77 -15.80 -9.73
CA ILE C 76 -20.53 -17.18 -9.36
C ILE C 76 -21.08 -18.09 -10.46
N ARG C 77 -20.27 -19.03 -10.93
CA ARG C 77 -20.63 -19.87 -12.08
C ARG C 77 -21.95 -20.60 -11.91
N ASP C 78 -22.81 -20.48 -12.92
CA ASP C 78 -24.07 -21.24 -13.00
C ASP C 78 -24.98 -21.06 -11.81
N SER C 79 -25.07 -19.84 -11.29
CA SER C 79 -25.89 -19.56 -10.12
C SER C 79 -27.09 -18.71 -10.48
N LEU C 80 -27.91 -18.43 -9.48
CA LEU C 80 -28.95 -17.44 -9.57
C LEU C 80 -28.34 -16.12 -10.01
N PRO C 81 -28.81 -15.57 -11.15
CA PRO C 81 -28.28 -14.31 -11.69
C PRO C 81 -28.48 -13.14 -10.72
N GLY C 82 -27.39 -12.57 -10.22
CA GLY C 82 -27.47 -11.48 -9.26
C GLY C 82 -27.00 -11.83 -7.86
N ALA C 83 -27.13 -13.11 -7.49
CA ALA C 83 -26.71 -13.57 -6.17
C ALA C 83 -25.20 -13.42 -5.99
N ARG C 84 -24.79 -13.09 -4.78
CA ARG C 84 -23.40 -12.81 -4.50
C ARG C 84 -22.90 -13.65 -3.33
N VAL C 85 -21.61 -13.59 -3.05
CA VAL C 85 -21.07 -14.26 -1.88
C VAL C 85 -20.08 -13.33 -1.18
N LEU C 86 -20.14 -13.28 0.14
CA LEU C 86 -19.13 -12.57 0.90
C LEU C 86 -18.26 -13.56 1.67
N GLY C 87 -16.97 -13.54 1.38
CA GLY C 87 -16.02 -14.38 2.07
C GLY C 87 -15.34 -13.58 3.16
N ALA C 88 -14.83 -14.29 4.17
CA ALA C 88 -14.07 -13.69 5.27
C ALA C 88 -14.70 -12.47 6.00
N PRO C 89 -15.98 -12.56 6.41
CA PRO C 89 -16.67 -11.42 7.02
C PRO C 89 -15.98 -10.88 8.27
N ALA C 90 -15.25 -11.73 8.98
CA ALA C 90 -14.54 -11.29 10.18
C ALA C 90 -13.10 -11.81 10.21
N GLY C 91 -12.45 -11.85 9.06
CA GLY C 91 -11.04 -12.16 9.02
C GLY C 91 -10.26 -11.02 9.67
N LEU C 92 -8.97 -11.23 9.90
CA LEU C 92 -8.09 -10.19 10.41
C LEU C 92 -7.41 -9.56 9.22
N ARG C 93 -6.97 -8.33 9.38
CA ARG C 93 -6.30 -7.58 8.31
C ARG C 93 -4.79 -7.57 8.52
N ALA C 94 -4.06 -7.29 7.44
CA ALA C 94 -2.60 -7.27 7.52
C ALA C 94 -2.09 -6.13 8.43
N ASP C 95 -2.68 -4.95 8.28
CA ASP C 95 -2.28 -3.78 9.06
C ASP C 95 -2.57 -4.02 10.54
N ARG C 96 -1.50 -4.23 11.31
CA ARG C 96 -1.60 -4.68 12.70
C ARG C 96 -2.45 -3.80 13.61
N ALA C 97 -2.41 -2.49 13.39
CA ALA C 97 -3.19 -1.57 14.23
C ALA C 97 -4.67 -1.53 13.85
N ARG C 98 -4.98 -2.17 12.72
CA ARG C 98 -6.35 -2.25 12.22
C ARG C 98 -6.73 -3.71 12.02
N ALA C 99 -6.00 -4.61 12.66
CA ALA C 99 -6.15 -6.05 12.42
C ALA C 99 -7.54 -6.61 12.73
N HIS C 100 -8.20 -6.08 13.76
CA HIS C 100 -9.44 -6.67 14.25
C HIS C 100 -10.70 -5.88 13.88
N SER C 101 -10.63 -5.07 12.83
CA SER C 101 -11.68 -4.11 12.54
C SER C 101 -12.93 -4.67 11.83
N ARG C 102 -12.75 -5.68 10.97
CA ARG C 102 -13.90 -6.36 10.38
C ARG C 102 -14.62 -7.01 11.51
N LEU C 103 -13.85 -7.48 12.48
CA LEU C 103 -14.38 -8.14 13.65
C LEU C 103 -15.06 -7.12 14.54
N ALA C 104 -14.37 -6.01 14.81
CA ALA C 104 -14.88 -4.93 15.63
C ALA C 104 -16.22 -4.39 15.14
N LEU C 105 -16.38 -4.34 13.81
CA LEU C 105 -17.63 -3.88 13.21
C LEU C 105 -18.86 -4.68 13.66
N HIS C 106 -18.71 -6.00 13.78
CA HIS C 106 -19.79 -6.87 14.20
C HIS C 106 -20.38 -6.47 15.56
N PHE C 107 -19.60 -5.74 16.34
CA PHE C 107 -20.04 -5.24 17.64
C PHE C 107 -20.14 -3.73 17.61
N GLY C 108 -20.10 -3.17 16.40
CA GLY C 108 -20.20 -1.73 16.19
C GLY C 108 -18.93 -0.94 16.50
N LEU C 109 -17.85 -1.63 16.85
CA LEU C 109 -16.62 -0.99 17.36
C LEU C 109 -15.71 -0.39 16.29
N PRO C 110 -14.84 0.57 16.70
CA PRO C 110 -13.95 1.25 15.76
C PRO C 110 -12.72 0.46 15.28
N GLU C 111 -12.13 0.97 14.21
CA GLU C 111 -11.18 0.24 13.39
C GLU C 111 -9.89 -0.13 14.10
N HIS C 112 -9.57 0.58 15.18
CA HIS C 112 -8.35 0.32 15.97
C HIS C 112 -8.63 -0.41 17.28
N SER C 113 -9.83 -0.99 17.39
CA SER C 113 -10.18 -1.81 18.53
C SER C 113 -9.28 -3.03 18.54
N GLY C 114 -8.65 -3.29 19.69
CA GLY C 114 -7.94 -4.54 19.92
C GLY C 114 -8.77 -5.49 20.77
N PRO C 115 -8.20 -6.66 21.09
CA PRO C 115 -8.88 -7.67 21.93
C PRO C 115 -9.36 -7.12 23.26
N ARG C 116 -8.49 -6.38 23.96
CA ARG C 116 -8.86 -5.79 25.23
C ARG C 116 -10.00 -4.77 25.10
N ASP C 117 -9.96 -3.97 24.04
CA ASP C 117 -11.03 -3.00 23.77
C ASP C 117 -12.37 -3.66 23.50
N ILE C 118 -12.35 -4.80 22.82
CA ILE C 118 -13.56 -5.49 22.42
C ILE C 118 -14.19 -6.28 23.57
N VAL C 119 -13.36 -6.84 24.45
CA VAL C 119 -13.84 -7.63 25.57
C VAL C 119 -14.51 -6.77 26.64
N ALA C 120 -13.85 -5.68 26.99
CA ALA C 120 -14.41 -4.71 27.91
C ALA C 120 -15.76 -4.19 27.43
N MET C 121 -15.92 -4.09 26.12
CA MET C 121 -17.19 -3.69 25.51
C MET C 121 -18.23 -4.81 25.59
N LEU C 122 -17.76 -6.04 25.42
CA LEU C 122 -18.65 -7.19 25.40
C LEU C 122 -19.21 -7.46 26.78
N ARG C 123 -18.35 -7.38 27.79
CA ARG C 123 -18.76 -7.65 29.16
C ARG C 123 -19.74 -6.59 29.66
N ALA C 124 -19.59 -5.38 29.13
CA ALA C 124 -20.50 -4.31 29.46
C ALA C 124 -21.86 -4.61 28.86
N ALA C 125 -21.85 -5.09 27.61
CA ALA C 125 -23.07 -5.38 26.89
C ALA C 125 -23.96 -6.34 27.66
N MET C 126 -23.33 -7.23 28.42
CA MET C 126 -24.02 -8.21 29.24
C MET C 126 -24.60 -7.57 30.50
N ARG C 127 -23.87 -6.61 31.05
CA ARG C 127 -24.30 -5.89 32.26
C ARG C 127 -25.54 -5.04 32.01
N ALA C 128 -25.91 -4.89 30.74
CA ALA C 128 -26.99 -4.00 30.35
C ALA C 128 -28.34 -4.70 30.20
N GLU C 129 -29.41 -3.90 30.28
CA GLU C 129 -30.75 -4.39 30.03
C GLU C 129 -30.86 -4.74 28.55
N PRO C 130 -31.55 -5.83 28.22
CA PRO C 130 -31.83 -6.11 26.82
C PRO C 130 -32.85 -5.12 26.22
N ILE C 131 -32.64 -4.69 24.99
CA ILE C 131 -33.59 -3.82 24.32
C ILE C 131 -34.46 -4.58 23.32
N ALA C 132 -35.70 -4.85 23.70
CA ALA C 132 -36.65 -5.61 22.89
C ALA C 132 -36.75 -5.11 21.44
N PRO C 133 -36.71 -6.03 20.46
CA PRO C 133 -36.71 -5.74 19.02
C PRO C 133 -37.93 -4.96 18.55
N ARG C 134 -37.71 -4.02 17.63
CA ARG C 134 -38.79 -3.23 17.06
C ARG C 134 -39.47 -4.02 15.95
N ARG C 135 -40.79 -4.18 16.03
CA ARG C 135 -41.51 -5.04 15.09
C ARG C 135 -41.98 -4.27 13.87
N LEU C 136 -41.63 -4.77 12.70
CA LEU C 136 -41.92 -4.09 11.44
C LEU C 136 -42.96 -4.87 10.62
N GLU C 137 -43.64 -4.15 9.73
CA GLU C 137 -44.65 -4.74 8.86
C GLU C 137 -43.99 -5.27 7.60
N ARG C 138 -43.04 -4.51 7.05
CA ARG C 138 -42.31 -4.92 5.87
C ARG C 138 -40.81 -4.83 6.08
N GLY C 139 -40.05 -5.52 5.23
CA GLY C 139 -38.60 -5.45 5.27
C GLY C 139 -38.02 -5.82 3.92
N PRO C 140 -36.75 -5.45 3.67
CA PRO C 140 -35.95 -5.78 2.48
C PRO C 140 -35.82 -7.28 2.16
N VAL C 141 -35.72 -8.11 3.19
CA VAL C 141 -35.61 -9.57 3.04
C VAL C 141 -36.86 -10.14 2.37
N GLN C 142 -37.87 -9.29 2.20
CA GLN C 142 -39.11 -9.71 1.57
C GLN C 142 -39.14 -9.43 0.08
N GLU C 143 -38.09 -8.78 -0.43
CA GLU C 143 -38.06 -8.35 -1.82
C GLU C 143 -38.33 -9.48 -2.82
N ASN C 144 -37.97 -10.70 -2.45
CA ASN C 144 -38.20 -11.86 -3.31
C ASN C 144 -38.71 -13.03 -2.48
N VAL C 145 -39.78 -13.69 -2.92
CA VAL C 145 -40.31 -14.85 -2.18
C VAL C 145 -40.48 -16.12 -3.07
N TRP C 146 -40.05 -17.27 -2.54
CA TRP C 146 -40.27 -18.58 -3.17
C TRP C 146 -40.93 -19.53 -2.18
N LEU C 147 -42.11 -20.05 -2.52
CA LEU C 147 -42.87 -20.97 -1.65
C LEU C 147 -42.99 -22.33 -2.31
N GLY C 148 -42.99 -23.39 -1.50
CA GLY C 148 -43.19 -24.74 -1.99
C GLY C 148 -42.25 -25.15 -3.11
N GLU C 149 -42.84 -25.45 -4.27
CA GLU C 149 -42.09 -25.92 -5.44
C GLU C 149 -41.22 -24.85 -6.07
N GLN C 150 -41.33 -23.62 -5.58
CA GLN C 150 -40.46 -22.54 -6.03
C GLN C 150 -39.08 -22.62 -5.36
N VAL C 151 -39.00 -23.32 -4.24
CA VAL C 151 -37.74 -23.51 -3.54
C VAL C 151 -36.78 -24.40 -4.32
N ASP C 152 -35.67 -23.82 -4.77
CA ASP C 152 -34.56 -24.55 -5.38
C ASP C 152 -33.26 -24.00 -4.83
N LEU C 153 -32.81 -24.58 -3.71
CA LEU C 153 -31.63 -24.12 -3.00
C LEU C 153 -30.37 -24.29 -3.82
N THR C 154 -30.44 -25.11 -4.86
CA THR C 154 -29.29 -25.36 -5.73
C THR C 154 -29.06 -24.25 -6.76
N ARG C 155 -30.05 -23.36 -6.92
CA ARG C 155 -29.87 -22.22 -7.80
C ARG C 155 -28.95 -21.16 -7.19
N PHE C 156 -28.88 -21.11 -5.87
CA PHE C 156 -27.97 -20.20 -5.16
C PHE C 156 -26.52 -20.62 -5.32
N PRO C 157 -25.57 -19.69 -5.06
CA PRO C 157 -24.15 -20.05 -5.11
C PRO C 157 -23.66 -20.88 -3.93
N VAL C 158 -24.18 -22.10 -3.76
CA VAL C 158 -23.83 -22.97 -2.64
C VAL C 158 -22.49 -23.67 -2.79
N PRO C 159 -21.52 -23.31 -1.93
CA PRO C 159 -20.12 -23.70 -2.12
C PRO C 159 -19.73 -25.05 -1.52
N LEU C 160 -18.91 -25.80 -2.27
CA LEU C 160 -18.16 -26.90 -1.69
C LEU C 160 -16.92 -26.26 -1.04
N LEU C 161 -16.92 -26.20 0.29
CA LEU C 161 -15.97 -25.34 1.01
C LEU C 161 -14.55 -25.89 1.05
N HIS C 162 -14.44 -27.21 1.25
CA HIS C 162 -13.16 -27.92 1.29
C HIS C 162 -13.27 -29.15 0.39
N GLU C 163 -12.14 -29.59 -0.14
CA GLU C 163 -12.10 -30.69 -1.11
C GLU C 163 -12.58 -32.01 -0.51
N GLN C 164 -12.34 -32.21 0.79
CA GLN C 164 -12.69 -33.46 1.45
C GLN C 164 -13.98 -33.36 2.27
N ASP C 165 -14.73 -32.27 2.06
CA ASP C 165 -16.02 -32.10 2.73
C ASP C 165 -17.02 -33.09 2.15
N GLY C 166 -18.07 -33.39 2.89
CA GLY C 166 -19.03 -34.41 2.50
C GLY C 166 -20.24 -33.90 1.77
N GLY C 167 -20.31 -32.58 1.56
CA GLY C 167 -21.41 -31.97 0.83
C GLY C 167 -21.16 -30.48 0.75
N ARG C 168 -21.99 -29.76 0.00
CA ARG C 168 -21.91 -28.30 -0.05
C ARG C 168 -22.76 -27.68 1.04
N TYR C 169 -22.31 -26.53 1.55
CA TYR C 169 -22.95 -25.91 2.72
C TYR C 169 -23.63 -24.56 2.45
N PHE C 170 -24.96 -24.59 2.45
CA PHE C 170 -25.78 -23.39 2.32
C PHE C 170 -25.53 -22.47 3.51
N GLY C 171 -25.52 -23.03 4.72
CA GLY C 171 -25.35 -22.23 5.92
C GLY C 171 -24.08 -22.49 6.73
N THR C 172 -23.14 -21.55 6.70
CA THR C 172 -21.97 -21.58 7.57
C THR C 172 -21.70 -20.23 8.23
N TYR C 173 -22.62 -19.29 8.04
CA TYR C 173 -22.53 -17.97 8.66
C TYR C 173 -23.92 -17.37 8.80
N GLY C 174 -24.80 -18.13 9.46
CA GLY C 174 -26.15 -17.69 9.73
C GLY C 174 -26.58 -18.25 11.06
N PHE C 175 -27.82 -18.01 11.45
CA PHE C 175 -28.34 -18.63 12.66
C PHE C 175 -29.77 -19.18 12.51
N HIS C 176 -30.09 -20.21 13.30
CA HIS C 176 -31.42 -20.79 13.30
C HIS C 176 -32.37 -19.95 14.12
N VAL C 177 -33.65 -19.93 13.72
CA VAL C 177 -34.70 -19.34 14.54
C VAL C 177 -35.77 -20.37 14.90
N VAL C 178 -35.88 -20.71 16.18
CA VAL C 178 -36.95 -21.56 16.68
C VAL C 178 -37.65 -20.85 17.83
N GLN C 179 -38.82 -21.36 18.21
CA GLN C 179 -39.57 -20.69 19.25
C GLN C 179 -40.49 -21.68 19.95
N THR C 180 -40.53 -21.57 21.28
CA THR C 180 -41.29 -22.47 22.14
C THR C 180 -42.75 -22.56 21.69
N PRO C 181 -43.38 -23.73 21.91
CA PRO C 181 -44.77 -23.99 21.52
C PRO C 181 -45.78 -22.92 21.96
N ASP C 182 -45.67 -22.43 23.20
CA ASP C 182 -46.59 -21.39 23.65
C ASP C 182 -46.20 -19.98 23.18
N GLY C 183 -44.98 -19.84 22.68
CA GLY C 183 -44.53 -18.58 22.11
C GLY C 183 -43.95 -17.62 23.12
N SER C 184 -43.77 -18.10 24.35
CA SER C 184 -43.28 -17.27 25.45
C SER C 184 -41.85 -16.76 25.22
N TRP C 185 -41.05 -17.55 24.51
CA TRP C 185 -39.68 -17.15 24.19
C TRP C 185 -39.19 -17.81 22.91
N ASP C 186 -38.24 -17.16 22.24
CA ASP C 186 -37.67 -17.73 21.01
C ASP C 186 -36.15 -17.86 21.12
N SER C 187 -35.55 -18.62 20.22
CA SER C 187 -34.11 -18.91 20.27
C SER C 187 -33.38 -18.59 18.95
N TRP C 188 -32.18 -18.02 19.07
CA TRP C 188 -31.32 -17.72 17.93
C TRP C 188 -30.00 -18.45 18.09
N SER C 189 -29.77 -19.46 17.26
CA SER C 189 -28.58 -20.31 17.39
C SER C 189 -27.79 -20.37 16.09
N VAL C 190 -26.49 -20.13 16.18
CA VAL C 190 -25.59 -20.35 15.06
C VAL C 190 -25.36 -21.85 14.82
N GLY C 191 -25.46 -22.28 13.57
CA GLY C 191 -25.25 -23.68 13.20
C GLY C 191 -25.09 -23.92 11.70
N ARG C 192 -24.45 -25.03 11.35
CA ARG C 192 -24.17 -25.35 9.94
C ARG C 192 -25.32 -26.12 9.31
N LEU C 193 -25.61 -25.81 8.05
CA LEU C 193 -26.57 -26.58 7.28
C LEU C 193 -25.93 -26.96 5.96
N MET C 194 -25.86 -28.26 5.70
CA MET C 194 -25.36 -28.80 4.44
C MET C 194 -26.48 -28.96 3.42
N LEU C 195 -26.19 -28.61 2.17
CA LEU C 195 -27.18 -28.79 1.11
C LEU C 195 -27.45 -30.27 0.93
N VAL C 196 -28.73 -30.64 0.95
CA VAL C 196 -29.17 -32.03 0.75
C VAL C 196 -29.81 -32.22 -0.63
N ASP C 197 -30.89 -31.48 -0.87
CA ASP C 197 -31.47 -31.42 -2.21
C ASP C 197 -32.08 -30.04 -2.44
N ARG C 198 -33.02 -29.94 -3.38
CA ARG C 198 -33.47 -28.62 -3.82
C ARG C 198 -34.24 -27.86 -2.74
N ASN C 199 -34.74 -28.60 -1.75
CA ASN C 199 -35.50 -28.01 -0.65
C ASN C 199 -35.27 -28.64 0.72
N THR C 200 -34.21 -29.43 0.87
CA THR C 200 -33.87 -29.99 2.18
C THR C 200 -32.45 -29.63 2.55
N LEU C 201 -32.15 -29.65 3.85
CA LEU C 201 -30.80 -29.46 4.39
C LEU C 201 -30.63 -30.32 5.64
N ALA C 202 -29.44 -30.35 6.19
CA ALA C 202 -29.17 -31.17 7.38
C ALA C 202 -27.99 -30.61 8.16
N GLY C 203 -28.13 -30.57 9.48
CA GLY C 203 -27.11 -30.01 10.34
C GLY C 203 -27.45 -30.36 11.76
N PRO C 204 -26.49 -30.20 12.69
CA PRO C 204 -26.62 -30.63 14.08
C PRO C 204 -27.57 -29.78 14.93
N THR C 205 -28.27 -30.48 15.82
CA THR C 205 -29.16 -29.86 16.80
C THR C 205 -28.82 -30.42 18.16
N ILE C 206 -28.10 -29.64 18.96
CA ILE C 206 -27.62 -30.14 20.25
C ILE C 206 -28.75 -30.16 21.29
N PRO C 207 -29.04 -31.35 21.82
CA PRO C 207 -30.08 -31.59 22.83
C PRO C 207 -30.11 -30.60 24.01
N THR C 208 -28.94 -30.12 24.41
CA THR C 208 -28.85 -29.25 25.60
C THR C 208 -28.93 -27.76 25.28
N GLN C 209 -28.56 -27.37 24.06
CA GLN C 209 -28.68 -25.99 23.66
C GLN C 209 -30.15 -25.64 23.47
N HIS C 210 -30.47 -24.35 23.40
CA HIS C 210 -31.85 -23.88 23.38
C HIS C 210 -32.64 -24.44 22.20
N ILE C 211 -31.94 -24.79 21.14
CA ILE C 211 -32.58 -25.40 19.98
C ILE C 211 -32.96 -26.86 20.27
N GLY C 212 -32.17 -27.53 21.11
CA GLY C 212 -32.48 -28.90 21.48
C GLY C 212 -33.70 -29.00 22.37
N ILE C 213 -33.77 -28.11 23.36
CA ILE C 213 -34.89 -28.10 24.31
C ILE C 213 -36.19 -27.69 23.63
N ILE C 214 -36.12 -26.71 22.74
CA ILE C 214 -37.31 -26.28 22.02
C ILE C 214 -37.77 -27.35 21.04
N ARG C 215 -36.80 -28.06 20.46
CA ARG C 215 -37.13 -29.21 19.61
C ARG C 215 -37.90 -30.26 20.40
N GLU C 216 -37.35 -30.65 21.55
CA GLU C 216 -37.99 -31.66 22.39
C GLU C 216 -39.37 -31.20 22.89
N GLN C 217 -39.53 -29.91 23.15
CA GLN C 217 -40.83 -29.36 23.50
C GLN C 217 -41.86 -29.55 22.38
N TRP C 218 -41.45 -29.33 21.14
CA TRP C 218 -42.34 -29.61 20.01
C TRP C 218 -42.48 -31.11 19.79
N ARG C 219 -41.45 -31.87 20.20
CA ARG C 219 -41.51 -33.33 20.12
C ARG C 219 -42.44 -33.90 21.17
N ARG C 220 -42.54 -33.21 22.30
CA ARG C 220 -43.46 -33.59 23.37
C ARG C 220 -44.93 -33.37 22.93
N LEU C 221 -45.10 -32.68 21.80
CA LEU C 221 -46.42 -32.47 21.21
C LEU C 221 -46.62 -33.36 19.98
N GLY C 222 -45.61 -34.18 19.68
CA GLY C 222 -45.66 -35.05 18.52
C GLY C 222 -45.61 -34.29 17.20
N LYS C 223 -44.87 -33.18 17.18
CA LYS C 223 -44.79 -32.33 15.99
C LYS C 223 -43.34 -31.94 15.65
N PRO C 224 -43.06 -31.80 14.35
CA PRO C 224 -41.74 -31.28 13.96
C PRO C 224 -41.68 -29.81 14.33
N THR C 225 -40.46 -29.28 14.44
CA THR C 225 -40.23 -27.96 15.00
C THR C 225 -40.21 -26.86 13.94
N PRO C 226 -41.13 -25.89 14.05
CA PRO C 226 -41.16 -24.74 13.13
C PRO C 226 -39.83 -24.01 13.17
N TRP C 227 -39.27 -23.73 11.99
CA TRP C 227 -37.88 -23.26 11.91
C TRP C 227 -37.67 -22.14 10.88
N ALA C 228 -36.61 -21.36 11.09
CA ALA C 228 -36.10 -20.45 10.09
C ALA C 228 -34.59 -20.39 10.25
N MET C 229 -33.90 -19.91 9.21
CA MET C 229 -32.50 -19.54 9.33
C MET C 229 -32.25 -18.16 8.75
N ALA C 230 -31.54 -17.31 9.48
CA ALA C 230 -31.21 -15.97 9.02
C ALA C 230 -29.77 -15.93 8.51
N LEU C 231 -29.60 -15.69 7.22
CA LEU C 231 -28.29 -15.65 6.60
C LEU C 231 -28.09 -14.29 5.96
N GLY C 232 -26.96 -13.67 6.25
CA GLY C 232 -26.78 -12.27 5.95
C GLY C 232 -27.53 -11.39 6.95
N ALA C 233 -27.76 -11.94 8.14
CA ALA C 233 -28.35 -11.19 9.26
C ALA C 233 -27.42 -10.03 9.65
N PRO C 234 -27.94 -9.06 10.42
CA PRO C 234 -27.08 -8.00 10.93
C PRO C 234 -25.91 -8.59 11.70
N PRO C 235 -24.72 -8.02 11.48
CA PRO C 235 -23.50 -8.49 12.14
C PRO C 235 -23.68 -8.68 13.64
N ALA C 236 -24.39 -7.77 14.31
CA ALA C 236 -24.57 -7.85 15.76
C ALA C 236 -25.57 -8.93 16.17
N ALA C 237 -26.49 -9.27 15.27
CA ALA C 237 -27.42 -10.38 15.46
C ALA C 237 -26.73 -11.75 15.32
N LEU C 238 -25.85 -11.90 14.35
CA LEU C 238 -25.03 -13.10 14.29
C LEU C 238 -24.19 -13.27 15.56
N ALA C 239 -23.63 -12.16 16.04
CA ALA C 239 -22.80 -12.20 17.25
C ALA C 239 -23.61 -12.61 18.50
N ALA C 240 -24.72 -11.92 18.71
CA ALA C 240 -25.58 -12.17 19.86
C ALA C 240 -26.24 -13.55 19.80
N ALA C 241 -26.09 -14.23 18.66
CA ALA C 241 -26.70 -15.53 18.43
C ALA C 241 -25.93 -16.65 19.15
N MET C 243 -23.54 -16.48 22.60
CA MET C 243 -23.94 -15.73 23.79
C MET C 243 -25.09 -16.41 24.53
N PRO C 244 -24.77 -17.44 25.33
CA PRO C 244 -25.76 -18.25 26.06
C PRO C 244 -26.53 -17.47 27.13
N LEU C 245 -27.85 -17.62 27.10
CA LEU C 245 -28.76 -16.94 28.01
C LEU C 245 -29.51 -17.99 28.79
N PRO C 246 -30.30 -17.58 29.79
CA PRO C 246 -31.19 -18.54 30.44
C PRO C 246 -32.20 -19.14 29.46
N GLU C 247 -32.82 -20.25 29.84
CA GLU C 247 -34.03 -20.68 29.16
C GLU C 247 -35.08 -19.61 29.43
N GLY C 248 -35.87 -19.28 28.41
CA GLY C 248 -36.93 -18.30 28.58
C GLY C 248 -36.54 -16.91 28.10
N VAL C 249 -35.25 -16.71 27.86
CA VAL C 249 -34.73 -15.42 27.43
C VAL C 249 -34.33 -15.47 25.95
N SER C 250 -34.65 -14.39 25.23
CA SER C 250 -34.35 -14.30 23.80
C SER C 250 -33.02 -13.58 23.51
N GLU C 251 -32.32 -14.05 22.48
CA GLU C 251 -31.03 -13.50 22.05
C GLU C 251 -31.20 -12.15 21.36
N ALA C 252 -32.38 -11.94 20.78
CA ALA C 252 -32.69 -10.72 20.03
C ALA C 252 -32.51 -9.49 20.88
N GLY C 253 -32.99 -9.57 22.11
CA GLY C 253 -32.93 -8.45 23.04
C GLY C 253 -31.51 -7.98 23.26
N TYR C 254 -30.59 -8.92 23.43
CA TYR C 254 -29.23 -8.56 23.81
C TYR C 254 -28.41 -7.96 22.67
N VAL C 255 -29.04 -7.81 21.51
CA VAL C 255 -28.47 -7.02 20.43
C VAL C 255 -28.59 -5.55 20.79
N GLY C 256 -29.78 -5.14 21.21
CA GLY C 256 -30.03 -3.76 21.61
C GLY C 256 -29.06 -3.30 22.69
N ALA C 257 -28.75 -4.20 23.61
CA ALA C 257 -27.80 -3.92 24.67
C ALA C 257 -26.39 -3.74 24.14
N LEU C 258 -26.08 -4.45 23.06
CA LEU C 258 -24.74 -4.39 22.47
C LEU C 258 -24.50 -3.08 21.72
N VAL C 259 -25.49 -2.63 20.95
CA VAL C 259 -25.29 -1.45 20.10
C VAL C 259 -26.16 -0.23 20.48
N GLY C 260 -26.94 -0.34 21.55
CA GLY C 260 -27.71 0.80 22.03
C GLY C 260 -28.96 1.10 21.23
N GLU C 261 -29.19 0.31 20.17
CA GLU C 261 -30.38 0.41 19.35
C GLU C 261 -30.95 -0.99 19.15
N PRO C 262 -32.29 -1.10 19.07
CA PRO C 262 -32.95 -2.40 18.85
C PRO C 262 -32.77 -2.94 17.43
N VAL C 263 -32.83 -4.26 17.28
CA VAL C 263 -32.85 -4.87 15.95
C VAL C 263 -34.28 -4.82 15.39
N GLU C 264 -34.42 -4.51 14.10
CA GLU C 264 -35.73 -4.48 13.47
C GLU C 264 -36.09 -5.83 12.87
N VAL C 265 -37.24 -6.37 13.28
CA VAL C 265 -37.66 -7.68 12.81
C VAL C 265 -38.96 -7.62 11.99
N VAL C 266 -39.30 -8.74 11.36
CA VAL C 266 -40.53 -8.93 10.59
C VAL C 266 -40.89 -10.40 10.66
N ARG C 267 -42.14 -10.73 10.38
CA ARG C 267 -42.55 -12.14 10.35
C ARG C 267 -42.08 -12.84 9.07
N THR C 268 -41.83 -14.14 9.19
CA THR C 268 -41.61 -14.98 8.02
C THR C 268 -42.92 -15.13 7.25
N GLN C 269 -42.86 -15.76 6.08
CA GLN C 269 -44.02 -15.77 5.21
C GLN C 269 -44.90 -16.95 5.53
N THR C 270 -44.33 -17.91 6.26
CA THR C 270 -44.91 -19.24 6.34
C THR C 270 -45.21 -19.69 7.79
N ASN C 271 -44.38 -19.25 8.73
CA ASN C 271 -44.49 -19.78 10.08
C ASN C 271 -44.52 -18.79 11.24
N GLY C 272 -44.84 -17.52 10.96
CA GLY C 272 -45.06 -16.54 12.01
C GLY C 272 -43.93 -16.31 13.01
N LEU C 273 -42.74 -16.81 12.71
CA LEU C 273 -41.56 -16.57 13.53
C LEU C 273 -40.95 -15.22 13.20
N TRP C 274 -40.19 -14.65 14.14
CA TRP C 274 -39.60 -13.35 13.90
C TRP C 274 -38.13 -13.42 13.50
N VAL C 275 -37.84 -12.89 12.30
CA VAL C 275 -36.50 -12.77 11.73
C VAL C 275 -36.12 -11.30 11.50
N PRO C 276 -34.82 -10.98 11.38
CA PRO C 276 -34.48 -9.58 11.12
C PRO C 276 -34.97 -9.05 9.76
N ALA C 277 -35.53 -7.84 9.75
CA ALA C 277 -36.01 -7.21 8.53
C ALA C 277 -34.92 -7.04 7.47
N ASN C 278 -33.66 -7.04 7.93
CA ASN C 278 -32.52 -6.67 7.09
C ASN C 278 -31.82 -7.84 6.44
N THR C 279 -32.22 -9.05 6.80
CA THR C 279 -31.47 -10.24 6.46
C THR C 279 -31.33 -10.39 4.95
N GLU C 280 -30.17 -10.82 4.47
CA GLU C 280 -30.00 -11.04 3.03
C GLU C 280 -30.90 -12.18 2.58
N ILE C 281 -30.83 -13.28 3.34
CA ILE C 281 -31.50 -14.53 2.96
C ILE C 281 -32.15 -15.17 4.18
N VAL C 282 -33.43 -15.49 4.07
CA VAL C 282 -34.12 -16.23 5.12
C VAL C 282 -34.68 -17.55 4.58
N LEU C 283 -34.34 -18.66 5.23
CA LEU C 283 -34.90 -19.99 4.93
C LEU C 283 -35.96 -20.35 5.97
N GLU C 284 -37.11 -20.82 5.48
CA GLU C 284 -38.27 -21.09 6.33
C GLU C 284 -38.68 -22.57 6.23
N GLY C 285 -39.13 -23.14 7.33
CA GLY C 285 -39.55 -24.52 7.31
C GLY C 285 -39.70 -25.18 8.67
N GLU C 286 -39.13 -26.36 8.83
CA GLU C 286 -39.30 -27.08 10.08
C GLU C 286 -38.22 -28.14 10.30
N ILE C 287 -38.02 -28.50 11.56
CA ILE C 287 -37.03 -29.53 11.88
C ILE C 287 -37.70 -30.91 12.08
N SER C 288 -37.43 -31.81 11.14
CA SER C 288 -37.93 -33.18 11.23
C SER C 288 -37.65 -33.88 12.55
N LEU C 289 -38.71 -34.46 13.13
CA LEU C 289 -38.63 -35.23 14.36
C LEU C 289 -37.79 -36.49 14.22
N ASP C 290 -37.76 -37.05 13.01
CA ASP C 290 -37.36 -38.44 12.83
C ASP C 290 -36.34 -38.65 11.71
N GLU C 291 -36.47 -37.88 10.63
CA GLU C 291 -35.64 -38.09 9.46
C GLU C 291 -34.24 -37.49 9.62
N THR C 292 -33.26 -38.15 9.01
CA THR C 292 -31.88 -37.72 9.06
C THR C 292 -31.26 -37.87 7.69
N ALA C 293 -30.19 -37.10 7.45
CA ALA C 293 -29.35 -37.28 6.27
C ALA C 293 -27.93 -37.41 6.80
N LEU C 294 -27.03 -37.96 5.98
CA LEU C 294 -25.62 -38.04 6.36
C LEU C 294 -24.96 -36.69 6.13
N GLU C 295 -24.62 -35.98 7.20
CA GLU C 295 -24.12 -34.63 7.08
C GLU C 295 -22.63 -34.59 7.37
N GLY C 296 -21.92 -33.80 6.58
CA GLY C 296 -20.48 -33.70 6.70
C GLY C 296 -19.78 -34.84 5.98
N PRO C 297 -18.48 -34.98 6.24
CA PRO C 297 -17.73 -34.09 7.14
C PRO C 297 -17.48 -32.69 6.58
N MET C 298 -17.05 -31.79 7.44
CA MET C 298 -16.58 -30.48 7.01
C MET C 298 -15.25 -30.17 7.71
N GLY C 299 -14.46 -29.30 7.12
CA GLY C 299 -13.26 -28.80 7.77
C GLY C 299 -13.71 -27.88 8.89
N GLU C 300 -13.02 -27.92 10.01
CA GLU C 300 -13.55 -27.25 11.18
C GLU C 300 -12.57 -26.33 11.91
N TYR C 301 -13.12 -25.63 12.90
CA TYR C 301 -12.44 -24.59 13.68
C TYR C 301 -11.10 -25.03 14.27
N HIS C 302 -10.94 -26.33 14.46
CA HIS C 302 -9.74 -26.88 15.08
C HIS C 302 -8.64 -27.03 14.06
N GLY C 303 -8.97 -26.79 12.80
CA GLY C 303 -7.97 -26.77 11.74
C GLY C 303 -7.93 -28.06 10.95
N TYR C 304 -8.75 -29.02 11.32
CA TYR C 304 -8.68 -30.35 10.71
C TYR C 304 -9.97 -30.73 9.97
N SER C 305 -9.81 -31.53 8.94
CA SER C 305 -10.96 -32.08 8.22
C SER C 305 -11.04 -33.59 8.47
N PHE C 306 -11.89 -33.97 9.41
CA PHE C 306 -12.10 -35.37 9.70
C PHE C 306 -12.80 -36.04 8.51
N PRO C 307 -12.54 -37.34 8.31
CA PRO C 307 -12.97 -38.02 7.09
C PRO C 307 -14.38 -38.63 7.13
N ILE C 308 -15.05 -38.60 8.28
CA ILE C 308 -16.35 -39.24 8.41
C ILE C 308 -17.47 -38.31 8.89
N GLY C 309 -18.60 -38.31 8.18
CA GLY C 309 -19.73 -37.46 8.49
C GLY C 309 -20.83 -38.19 9.26
N LYS C 310 -21.69 -37.43 9.93
CA LYS C 310 -22.69 -38.03 10.81
C LYS C 310 -24.12 -37.84 10.32
N PRO C 311 -25.04 -38.72 10.77
CA PRO C 311 -26.44 -38.46 10.42
C PRO C 311 -27.04 -37.38 11.33
N GLN C 312 -27.64 -36.36 10.70
CA GLN C 312 -28.17 -35.20 11.40
C GLN C 312 -29.61 -34.95 11.00
N PRO C 313 -30.39 -34.31 11.89
CA PRO C 313 -31.81 -34.10 11.56
C PRO C 313 -31.99 -33.33 10.24
N LEU C 314 -33.10 -33.62 9.55
CA LEU C 314 -33.45 -32.96 8.31
C LEU C 314 -34.13 -31.63 8.53
N PHE C 315 -33.87 -30.70 7.61
CA PHE C 315 -34.43 -29.37 7.66
C PHE C 315 -35.21 -29.18 6.38
N HIS C 316 -36.54 -29.24 6.47
CA HIS C 316 -37.37 -29.03 5.31
C HIS C 316 -37.62 -27.54 5.07
N VAL C 317 -37.15 -27.06 3.92
CA VAL C 317 -37.33 -25.67 3.53
C VAL C 317 -38.62 -25.59 2.72
N HIS C 318 -39.64 -24.95 3.30
CA HIS C 318 -40.96 -24.86 2.67
C HIS C 318 -41.04 -23.58 1.88
N ALA C 319 -40.24 -22.60 2.30
CA ALA C 319 -40.21 -21.29 1.65
C ALA C 319 -38.86 -20.59 1.87
N LEU C 320 -38.58 -19.57 1.08
CA LEU C 320 -37.41 -18.72 1.28
C LEU C 320 -37.62 -17.32 0.74
N SER C 321 -37.02 -16.34 1.40
CA SER C 321 -37.06 -15.00 0.87
C SER C 321 -35.66 -14.40 0.85
N PHE C 322 -35.47 -13.35 0.05
CA PHE C 322 -34.15 -12.73 -0.08
C PHE C 322 -34.20 -11.31 -0.63
N ARG C 323 -33.12 -10.57 -0.39
CA ARG C 323 -32.95 -9.22 -0.92
C ARG C 323 -32.50 -9.33 -2.36
N ASP C 324 -32.86 -8.33 -3.17
CA ASP C 324 -32.38 -8.27 -4.53
C ASP C 324 -30.87 -8.40 -4.54
N GLN C 325 -30.36 -9.27 -5.41
CA GLN C 325 -28.95 -9.62 -5.47
C GLN C 325 -28.40 -10.03 -4.12
N PRO C 326 -28.96 -11.11 -3.54
CA PRO C 326 -28.63 -11.48 -2.17
C PRO C 326 -27.16 -11.82 -1.98
N ILE C 327 -26.60 -11.38 -0.87
CA ILE C 327 -25.25 -11.77 -0.50
C ILE C 327 -25.28 -12.94 0.48
N LEU C 328 -24.63 -14.01 0.09
CA LEU C 328 -24.43 -15.15 0.94
C LEU C 328 -23.07 -15.03 1.67
N PRO C 329 -23.09 -14.68 2.97
CA PRO C 329 -21.83 -14.71 3.70
C PRO C 329 -21.45 -16.16 4.03
N ILE C 330 -20.15 -16.45 4.09
CA ILE C 330 -19.72 -17.81 4.29
C ILE C 330 -18.53 -17.82 5.22
N CYS C 331 -18.30 -18.97 5.85
CA CYS C 331 -17.12 -19.19 6.67
C CYS C 331 -16.39 -20.38 6.11
N VAL C 332 -15.09 -20.23 5.86
CA VAL C 332 -14.31 -21.36 5.39
C VAL C 332 -13.49 -21.88 6.55
N ALA C 333 -14.12 -22.73 7.35
CA ALA C 333 -13.55 -23.14 8.63
C ALA C 333 -12.18 -23.82 8.49
N GLY C 334 -11.32 -23.66 9.51
CA GLY C 334 -10.02 -24.35 9.50
C GLY C 334 -8.90 -23.73 10.32
N THR C 335 -7.67 -23.87 9.85
CA THR C 335 -6.53 -23.25 10.52
C THR C 335 -6.70 -21.73 10.64
N PRO C 336 -6.33 -21.17 11.79
CA PRO C 336 -6.53 -19.75 12.12
C PRO C 336 -5.78 -18.79 11.20
N PRO C 337 -6.24 -17.54 11.11
CA PRO C 337 -7.34 -16.91 11.84
C PRO C 337 -8.67 -16.82 11.06
N GLU C 338 -9.72 -17.48 11.57
CA GLU C 338 -11.03 -17.47 10.90
C GLU C 338 -12.20 -17.17 11.88
N GLU C 339 -13.42 -17.00 11.38
CA GLU C 339 -14.56 -16.56 12.22
C GLU C 339 -14.91 -17.43 13.44
N ASN C 340 -14.54 -18.69 13.46
CA ASN C 340 -14.72 -19.46 14.68
C ASN C 340 -13.84 -18.90 15.77
N HIS C 341 -12.66 -18.41 15.38
CA HIS C 341 -11.69 -17.91 16.33
C HIS C 341 -11.94 -16.45 16.72
N THR C 342 -12.05 -15.58 15.72
CA THR C 342 -12.16 -14.14 15.96
C THR C 342 -13.50 -13.76 16.59
N ILE C 343 -14.55 -14.48 16.22
CA ILE C 343 -15.88 -14.16 16.72
C ILE C 343 -16.19 -14.85 18.04
N TRP C 344 -16.19 -16.18 18.03
CA TRP C 344 -16.62 -16.94 19.19
C TRP C 344 -15.52 -17.01 20.22
N GLY C 345 -14.28 -17.15 19.75
CA GLY C 345 -13.14 -17.13 20.63
C GLY C 345 -13.11 -15.88 21.49
N THR C 346 -13.22 -14.73 20.82
CA THR C 346 -13.30 -13.44 21.47
C THR C 346 -14.43 -13.36 22.46
N MET C 347 -15.61 -13.84 22.04
CA MET C 347 -16.78 -13.78 22.90
C MET C 347 -16.63 -14.69 24.11
N ILE C 348 -16.14 -15.91 23.89
CA ILE C 348 -15.84 -16.83 24.96
C ILE C 348 -14.92 -16.15 25.96
N SER C 349 -13.93 -15.44 25.43
CA SER C 349 -12.95 -14.77 26.26
C SER C 349 -13.64 -13.82 27.22
N ALA C 350 -14.49 -12.93 26.70
CA ALA C 350 -15.20 -11.97 27.56
C ALA C 350 -16.15 -12.65 28.53
N GLN C 351 -16.79 -13.73 28.09
CA GLN C 351 -17.67 -14.52 28.95
C GLN C 351 -16.87 -15.17 30.07
N LEU C 352 -15.69 -15.66 29.74
CA LEU C 352 -14.85 -16.31 30.74
C LEU C 352 -14.29 -15.31 31.74
N LEU C 353 -14.06 -14.09 31.30
CA LEU C 353 -13.58 -13.06 32.20
C LEU C 353 -14.67 -12.72 33.23
N ASP C 354 -15.92 -12.72 32.76
CA ASP C 354 -17.07 -12.36 33.59
C ASP C 354 -17.34 -13.49 34.57
N VAL C 355 -17.35 -14.71 34.05
CA VAL C 355 -17.52 -15.92 34.85
C VAL C 355 -16.58 -15.97 36.05
N ALA C 356 -15.31 -15.66 35.80
CA ALA C 356 -14.24 -15.79 36.80
C ALA C 356 -14.25 -14.67 37.83
N GLN C 357 -14.52 -13.45 37.37
CA GLN C 357 -14.63 -12.32 38.28
C GLN C 357 -15.84 -12.52 39.22
N ASN C 358 -16.88 -13.16 38.69
CA ASN C 358 -18.05 -13.51 39.50
C ASN C 358 -17.73 -14.47 40.64
N ALA C 359 -16.82 -15.39 40.38
CA ALA C 359 -16.46 -16.41 41.35
C ALA C 359 -15.46 -15.88 42.37
N GLY C 360 -15.02 -14.64 42.19
CA GLY C 360 -14.02 -14.05 43.08
C GLY C 360 -12.58 -14.37 42.72
N LEU C 361 -12.38 -14.96 41.54
CA LEU C 361 -11.03 -15.27 41.09
C LEU C 361 -10.33 -14.01 40.62
N PRO C 362 -9.04 -13.89 40.94
CA PRO C 362 -8.22 -12.72 40.59
C PRO C 362 -7.80 -12.69 39.11
N VAL C 363 -8.77 -12.58 38.20
CA VAL C 363 -8.49 -12.57 36.77
C VAL C 363 -8.91 -11.25 36.12
N ASP C 364 -7.95 -10.56 35.48
CA ASP C 364 -8.21 -9.25 34.87
C ASP C 364 -8.37 -9.28 33.35
N MET C 365 -8.14 -10.45 32.76
CA MET C 365 -8.27 -10.62 31.31
C MET C 365 -8.21 -12.09 30.97
N VAL C 366 -9.03 -12.50 30.01
CA VAL C 366 -8.94 -13.84 29.46
C VAL C 366 -8.84 -13.72 27.93
N TRP C 367 -7.97 -14.52 27.33
CA TRP C 367 -7.83 -14.51 25.88
C TRP C 367 -7.66 -15.91 25.29
N CYS C 368 -8.53 -16.23 24.35
CA CYS C 368 -8.48 -17.48 23.61
C CYS C 368 -7.67 -17.25 22.34
N SER C 369 -6.34 -17.39 22.46
CA SER C 369 -5.40 -17.17 21.37
C SER C 369 -5.92 -17.75 20.06
N TYR C 370 -5.92 -16.92 19.02
CA TYR C 370 -6.43 -17.36 17.73
C TYR C 370 -5.51 -18.44 17.17
N GLU C 371 -4.23 -18.30 17.46
CA GLU C 371 -3.18 -19.21 17.05
C GLU C 371 -3.40 -20.64 17.53
N ALA C 372 -4.04 -20.77 18.70
CA ALA C 372 -4.35 -22.07 19.27
C ALA C 372 -5.71 -22.62 18.80
N ALA C 373 -6.33 -21.95 17.84
CA ALA C 373 -7.57 -22.42 17.22
C ALA C 373 -8.69 -22.71 18.22
N THR C 374 -8.90 -21.77 19.15
CA THR C 374 -9.91 -21.88 20.20
C THR C 374 -9.74 -23.11 21.08
N CYS C 375 -8.51 -23.57 21.22
CA CYS C 375 -8.24 -24.71 22.08
C CYS C 375 -7.52 -24.28 23.36
N TRP C 376 -7.05 -23.04 23.38
CA TRP C 376 -6.46 -22.45 24.58
C TRP C 376 -7.29 -21.30 25.09
N ALA C 377 -7.45 -21.22 26.42
CA ALA C 377 -7.92 -20.00 27.06
C ALA C 377 -6.82 -19.50 27.99
N VAL C 378 -6.23 -18.35 27.69
CA VAL C 378 -5.17 -17.81 28.54
C VAL C 378 -5.73 -16.86 29.59
N LEU C 379 -5.54 -17.22 30.87
CA LEU C 379 -6.08 -16.41 31.96
C LEU C 379 -5.01 -15.60 32.68
N SER C 380 -5.17 -14.28 32.59
CA SER C 380 -4.30 -13.30 33.19
C SER C 380 -4.58 -13.16 34.69
N ILE C 381 -3.62 -13.51 35.53
CA ILE C 381 -3.84 -13.55 36.98
C ILE C 381 -3.26 -12.34 37.72
N ASP C 382 -4.12 -11.62 38.44
CA ASP C 382 -3.68 -10.53 39.31
C ASP C 382 -2.95 -11.11 40.53
N VAL C 383 -1.63 -10.98 40.55
CA VAL C 383 -0.82 -11.62 41.59
C VAL C 383 -0.83 -10.90 42.94
N GLN C 384 -1.14 -9.61 42.92
CA GLN C 384 -1.33 -8.89 44.18
C GLN C 384 -2.53 -9.47 44.93
N ARG C 385 -3.52 -9.92 44.16
CA ARG C 385 -4.76 -10.43 44.71
C ARG C 385 -4.72 -11.95 44.95
N LEU C 386 -3.68 -12.60 44.43
CA LEU C 386 -3.50 -14.04 44.56
C LEU C 386 -2.90 -14.43 45.91
N ALA C 387 -1.89 -13.69 46.35
CA ALA C 387 -1.28 -13.93 47.66
C ALA C 387 -2.30 -13.91 48.79
N ALA C 388 -3.32 -13.08 48.62
CA ALA C 388 -4.39 -12.99 49.61
C ALA C 388 -5.19 -14.29 49.72
N LEU C 389 -5.23 -15.08 48.64
CA LEU C 389 -5.97 -16.33 48.63
C LEU C 389 -5.32 -17.42 49.48
N GLY C 390 -4.02 -17.29 49.75
CA GLY C 390 -3.31 -18.25 50.59
C GLY C 390 -3.43 -19.72 50.20
N THR C 391 -3.36 -19.98 48.90
CA THR C 391 -3.56 -21.35 48.39
C THR C 391 -2.28 -21.87 47.73
N ASP C 392 -2.41 -22.81 46.80
CA ASP C 392 -1.25 -23.25 45.98
C ASP C 392 -1.67 -23.53 44.54
N ALA C 393 -0.69 -23.81 43.68
CA ALA C 393 -0.94 -24.08 42.26
C ALA C 393 -1.98 -25.19 42.03
N ALA C 394 -1.78 -26.33 42.70
CA ALA C 394 -2.72 -27.45 42.65
C ALA C 394 -4.13 -27.02 43.00
N ALA C 395 -4.30 -26.46 44.20
CA ALA C 395 -5.63 -26.10 44.70
C ALA C 395 -6.28 -25.03 43.81
N PHE C 396 -5.50 -24.01 43.48
CA PHE C 396 -6.01 -22.89 42.69
C PHE C 396 -6.39 -23.34 41.29
N ALA C 397 -5.64 -24.29 40.72
CA ALA C 397 -5.94 -24.86 39.42
C ALA C 397 -7.29 -25.59 39.41
N ALA C 398 -7.54 -26.33 40.48
CA ALA C 398 -8.80 -27.05 40.63
C ALA C 398 -9.98 -26.07 40.71
N ARG C 399 -9.83 -25.04 41.55
CA ARG C 399 -10.88 -24.02 41.70
C ARG C 399 -11.19 -23.37 40.36
N VAL C 400 -10.15 -22.96 39.63
CA VAL C 400 -10.28 -22.34 38.32
C VAL C 400 -11.01 -23.24 37.32
N ALA C 401 -10.55 -24.48 37.19
CA ALA C 401 -11.16 -25.47 36.29
C ALA C 401 -12.65 -25.66 36.53
N GLU C 402 -13.03 -25.93 37.79
CA GLU C 402 -14.41 -26.13 38.18
C GLU C 402 -15.30 -24.93 37.85
N THR C 403 -14.78 -23.74 38.12
CA THR C 403 -15.46 -22.48 37.79
C THR C 403 -15.61 -22.28 36.28
N VAL C 404 -14.49 -22.31 35.56
CA VAL C 404 -14.44 -22.10 34.11
C VAL C 404 -15.15 -23.18 33.30
N PHE C 405 -14.73 -24.43 33.50
CA PHE C 405 -15.31 -25.57 32.78
C PHE C 405 -16.79 -25.74 33.12
N GLY C 406 -17.22 -25.14 34.22
CA GLY C 406 -18.60 -25.23 34.68
C GLY C 406 -19.55 -24.32 33.92
N SER C 407 -19.00 -23.32 33.24
CA SER C 407 -19.79 -22.40 32.46
C SER C 407 -19.98 -22.93 31.05
N HIS C 408 -20.89 -22.31 30.28
CA HIS C 408 -21.10 -22.72 28.90
C HIS C 408 -19.90 -22.36 28.02
N ALA C 409 -19.46 -21.11 28.10
CA ALA C 409 -18.26 -20.65 27.40
C ALA C 409 -17.03 -21.52 27.64
N GLY C 410 -16.80 -21.86 28.91
CA GLY C 410 -15.64 -22.65 29.29
C GLY C 410 -15.70 -24.10 28.85
N HIS C 411 -16.91 -24.63 28.69
CA HIS C 411 -17.07 -26.02 28.25
C HIS C 411 -16.55 -26.20 26.82
N LEU C 412 -16.45 -25.11 26.09
CA LEU C 412 -16.03 -25.17 24.70
C LEU C 412 -14.52 -25.16 24.56
N VAL C 413 -13.79 -24.96 25.67
CA VAL C 413 -12.32 -24.86 25.61
C VAL C 413 -11.64 -25.78 26.63
N PRO C 414 -10.95 -26.82 26.12
CA PRO C 414 -10.36 -27.87 26.96
C PRO C 414 -9.15 -27.41 27.79
N LYS C 415 -8.30 -26.55 27.23
CA LYS C 415 -7.07 -26.17 27.92
C LYS C 415 -7.12 -24.74 28.46
N LEU C 416 -6.76 -24.58 29.73
CA LEU C 416 -6.61 -23.26 30.33
C LEU C 416 -5.14 -23.03 30.68
N ILE C 417 -4.66 -21.82 30.45
CA ILE C 417 -3.31 -21.43 30.86
C ILE C 417 -3.42 -20.34 31.91
N LEU C 418 -2.69 -20.49 33.01
CA LEU C 418 -2.70 -19.48 34.08
C LEU C 418 -1.35 -18.80 34.20
N VAL C 419 -1.35 -17.47 34.11
CA VAL C 419 -0.10 -16.72 34.12
C VAL C 419 -0.29 -15.33 34.73
N GLY C 420 0.72 -14.85 35.44
CA GLY C 420 0.68 -13.51 36.01
C GLY C 420 0.45 -12.43 34.97
N ASN C 421 -0.24 -11.36 35.37
CA ASN C 421 -0.58 -10.29 34.46
C ASN C 421 0.61 -9.43 34.01
N ASP C 422 1.83 -9.85 34.37
CA ASP C 422 3.03 -9.13 33.92
C ASP C 422 3.19 -9.25 32.40
N ILE C 423 2.63 -10.31 31.82
CA ILE C 423 2.64 -10.48 30.37
C ILE C 423 1.28 -10.15 29.80
N ASP C 424 1.23 -9.90 28.50
CA ASP C 424 0.00 -9.62 27.79
C ASP C 424 -0.56 -10.91 27.18
N VAL C 425 -1.67 -11.37 27.74
CA VAL C 425 -2.24 -12.64 27.29
C VAL C 425 -2.89 -12.56 25.91
N THR C 426 -2.94 -11.35 25.35
CA THR C 426 -3.45 -11.22 24.00
C THR C 426 -2.31 -11.42 23.00
N GLU C 427 -1.07 -11.49 23.53
CA GLU C 427 0.12 -11.59 22.70
C GLU C 427 0.76 -12.96 22.80
N ILE C 428 0.67 -13.74 21.72
CA ILE C 428 1.09 -15.13 21.73
C ILE C 428 2.58 -15.35 22.03
N ASP C 429 3.44 -14.45 21.55
CA ASP C 429 4.88 -14.60 21.81
C ASP C 429 5.19 -14.42 23.28
N GLN C 430 4.39 -13.61 23.96
CA GLN C 430 4.50 -13.43 25.41
C GLN C 430 3.97 -14.64 26.19
N VAL C 431 2.86 -15.20 25.72
CA VAL C 431 2.32 -16.41 26.29
C VAL C 431 3.36 -17.52 26.11
N VAL C 432 3.97 -17.57 24.93
CA VAL C 432 4.97 -18.58 24.62
C VAL C 432 6.18 -18.53 25.56
N TRP C 433 6.68 -17.32 25.82
CA TRP C 433 7.77 -17.15 26.79
C TRP C 433 7.35 -17.55 28.19
N ALA C 434 6.13 -17.18 28.58
CA ALA C 434 5.60 -17.60 29.87
C ALA C 434 5.57 -19.11 29.99
N LEU C 435 5.07 -19.77 28.94
CA LEU C 435 4.99 -21.22 28.86
C LEU C 435 6.34 -21.92 29.04
N ALA C 436 7.29 -21.55 28.20
CA ALA C 436 8.59 -22.22 28.20
C ALA C 436 9.38 -22.00 29.50
N THR C 437 9.34 -20.79 30.04
CA THR C 437 10.24 -20.40 31.13
C THR C 437 9.63 -20.56 32.52
N ARG C 438 8.31 -20.74 32.60
CA ARG C 438 7.63 -20.73 33.89
C ARG C 438 6.91 -22.01 34.21
N ALA C 439 6.51 -22.76 33.18
CA ALA C 439 5.79 -24.00 33.41
C ALA C 439 6.74 -25.17 33.72
N HIS C 440 6.83 -25.53 35.00
CA HIS C 440 7.64 -26.66 35.47
C HIS C 440 6.98 -28.01 35.21
N PRO C 441 7.66 -28.89 34.45
CA PRO C 441 7.23 -30.23 34.06
C PRO C 441 6.61 -31.09 35.15
N LEU C 442 7.06 -30.97 36.39
CA LEU C 442 6.61 -31.87 37.48
C LEU C 442 5.46 -31.28 38.29
N HIS C 443 5.36 -29.96 38.28
CA HIS C 443 4.46 -29.31 39.22
C HIS C 443 3.31 -28.51 38.60
N ASP C 444 3.30 -28.35 37.27
CA ASP C 444 2.40 -27.37 36.67
C ASP C 444 1.43 -27.89 35.57
N HIS C 445 1.41 -29.20 35.37
CA HIS C 445 0.54 -29.82 34.38
C HIS C 445 -0.65 -30.50 35.06
N PHE C 446 -1.80 -29.83 35.13
CA PHE C 446 -2.96 -30.37 35.84
C PHE C 446 -4.09 -30.85 34.94
N ALA C 447 -4.09 -32.14 34.62
CA ALA C 447 -5.18 -32.70 33.81
C ALA C 447 -6.47 -32.82 34.62
N PHE C 448 -7.61 -32.67 33.94
CA PHE C 448 -8.91 -32.81 34.60
C PHE C 448 -9.76 -33.81 33.86
N PRO C 449 -9.38 -35.10 33.98
CA PRO C 449 -9.89 -36.16 33.12
C PRO C 449 -11.33 -36.55 33.41
N GLN C 450 -11.94 -36.03 34.49
CA GLN C 450 -13.33 -36.35 34.80
C GLN C 450 -14.30 -35.28 34.31
N ILE C 451 -13.79 -34.07 34.05
CA ILE C 451 -14.67 -33.02 33.58
C ILE C 451 -15.02 -33.25 32.12
N ARG C 452 -16.33 -33.33 31.85
CA ARG C 452 -16.86 -33.72 30.55
C ARG C 452 -16.26 -32.91 29.43
N ASP C 453 -15.99 -33.59 28.33
CA ASP C 453 -15.32 -32.95 27.21
C ASP C 453 -16.31 -32.22 26.32
N PHE C 454 -15.81 -31.20 25.62
CA PHE C 454 -16.45 -30.76 24.40
C PHE C 454 -16.05 -31.82 23.36
N PRO C 455 -17.03 -32.53 22.78
CA PRO C 455 -16.78 -33.67 21.89
C PRO C 455 -15.96 -33.36 20.63
N MET C 456 -15.89 -32.10 20.23
CA MET C 456 -15.24 -31.74 18.97
C MET C 456 -13.70 -31.68 19.03
N VAL C 457 -13.15 -31.51 20.23
CA VAL C 457 -11.71 -31.38 20.43
C VAL C 457 -10.87 -32.42 19.69
N PRO C 458 -9.90 -31.96 18.88
CA PRO C 458 -9.26 -32.84 17.90
C PRO C 458 -8.38 -33.98 18.45
N TYR C 459 -7.76 -33.82 19.61
CA TYR C 459 -6.85 -34.85 20.14
C TYR C 459 -7.51 -35.95 21.00
N LEU C 460 -8.81 -35.84 21.26
CA LEU C 460 -9.48 -36.86 22.07
C LEU C 460 -9.31 -38.24 21.41
N ASP C 461 -9.21 -39.30 22.21
CA ASP C 461 -9.13 -40.64 21.66
C ASP C 461 -10.43 -41.43 21.87
N ALA C 462 -10.42 -42.70 21.45
CA ALA C 462 -11.61 -43.57 21.55
C ALA C 462 -12.06 -43.79 23.00
N GLU C 463 -11.09 -43.86 23.91
CA GLU C 463 -11.34 -43.94 25.34
C GLU C 463 -12.00 -42.66 25.86
N ASP C 464 -11.46 -41.51 25.44
CA ASP C 464 -12.00 -40.21 25.84
C ASP C 464 -13.46 -40.05 25.45
N LYS C 465 -13.77 -40.38 24.20
CA LYS C 465 -15.12 -40.30 23.65
C LYS C 465 -16.10 -41.26 24.32
N ALA C 466 -15.70 -42.50 24.52
CA ALA C 466 -16.54 -43.48 25.18
C ALA C 466 -16.75 -43.14 26.65
N ARG C 467 -15.74 -42.53 27.28
CA ARG C 467 -15.85 -42.06 28.66
C ARG C 467 -16.69 -40.79 28.74
N GLY C 468 -16.52 -39.90 27.76
CA GLY C 468 -17.17 -38.61 27.75
C GLY C 468 -16.25 -37.55 28.31
N SER C 469 -15.10 -37.97 28.83
CA SER C 469 -14.15 -37.04 29.42
C SER C 469 -12.71 -37.51 29.31
N GLY C 470 -11.77 -36.64 29.67
CA GLY C 470 -10.35 -36.95 29.53
C GLY C 470 -9.51 -35.85 28.89
N GLY C 471 -10.14 -34.92 28.19
CA GLY C 471 -9.39 -33.97 27.38
C GLY C 471 -9.00 -32.66 28.02
N ARG C 472 -9.42 -32.43 29.26
CA ARG C 472 -9.28 -31.11 29.88
C ARG C 472 -8.04 -30.94 30.75
N LEU C 473 -7.53 -29.71 30.77
CA LEU C 473 -6.22 -29.43 31.33
C LEU C 473 -6.11 -27.99 31.77
N VAL C 474 -5.40 -27.77 32.87
CA VAL C 474 -4.96 -26.43 33.22
C VAL C 474 -3.44 -26.45 33.26
N ILE C 475 -2.78 -25.50 32.59
CA ILE C 475 -1.34 -25.39 32.71
C ILE C 475 -0.99 -24.21 33.59
N ASN C 476 -0.19 -24.46 34.62
CA ASN C 476 0.19 -23.39 35.53
C ASN C 476 1.49 -22.73 35.09
N CYS C 477 1.45 -21.42 34.86
CA CYS C 477 2.67 -20.66 34.55
C CYS C 477 2.98 -19.65 35.64
N LEU C 478 2.32 -19.81 36.78
CA LEU C 478 2.58 -19.02 37.98
C LEU C 478 3.67 -19.70 38.79
N TYR C 479 4.72 -18.95 39.14
CA TYR C 479 5.80 -19.50 39.95
C TYR C 479 5.29 -19.75 41.37
N PRO C 480 5.86 -20.74 42.07
CA PRO C 480 5.29 -21.13 43.37
C PRO C 480 5.26 -19.96 44.37
N GLU C 481 6.29 -19.12 44.31
CA GLU C 481 6.42 -18.01 45.24
C GLU C 481 5.48 -16.86 44.93
N GLN C 482 4.69 -16.98 43.86
CA GLN C 482 3.70 -15.96 43.53
C GLN C 482 2.43 -16.16 44.35
N PHE C 483 2.25 -17.38 44.84
CA PHE C 483 1.17 -17.69 45.78
C PHE C 483 1.46 -17.11 47.15
N ALA C 484 2.72 -16.71 47.35
CA ALA C 484 3.16 -16.02 48.56
C ALA C 484 3.37 -14.55 48.24
N GLY C 485 3.07 -14.17 47.01
CA GLY C 485 3.08 -12.78 46.61
C GLY C 485 4.45 -12.26 46.20
N GLN C 486 5.40 -13.17 45.99
CA GLN C 486 6.76 -12.78 45.63
C GLN C 486 7.05 -13.12 44.17
N MET C 487 8.33 -13.04 43.81
CA MET C 487 8.75 -13.33 42.44
C MET C 487 10.28 -13.50 42.36
N ARG C 488 10.72 -14.67 41.91
CA ARG C 488 12.15 -15.02 41.92
C ARG C 488 13.06 -14.02 41.17
N ALA C 489 12.55 -13.46 40.08
CA ALA C 489 13.41 -12.62 39.26
C ALA C 489 12.62 -11.54 38.52
N ALA C 490 13.28 -10.42 38.31
CA ALA C 490 12.68 -9.39 37.49
C ALA C 490 12.84 -9.80 36.03
N THR C 491 12.09 -9.12 35.16
CA THR C 491 12.10 -9.41 33.74
C THR C 491 13.12 -8.51 33.06
N ALA C 492 13.99 -9.12 32.25
CA ALA C 492 14.99 -8.38 31.53
C ALA C 492 14.42 -7.94 30.19
N SER C 493 13.53 -6.94 30.22
CA SER C 493 12.98 -6.35 29.02
C SER C 493 13.02 -4.83 29.16
N PHE C 494 12.77 -4.11 28.07
CA PHE C 494 12.75 -2.65 28.07
C PHE C 494 11.86 -2.10 29.19
N ARG C 495 10.66 -2.64 29.29
CA ARG C 495 9.69 -2.16 30.28
C ARG C 495 10.15 -2.42 31.71
N HIS C 496 10.86 -3.53 31.93
CA HIS C 496 11.11 -4.00 33.29
C HIS C 496 12.55 -3.99 33.75
N ALA C 497 13.46 -3.45 32.93
CA ALA C 497 14.87 -3.44 33.30
C ALA C 497 15.41 -2.02 33.38
N TYR C 498 14.53 -1.05 33.19
CA TYR C 498 14.93 0.37 33.22
C TYR C 498 13.94 1.25 34.01
N PRO C 499 14.47 2.33 34.64
CA PRO C 499 13.66 3.26 35.41
C PRO C 499 12.64 4.02 34.57
N THR C 500 11.52 4.37 35.21
CA THR C 500 10.40 5.05 34.58
C THR C 500 10.83 6.33 33.89
N ALA C 501 11.64 7.14 34.56
CA ALA C 501 12.13 8.36 33.94
C ALA C 501 12.85 8.02 32.63
N LEU C 502 13.70 7.00 32.67
CA LEU C 502 14.53 6.64 31.53
C LEU C 502 13.74 6.05 30.36
N ARG C 503 12.78 5.18 30.68
CA ARG C 503 11.90 4.64 29.65
C ARG C 503 11.20 5.75 28.89
N ARG C 504 10.60 6.67 29.65
CA ARG C 504 9.91 7.82 29.10
C ARG C 504 10.80 8.63 28.16
N ARG C 505 12.06 8.81 28.54
CA ARG C 505 13.01 9.51 27.67
C ARG C 505 13.23 8.77 26.35
N VAL C 506 13.46 7.47 26.43
CA VAL C 506 13.72 6.68 25.22
C VAL C 506 12.53 6.70 24.24
N GLU C 507 11.32 6.48 24.76
CA GLU C 507 10.10 6.59 23.96
C GLU C 507 10.00 7.98 23.34
N GLU C 508 10.38 8.97 24.13
CA GLU C 508 10.26 10.38 23.77
C GLU C 508 11.35 10.85 22.81
N ARG C 509 12.57 10.39 23.01
CA ARG C 509 13.66 10.79 22.12
C ARG C 509 13.84 9.86 20.90
N TRP C 510 13.07 8.77 20.86
CA TRP C 510 13.20 7.73 19.83
C TRP C 510 13.42 8.29 18.42
N SER C 511 12.48 9.07 17.92
CA SER C 511 12.57 9.63 16.57
C SER C 511 13.82 10.48 16.42
N ASP C 512 14.15 11.23 17.47
CA ASP C 512 15.34 12.09 17.48
C ASP C 512 16.66 11.33 17.44
N TYR C 513 16.70 10.13 18.04
CA TYR C 513 17.86 9.24 18.00
C TYR C 513 18.17 8.85 16.56
N GLY C 514 17.11 8.73 15.75
CA GLY C 514 17.24 8.44 14.33
C GLY C 514 16.29 7.38 13.83
N PHE C 515 15.69 6.63 14.74
CA PHE C 515 14.74 5.60 14.34
C PHE C 515 13.52 6.27 13.70
N GLY C 516 12.82 5.55 12.81
CA GLY C 516 11.82 6.21 11.99
C GLY C 516 10.43 5.60 12.00
N MET D 23 29.39 -13.86 0.55
CA MET D 23 29.33 -12.54 1.17
C MET D 23 30.38 -12.41 2.25
N ASN D 24 31.60 -12.78 1.89
CA ASN D 24 32.68 -12.92 2.86
C ASN D 24 33.27 -11.61 3.39
N ARG D 25 33.11 -10.51 2.66
CA ARG D 25 33.65 -9.26 3.14
C ARG D 25 33.00 -8.88 4.48
N SER D 26 31.69 -9.06 4.59
CA SER D 26 30.99 -8.74 5.83
C SER D 26 31.22 -9.80 6.91
N ALA D 27 31.36 -11.05 6.50
CA ALA D 27 31.51 -12.14 7.46
C ALA D 27 32.87 -12.10 8.14
N LEU D 28 33.82 -11.42 7.50
CA LEU D 28 35.21 -11.51 7.90
C LEU D 28 35.76 -10.18 8.37
N ASP D 29 34.92 -9.15 8.31
CA ASP D 29 35.35 -7.79 8.64
C ASP D 29 34.20 -7.09 9.34
N PHE D 30 34.27 -7.00 10.65
CA PHE D 30 33.22 -6.36 11.42
C PHE D 30 32.95 -4.94 10.91
N ARG D 31 34.00 -4.26 10.49
CA ARG D 31 33.85 -2.88 10.02
C ARG D 31 33.04 -2.85 8.72
N HIS D 32 33.29 -3.80 7.82
CA HIS D 32 32.57 -3.85 6.54
C HIS D 32 31.14 -4.28 6.79
N PHE D 33 30.99 -5.18 7.74
CA PHE D 33 29.68 -5.65 8.20
C PHE D 33 28.84 -4.46 8.64
N VAL D 34 29.41 -3.59 9.48
CA VAL D 34 28.72 -2.40 9.95
C VAL D 34 28.38 -1.49 8.80
N ASP D 35 29.34 -1.30 7.89
CA ASP D 35 29.12 -0.49 6.70
C ASP D 35 28.03 -1.13 5.85
N HIS D 36 28.02 -2.46 5.81
CA HIS D 36 27.02 -3.19 5.03
C HIS D 36 25.62 -3.02 5.60
N LEU D 37 25.50 -3.04 6.93
CA LEU D 37 24.21 -2.79 7.56
C LEU D 37 23.68 -1.42 7.17
N ARG D 38 24.55 -0.40 7.20
CA ARG D 38 24.09 0.96 6.86
C ARG D 38 23.55 1.06 5.44
N ARG D 39 24.37 0.63 4.47
CA ARG D 39 23.98 0.57 3.06
C ARG D 39 22.62 -0.09 2.74
N GLN D 40 22.20 -1.06 3.55
CA GLN D 40 20.93 -1.72 3.30
C GLN D 40 19.75 -1.07 4.06
N GLY D 41 20.03 -0.05 4.86
CA GLY D 41 19.03 0.64 5.65
C GLY D 41 18.68 -0.03 7.00
N ASP D 42 19.53 -0.93 7.47
CA ASP D 42 19.32 -1.55 8.74
C ASP D 42 20.32 -1.06 9.78
N LEU D 43 20.72 0.19 9.69
CA LEU D 43 21.55 0.76 10.74
C LEU D 43 21.24 2.22 10.98
N VAL D 44 21.18 2.58 12.25
CA VAL D 44 20.88 3.93 12.65
C VAL D 44 22.08 4.53 13.38
N ASP D 45 22.57 5.63 12.86
CA ASP D 45 23.69 6.35 13.47
C ASP D 45 23.23 7.38 14.50
N VAL D 46 23.42 7.05 15.78
CA VAL D 46 22.97 7.90 16.88
C VAL D 46 24.01 8.95 17.30
N HIS D 47 23.76 10.20 16.92
CA HIS D 47 24.66 11.31 17.20
C HIS D 47 24.25 12.08 18.45
N THR D 48 22.99 11.90 18.87
CA THR D 48 22.53 12.38 20.16
C THR D 48 23.44 11.81 21.23
N GLU D 49 23.80 12.63 22.21
CA GLU D 49 24.66 12.14 23.27
C GLU D 49 23.85 11.16 24.11
N VAL D 50 24.45 10.02 24.41
CA VAL D 50 23.77 9.02 25.21
C VAL D 50 24.63 8.65 26.43
N ASP D 51 23.99 8.13 27.47
CA ASP D 51 24.68 7.69 28.67
C ASP D 51 24.92 6.18 28.57
N ALA D 52 26.15 5.77 28.87
CA ALA D 52 26.49 4.34 28.91
C ALA D 52 25.88 3.68 30.15
N ASN D 53 25.55 4.51 31.12
CA ASN D 53 24.82 4.05 32.30
C ASN D 53 23.32 3.91 31.97
N LEU D 54 22.95 2.73 31.47
CA LEU D 54 21.54 2.33 31.29
C LEU D 54 20.85 2.74 29.98
N GLU D 55 21.10 3.97 29.54
CA GLU D 55 20.46 4.52 28.35
C GLU D 55 20.82 3.78 27.09
N ILE D 56 22.11 3.54 26.91
CA ILE D 56 22.58 2.71 25.78
C ILE D 56 21.90 1.34 25.75
N GLY D 57 21.89 0.63 26.89
CA GLY D 57 21.23 -0.66 27.02
C GLY D 57 19.71 -0.64 26.88
N ALA D 58 19.07 0.45 27.35
CA ALA D 58 17.63 0.60 27.17
C ALA D 58 17.21 0.81 25.69
N ILE D 59 17.82 1.78 24.99
CA ILE D 59 17.61 1.93 23.55
C ILE D 59 17.78 0.60 22.81
N THR D 60 18.88 -0.09 23.08
CA THR D 60 19.16 -1.37 22.44
C THR D 60 18.09 -2.42 22.74
N ARG D 61 17.66 -2.47 23.99
CA ARG D 61 16.62 -3.41 24.43
C ARG D 61 15.35 -3.15 23.65
N ARG D 62 15.02 -1.88 23.47
CA ARG D 62 13.79 -1.53 22.81
C ARG D 62 13.93 -1.82 21.32
N VAL D 63 15.17 -1.74 20.84
CA VAL D 63 15.50 -2.14 19.46
C VAL D 63 15.19 -3.62 19.17
N TYR D 64 15.53 -4.49 20.12
CA TYR D 64 15.28 -5.91 19.96
C TYR D 64 13.79 -6.16 19.81
N GLU D 65 13.04 -5.63 20.77
CA GLU D 65 11.63 -5.94 20.95
C GLU D 65 10.76 -5.36 19.84
N ARG D 66 11.21 -4.26 19.26
CA ARG D 66 10.50 -3.65 18.16
C ARG D 66 11.10 -4.05 16.82
N ARG D 67 12.18 -4.82 16.88
CA ARG D 67 12.91 -5.26 15.68
C ARG D 67 13.41 -4.10 14.82
N ALA D 68 14.07 -3.15 15.49
CA ALA D 68 14.54 -1.89 14.90
C ALA D 68 15.86 -2.05 14.14
N PRO D 69 16.21 -1.06 13.31
CA PRO D 69 17.55 -1.15 12.73
C PRO D 69 18.60 -1.02 13.84
N ALA D 70 19.76 -1.64 13.64
CA ALA D 70 20.80 -1.64 14.65
C ALA D 70 21.30 -0.22 14.87
N PRO D 71 21.54 0.15 16.15
CA PRO D 71 22.07 1.45 16.53
C PRO D 71 23.58 1.48 16.64
N LEU D 72 24.19 2.45 15.97
CA LEU D 72 25.60 2.73 16.18
C LEU D 72 25.70 4.01 16.99
N PHE D 73 26.11 3.89 18.25
CA PHE D 73 26.20 5.03 19.13
C PHE D 73 27.56 5.71 19.04
N HIS D 74 27.54 6.90 18.42
CA HIS D 74 28.71 7.71 18.12
C HIS D 74 29.11 8.62 19.27
N ASN D 75 28.11 9.06 20.02
CA ASN D 75 28.27 10.16 20.95
C ASN D 75 27.89 9.71 22.34
N ILE D 76 28.88 9.38 23.14
CA ILE D 76 28.64 8.81 24.45
C ILE D 76 29.28 9.64 25.55
N ARG D 77 28.44 10.04 26.49
CA ARG D 77 28.83 10.96 27.56
C ARG D 77 30.11 10.51 28.22
N ASP D 78 31.03 11.47 28.35
CA ASP D 78 32.27 11.29 29.09
C ASP D 78 32.99 10.00 28.70
N SER D 79 33.24 9.81 27.40
CA SER D 79 33.91 8.60 26.92
C SER D 79 34.96 8.90 25.85
N LEU D 80 35.91 7.97 25.73
CA LEU D 80 37.00 8.03 24.76
C LEU D 80 36.49 8.50 23.40
N PRO D 81 36.94 9.68 22.95
CA PRO D 81 36.50 10.23 21.66
C PRO D 81 36.97 9.37 20.47
N GLY D 82 36.04 9.09 19.56
CA GLY D 82 36.28 8.19 18.46
C GLY D 82 35.64 6.82 18.72
N ALA D 83 35.55 6.46 20.00
CA ALA D 83 35.00 5.16 20.40
C ALA D 83 33.48 5.10 20.30
N ARG D 84 32.98 4.03 19.67
CA ARG D 84 31.54 3.89 19.43
C ARG D 84 30.99 2.56 19.92
N VAL D 85 29.68 2.50 20.05
CA VAL D 85 29.00 1.32 20.53
C VAL D 85 27.95 0.82 19.53
N LEU D 86 27.98 -0.47 19.25
CA LEU D 86 26.94 -1.09 18.43
C LEU D 86 26.04 -2.04 19.23
N GLY D 87 24.75 -1.74 19.24
CA GLY D 87 23.77 -2.57 19.92
C GLY D 87 23.02 -3.41 18.91
N ALA D 88 22.42 -4.51 19.38
CA ALA D 88 21.71 -5.47 18.52
C ALA D 88 22.43 -5.95 17.26
N PRO D 89 23.71 -6.37 17.37
CA PRO D 89 24.40 -6.75 16.13
C PRO D 89 23.81 -7.97 15.44
N ALA D 90 23.03 -8.78 16.15
CA ALA D 90 22.29 -9.87 15.51
C ALA D 90 20.81 -9.92 15.94
N GLY D 91 20.21 -8.75 16.14
CA GLY D 91 18.78 -8.64 16.38
C GLY D 91 18.01 -8.84 15.09
N LEU D 92 16.69 -8.94 15.19
CA LEU D 92 15.84 -9.23 14.04
C LEU D 92 15.24 -7.93 13.56
N ARG D 93 14.81 -7.92 12.30
CA ARG D 93 14.20 -6.74 11.67
C ARG D 93 12.71 -6.99 11.54
N ALA D 94 11.93 -5.92 11.45
CA ALA D 94 10.47 -6.03 11.32
C ALA D 94 10.08 -6.59 9.96
N ASP D 95 10.85 -6.24 8.95
CA ASP D 95 10.69 -6.76 7.59
C ASP D 95 10.70 -8.28 7.61
N ARG D 96 9.50 -8.88 7.51
CA ARG D 96 9.34 -10.32 7.69
C ARG D 96 10.09 -11.14 6.65
N ALA D 97 10.27 -10.57 5.47
CA ALA D 97 11.04 -11.25 4.42
C ALA D 97 12.55 -11.03 4.55
N ARG D 98 12.93 -10.11 5.42
CA ARG D 98 14.34 -9.83 5.70
C ARG D 98 14.69 -10.00 7.19
N ALA D 99 13.80 -10.64 7.95
CA ALA D 99 13.91 -10.62 9.42
C ALA D 99 15.26 -11.09 9.98
N HIS D 100 15.96 -11.92 9.21
CA HIS D 100 17.15 -12.61 9.70
C HIS D 100 18.45 -12.16 9.05
N SER D 101 18.40 -11.03 8.34
CA SER D 101 19.53 -10.57 7.55
C SER D 101 20.74 -10.17 8.39
N ARG D 102 20.52 -9.51 9.51
CA ARG D 102 21.61 -9.18 10.43
C ARG D 102 22.25 -10.45 10.90
N LEU D 103 21.42 -11.43 11.19
CA LEU D 103 21.90 -12.71 11.68
C LEU D 103 22.67 -13.43 10.58
N ALA D 104 22.09 -13.49 9.38
CA ALA D 104 22.67 -14.24 8.28
C ALA D 104 24.06 -13.74 7.89
N LEU D 105 24.29 -12.44 8.03
CA LEU D 105 25.59 -11.85 7.74
C LEU D 105 26.73 -12.44 8.58
N HIS D 106 26.40 -12.94 9.77
CA HIS D 106 27.38 -13.67 10.58
C HIS D 106 27.76 -15.00 9.94
N PHE D 107 27.00 -15.43 8.93
CA PHE D 107 27.23 -16.71 8.28
C PHE D 107 27.42 -16.55 6.76
N GLY D 108 27.89 -15.39 6.32
CA GLY D 108 28.06 -15.11 4.89
C GLY D 108 26.83 -15.21 3.99
N LEU D 109 25.63 -15.21 4.59
CA LEU D 109 24.39 -15.40 3.85
C LEU D 109 23.65 -14.09 3.56
N PRO D 110 22.96 -14.02 2.42
CA PRO D 110 22.20 -12.82 2.00
C PRO D 110 20.89 -12.62 2.77
N GLU D 111 20.16 -11.57 2.42
CA GLU D 111 19.13 -11.01 3.28
C GLU D 111 17.82 -11.79 3.41
N HIS D 112 17.42 -12.48 2.34
CA HIS D 112 16.20 -13.29 2.38
C HIS D 112 16.45 -14.65 2.97
N SER D 113 17.68 -14.90 3.43
CA SER D 113 17.98 -16.14 4.16
C SER D 113 17.19 -16.23 5.47
N GLY D 114 16.48 -17.34 5.66
CA GLY D 114 15.79 -17.60 6.91
C GLY D 114 16.40 -18.80 7.65
N PRO D 115 15.80 -19.20 8.78
CA PRO D 115 16.23 -20.30 9.66
C PRO D 115 16.72 -21.56 8.96
N ARG D 116 15.94 -22.07 8.01
CA ARG D 116 16.27 -23.31 7.31
C ARG D 116 17.55 -23.18 6.49
N ASP D 117 17.76 -22.01 5.92
CA ASP D 117 18.96 -21.74 5.14
C ASP D 117 20.22 -21.69 6.02
N ILE D 118 20.11 -20.96 7.12
CA ILE D 118 21.19 -20.80 8.08
C ILE D 118 21.56 -22.13 8.72
N VAL D 119 20.56 -22.95 9.04
CA VAL D 119 20.81 -24.25 9.65
C VAL D 119 21.55 -25.21 8.71
N ALA D 120 21.09 -25.29 7.46
CA ALA D 120 21.71 -26.17 6.46
C ALA D 120 23.14 -25.75 6.18
N MET D 121 23.36 -24.44 6.11
CA MET D 121 24.71 -23.88 5.93
C MET D 121 25.63 -24.25 7.10
N LEU D 122 25.04 -24.34 8.30
CA LEU D 122 25.81 -24.63 9.51
C LEU D 122 26.26 -26.08 9.54
N ARG D 123 25.40 -26.98 9.09
CA ARG D 123 25.70 -28.42 9.10
C ARG D 123 26.68 -28.76 8.00
N ALA D 124 26.66 -27.96 6.94
CA ALA D 124 27.54 -28.19 5.82
C ALA D 124 28.96 -27.86 6.23
N ALA D 125 29.10 -26.80 7.01
CA ALA D 125 30.41 -26.39 7.50
C ALA D 125 30.92 -27.38 8.53
N MET D 126 30.01 -27.94 9.31
CA MET D 126 30.37 -28.96 10.29
C MET D 126 30.84 -30.23 9.59
N ARG D 127 30.53 -30.33 8.30
CA ARG D 127 31.03 -31.42 7.47
C ARG D 127 32.28 -31.01 6.71
N ALA D 128 32.35 -29.75 6.28
CA ALA D 128 33.49 -29.24 5.52
C ALA D 128 34.80 -29.26 6.32
N GLU D 129 35.91 -29.09 5.61
CA GLU D 129 37.23 -29.14 6.22
C GLU D 129 37.62 -27.75 6.66
N PRO D 130 38.22 -27.64 7.85
CA PRO D 130 38.73 -26.33 8.31
C PRO D 130 39.81 -25.80 7.38
N ILE D 131 39.77 -24.50 7.07
CA ILE D 131 40.86 -23.84 6.35
C ILE D 131 41.80 -23.16 7.35
N ALA D 132 43.07 -23.56 7.34
CA ALA D 132 44.05 -22.97 8.24
C ALA D 132 44.13 -21.46 8.03
N PRO D 133 43.94 -20.69 9.12
CA PRO D 133 43.97 -19.22 9.08
C PRO D 133 45.22 -18.61 8.45
N ARG D 134 45.04 -17.51 7.74
CA ARG D 134 46.16 -16.78 7.17
C ARG D 134 46.86 -15.91 8.22
N ARG D 135 48.15 -16.13 8.43
CA ARG D 135 48.95 -15.30 9.32
C ARG D 135 49.46 -14.04 8.63
N LEU D 136 49.09 -12.88 9.19
CA LEU D 136 49.56 -11.61 8.65
C LEU D 136 50.60 -10.95 9.57
N GLU D 137 51.46 -10.13 8.98
CA GLU D 137 52.45 -9.37 9.73
C GLU D 137 51.83 -8.17 10.48
N ARG D 138 50.84 -7.54 9.86
CA ARG D 138 50.16 -6.42 10.49
C ARG D 138 48.64 -6.59 10.36
N GLY D 139 47.88 -5.75 11.04
CA GLY D 139 46.43 -5.74 10.91
C GLY D 139 45.84 -4.52 11.59
N PRO D 140 44.67 -4.06 11.11
CA PRO D 140 43.95 -2.86 11.58
C PRO D 140 43.82 -2.78 13.09
N VAL D 141 43.65 -3.94 13.73
CA VAL D 141 43.46 -4.00 15.18
C VAL D 141 44.66 -3.38 15.91
N GLN D 142 45.78 -3.23 15.20
CA GLN D 142 47.02 -2.75 15.81
C GLN D 142 47.24 -1.26 15.68
N GLU D 143 46.22 -0.55 15.23
CA GLU D 143 46.33 0.89 15.00
C GLU D 143 46.42 1.71 16.29
N ASN D 144 46.06 1.09 17.40
CA ASN D 144 46.16 1.72 18.72
C ASN D 144 46.54 0.65 19.74
N VAL D 145 47.59 0.88 20.50
CA VAL D 145 48.06 -0.10 21.49
C VAL D 145 48.21 0.57 22.85
N TRP D 146 47.69 -0.08 23.90
CA TRP D 146 47.95 0.36 25.27
C TRP D 146 48.62 -0.78 26.04
N LEU D 147 49.75 -0.48 26.67
CA LEU D 147 50.50 -1.45 27.44
C LEU D 147 50.58 -1.08 28.92
N GLY D 148 50.35 -2.06 29.79
CA GLY D 148 50.61 -1.95 31.22
C GLY D 148 49.77 -0.91 31.93
N GLU D 149 50.42 0.14 32.41
CA GLU D 149 49.77 1.27 33.07
C GLU D 149 49.04 2.20 32.09
N GLN D 150 49.25 1.97 30.79
CA GLN D 150 48.51 2.73 29.79
C GLN D 150 47.09 2.19 29.69
N VAL D 151 46.88 1.02 30.29
CA VAL D 151 45.58 0.36 30.29
C VAL D 151 44.68 0.95 31.37
N ASP D 152 43.60 1.59 30.93
CA ASP D 152 42.50 2.05 31.76
C ASP D 152 41.24 1.66 30.99
N LEU D 153 40.61 0.56 31.38
CA LEU D 153 39.44 0.05 30.68
C LEU D 153 38.23 0.97 30.83
N THR D 154 38.27 1.86 31.81
CA THR D 154 37.16 2.79 32.05
C THR D 154 37.08 3.95 31.04
N ARG D 155 38.18 4.24 30.35
CA ARG D 155 38.16 5.22 29.26
C ARG D 155 37.20 4.82 28.14
N PHE D 156 36.88 3.53 28.05
CA PHE D 156 35.93 3.03 27.06
C PHE D 156 34.47 3.21 27.51
N PRO D 157 33.52 3.11 26.57
CA PRO D 157 32.10 3.30 26.93
C PRO D 157 31.46 2.06 27.56
N VAL D 158 32.02 1.61 28.68
CA VAL D 158 31.53 0.41 29.34
C VAL D 158 30.13 0.63 29.91
N PRO D 159 29.15 -0.10 29.36
CA PRO D 159 27.75 0.13 29.73
C PRO D 159 27.27 -0.63 30.97
N LEU D 160 26.35 0.01 31.69
CA LEU D 160 25.48 -0.70 32.62
C LEU D 160 24.28 -1.11 31.78
N LEU D 161 24.00 -2.42 31.69
CA LEU D 161 23.12 -2.96 30.66
C LEU D 161 21.67 -3.10 31.11
N HIS D 162 21.50 -3.55 32.35
CA HIS D 162 20.18 -3.65 32.96
C HIS D 162 20.28 -2.97 34.31
N GLU D 163 19.22 -2.27 34.73
CA GLU D 163 19.25 -1.57 36.01
C GLU D 163 19.65 -2.48 37.18
N GLN D 164 19.32 -3.77 37.10
CA GLN D 164 19.59 -4.67 38.21
C GLN D 164 20.93 -5.43 38.09
N ASP D 165 21.80 -4.96 37.20
CA ASP D 165 23.07 -5.66 37.01
C ASP D 165 24.06 -5.37 38.14
N GLY D 166 24.96 -6.30 38.40
CA GLY D 166 25.92 -6.16 39.48
C GLY D 166 27.10 -5.26 39.12
N GLY D 167 27.29 -5.05 37.84
CA GLY D 167 28.42 -4.24 37.38
C GLY D 167 28.29 -3.89 35.92
N ARG D 168 29.28 -3.14 35.44
CA ARG D 168 29.37 -2.75 34.03
C ARG D 168 30.06 -3.87 33.24
N TYR D 169 29.54 -4.15 32.05
CA TYR D 169 30.10 -5.22 31.25
C TYR D 169 30.89 -4.71 30.04
N PHE D 170 32.17 -5.09 29.98
CA PHE D 170 33.04 -4.71 28.87
C PHE D 170 32.74 -5.62 27.70
N GLY D 171 32.72 -6.91 27.96
CA GLY D 171 32.54 -7.90 26.90
C GLY D 171 31.22 -8.62 27.01
N THR D 172 30.34 -8.39 26.04
CA THR D 172 29.09 -9.13 25.91
C THR D 172 28.86 -9.54 24.46
N TYR D 173 29.93 -9.53 23.67
CA TYR D 173 29.85 -9.91 22.27
C TYR D 173 31.22 -10.17 21.67
N GLY D 174 31.91 -11.20 22.17
CA GLY D 174 33.22 -11.57 21.69
C GLY D 174 33.69 -12.83 22.39
N PHE D 175 34.86 -13.33 22.00
CA PHE D 175 35.36 -14.57 22.56
C PHE D 175 36.74 -14.45 23.19
N HIS D 176 37.01 -15.35 24.14
CA HIS D 176 38.30 -15.48 24.78
C HIS D 176 39.20 -16.26 23.83
N VAL D 177 40.49 -15.99 23.90
CA VAL D 177 41.46 -16.84 23.22
C VAL D 177 42.46 -17.33 24.26
N VAL D 178 42.55 -18.65 24.40
CA VAL D 178 43.56 -19.28 25.24
C VAL D 178 44.10 -20.50 24.50
N GLN D 179 45.38 -20.79 24.70
CA GLN D 179 46.06 -21.81 23.92
C GLN D 179 46.68 -22.82 24.86
N THR D 180 46.61 -24.09 24.48
CA THR D 180 47.20 -25.18 25.27
C THR D 180 48.69 -24.88 25.54
N PRO D 181 49.19 -25.26 26.73
CA PRO D 181 50.56 -24.94 27.15
C PRO D 181 51.61 -25.34 26.12
N ASP D 182 51.48 -26.56 25.57
CA ASP D 182 52.41 -27.05 24.55
C ASP D 182 52.26 -26.26 23.26
N GLY D 183 51.12 -25.61 23.10
CA GLY D 183 50.86 -24.76 21.95
C GLY D 183 50.43 -25.51 20.70
N SER D 184 49.92 -26.74 20.86
CA SER D 184 49.43 -27.48 19.71
C SER D 184 48.14 -26.86 19.13
N TRP D 185 47.19 -26.52 19.99
CA TRP D 185 45.91 -26.00 19.51
C TRP D 185 45.42 -24.69 20.13
N ASP D 186 44.35 -24.16 19.55
CA ASP D 186 43.75 -22.87 19.92
C ASP D 186 42.36 -23.13 20.43
N SER D 187 41.83 -22.19 21.21
CA SER D 187 40.43 -22.24 21.62
C SER D 187 39.76 -20.87 21.58
N TRP D 188 38.67 -20.76 20.82
CA TRP D 188 37.85 -19.56 20.81
C TRP D 188 36.54 -19.91 21.50
N SER D 189 36.32 -19.34 22.68
CA SER D 189 35.11 -19.60 23.44
C SER D 189 34.47 -18.27 23.81
N VAL D 190 33.18 -18.15 23.59
CA VAL D 190 32.47 -16.91 23.91
C VAL D 190 32.26 -16.81 25.42
N GLY D 191 32.19 -15.58 25.92
CA GLY D 191 31.97 -15.34 27.34
C GLY D 191 31.74 -13.88 27.69
N ARG D 192 31.17 -13.66 28.88
CA ARG D 192 30.93 -12.31 29.37
C ARG D 192 31.99 -11.88 30.38
N LEU D 193 32.32 -10.59 30.37
CA LEU D 193 33.34 -10.05 31.27
C LEU D 193 32.89 -8.76 31.93
N MET D 194 32.63 -8.84 33.23
CA MET D 194 32.22 -7.69 34.02
C MET D 194 33.45 -6.86 34.32
N LEU D 195 33.26 -5.55 34.36
CA LEU D 195 34.33 -4.64 34.71
C LEU D 195 34.61 -4.75 36.20
N VAL D 196 35.89 -4.94 36.56
CA VAL D 196 36.26 -4.89 37.96
C VAL D 196 36.92 -3.55 38.28
N ASP D 197 38.09 -3.30 37.69
CA ASP D 197 38.69 -1.97 37.78
C ASP D 197 39.37 -1.57 36.46
N ARG D 198 40.23 -0.56 36.51
CA ARG D 198 40.89 -0.01 35.32
C ARG D 198 41.60 -1.06 34.44
N ASN D 199 41.96 -2.20 35.02
CA ASN D 199 42.59 -3.25 34.24
C ASN D 199 42.26 -4.65 34.75
N THR D 200 41.09 -4.80 35.37
CA THR D 200 40.66 -6.12 35.81
C THR D 200 39.22 -6.41 35.39
N LEU D 201 38.98 -7.64 34.96
CA LEU D 201 37.65 -8.04 34.57
C LEU D 201 37.31 -9.33 35.34
N ALA D 202 36.10 -9.83 35.21
CA ALA D 202 35.77 -11.12 35.83
C ALA D 202 34.68 -11.83 35.06
N GLY D 203 34.84 -13.13 34.86
CA GLY D 203 33.83 -13.90 34.15
C GLY D 203 33.95 -15.40 34.39
N PRO D 204 32.88 -16.14 34.08
CA PRO D 204 32.98 -17.58 34.25
C PRO D 204 33.84 -18.22 33.17
N THR D 205 34.53 -19.30 33.55
CA THR D 205 35.23 -20.17 32.63
C THR D 205 34.67 -21.54 32.96
N ILE D 206 33.97 -22.15 32.01
CA ILE D 206 33.34 -23.42 32.29
C ILE D 206 34.42 -24.48 32.48
N PRO D 207 34.43 -25.13 33.65
CA PRO D 207 35.46 -26.12 34.00
C PRO D 207 35.57 -27.30 33.01
N THR D 208 34.48 -27.60 32.30
CA THR D 208 34.46 -28.72 31.35
C THR D 208 34.49 -28.28 29.89
N GLN D 209 34.41 -26.97 29.64
CA GLN D 209 34.56 -26.45 28.28
C GLN D 209 36.03 -26.18 27.95
N HIS D 210 36.31 -25.91 26.68
CA HIS D 210 37.67 -25.79 26.18
C HIS D 210 38.50 -24.73 26.91
N ILE D 211 37.82 -23.74 27.48
CA ILE D 211 38.50 -22.70 28.23
C ILE D 211 39.00 -23.24 29.57
N GLY D 212 38.16 -23.99 30.26
CA GLY D 212 38.50 -24.56 31.56
C GLY D 212 39.45 -25.72 31.40
N ILE D 213 39.42 -26.37 30.24
CA ILE D 213 40.31 -27.49 29.98
C ILE D 213 41.75 -26.99 29.88
N ILE D 214 41.95 -25.92 29.12
CA ILE D 214 43.28 -25.36 28.94
C ILE D 214 43.71 -24.62 30.20
N ARG D 215 42.74 -24.04 30.88
CA ARG D 215 43.00 -23.31 32.12
C ARG D 215 43.61 -24.24 33.17
N GLU D 216 43.02 -25.42 33.31
CA GLU D 216 43.51 -26.46 34.23
C GLU D 216 44.91 -26.97 33.84
N GLN D 217 45.19 -27.09 32.54
CA GLN D 217 46.51 -27.50 32.07
C GLN D 217 47.61 -26.54 32.52
N TRP D 218 47.42 -25.24 32.33
CA TRP D 218 48.37 -24.26 32.87
C TRP D 218 48.41 -24.35 34.40
N ARG D 219 47.25 -24.60 35.00
CA ARG D 219 47.15 -24.77 36.44
C ARG D 219 47.98 -25.96 36.92
N ARG D 220 48.00 -27.03 36.13
CA ARG D 220 48.81 -28.19 36.43
C ARG D 220 50.28 -27.79 36.46
N LEU D 221 50.62 -26.78 35.67
CA LEU D 221 51.98 -26.24 35.63
C LEU D 221 52.09 -25.12 36.65
N GLY D 222 51.01 -24.87 37.38
CA GLY D 222 51.00 -23.89 38.44
C GLY D 222 51.10 -22.48 37.90
N LYS D 223 50.58 -22.27 36.69
CA LYS D 223 50.69 -20.98 36.01
C LYS D 223 49.34 -20.45 35.62
N PRO D 224 49.16 -19.11 35.66
CA PRO D 224 47.93 -18.51 35.16
C PRO D 224 47.85 -18.67 33.65
N THR D 225 46.64 -18.58 33.10
CA THR D 225 46.40 -18.91 31.71
C THR D 225 46.48 -17.68 30.81
N PRO D 226 47.52 -17.61 29.93
CA PRO D 226 47.61 -16.50 28.98
C PRO D 226 46.30 -16.38 28.22
N TRP D 227 45.89 -15.16 27.92
CA TRP D 227 44.51 -14.95 27.47
C TRP D 227 44.34 -13.69 26.61
N ALA D 228 43.33 -13.74 25.75
CA ALA D 228 42.92 -12.55 25.04
C ALA D 228 41.42 -12.63 24.83
N MET D 229 40.79 -11.49 24.61
CA MET D 229 39.43 -11.50 24.14
C MET D 229 39.32 -10.60 22.92
N ALA D 230 38.70 -11.14 21.86
CA ALA D 230 38.42 -10.36 20.67
C ALA D 230 37.00 -9.76 20.70
N LEU D 231 36.91 -8.44 20.60
CA LEU D 231 35.63 -7.74 20.61
C LEU D 231 35.44 -6.99 19.29
N GLY D 232 34.30 -7.16 18.66
CA GLY D 232 34.15 -6.65 17.31
C GLY D 232 34.94 -7.53 16.37
N ALA D 233 35.02 -8.81 16.72
CA ALA D 233 35.65 -9.81 15.89
C ALA D 233 34.83 -9.97 14.62
N PRO D 234 35.41 -10.60 13.58
CA PRO D 234 34.60 -10.92 12.40
C PRO D 234 33.34 -11.67 12.78
N PRO D 235 32.20 -11.28 12.18
CA PRO D 235 30.91 -11.94 12.46
C PRO D 235 30.97 -13.46 12.35
N ALA D 236 31.58 -13.97 11.28
CA ALA D 236 31.72 -15.40 11.09
C ALA D 236 32.65 -15.99 12.12
N ALA D 237 33.60 -15.19 12.60
CA ALA D 237 34.52 -15.65 13.63
C ALA D 237 33.84 -15.80 15.00
N LEU D 238 32.95 -14.88 15.33
CA LEU D 238 32.16 -15.02 16.55
C LEU D 238 31.28 -16.25 16.50
N ALA D 239 30.70 -16.55 15.33
CA ALA D 239 29.84 -17.73 15.18
C ALA D 239 30.63 -19.04 15.34
N ALA D 240 31.81 -19.09 14.71
CA ALA D 240 32.70 -20.24 14.82
C ALA D 240 33.09 -20.54 16.26
N ALA D 241 33.01 -19.52 17.12
CA ALA D 241 33.26 -19.71 18.55
C ALA D 241 32.09 -20.41 19.23
N GLY D 242 31.04 -20.69 18.46
CA GLY D 242 29.90 -21.44 18.96
C GLY D 242 29.95 -22.89 18.53
N MET D 243 30.73 -23.16 17.48
CA MET D 243 30.85 -24.51 16.92
C MET D 243 31.41 -25.54 17.91
N PRO D 244 30.71 -26.69 18.03
CA PRO D 244 31.01 -27.78 18.95
C PRO D 244 32.19 -28.61 18.44
N LEU D 245 33.38 -28.33 18.96
CA LEU D 245 34.56 -28.99 18.44
C LEU D 245 35.24 -29.87 19.48
N PRO D 246 35.66 -31.06 19.04
CA PRO D 246 36.47 -31.99 19.85
C PRO D 246 37.63 -31.27 20.55
N GLU D 247 38.00 -31.72 21.74
CA GLU D 247 39.16 -31.16 22.43
C GLU D 247 40.42 -31.46 21.64
N GLY D 248 41.09 -30.41 21.21
CA GLY D 248 42.27 -30.53 20.37
C GLY D 248 42.05 -29.91 19.01
N VAL D 249 40.79 -29.52 18.76
CA VAL D 249 40.42 -28.88 17.51
C VAL D 249 40.21 -27.38 17.71
N SER D 250 40.79 -26.60 16.81
CA SER D 250 40.70 -25.14 16.89
C SER D 250 39.57 -24.62 15.99
N GLU D 251 38.69 -23.82 16.58
CA GLU D 251 37.55 -23.20 15.87
C GLU D 251 37.97 -22.08 14.92
N ALA D 252 39.19 -21.58 15.14
CA ALA D 252 39.81 -20.58 14.29
C ALA D 252 39.84 -21.00 12.81
N GLY D 253 39.98 -22.29 12.56
CA GLY D 253 40.05 -22.81 11.20
C GLY D 253 38.69 -23.14 10.60
N TYR D 254 37.67 -23.23 11.44
CA TYR D 254 36.33 -23.53 10.94
C TYR D 254 35.63 -22.27 10.44
N VAL D 255 36.29 -21.13 10.57
CA VAL D 255 35.79 -19.92 9.94
C VAL D 255 35.90 -20.12 8.43
N GLY D 256 36.98 -20.75 8.02
CA GLY D 256 37.20 -21.06 6.62
C GLY D 256 36.12 -21.99 6.10
N ALA D 257 35.82 -23.02 6.88
CA ALA D 257 34.78 -24.00 6.51
C ALA D 257 33.45 -23.31 6.28
N LEU D 258 33.14 -22.34 7.12
CA LEU D 258 31.86 -21.63 7.09
C LEU D 258 31.67 -20.64 5.92
N VAL D 259 32.71 -19.89 5.58
CA VAL D 259 32.60 -18.87 4.52
C VAL D 259 33.42 -19.17 3.26
N GLY D 260 34.34 -20.11 3.33
CA GLY D 260 35.09 -20.52 2.16
C GLY D 260 36.39 -19.77 2.03
N GLU D 261 36.67 -18.89 3.00
CA GLU D 261 37.94 -18.18 3.06
C GLU D 261 38.46 -18.23 4.50
N PRO D 262 39.78 -18.40 4.66
CA PRO D 262 40.33 -18.41 6.03
C PRO D 262 40.19 -17.05 6.69
N VAL D 263 40.03 -17.05 8.00
CA VAL D 263 40.13 -15.82 8.77
C VAL D 263 41.60 -15.37 8.83
N GLU D 264 41.85 -14.06 8.73
CA GLU D 264 43.19 -13.53 8.86
C GLU D 264 43.48 -13.19 10.30
N VAL D 265 44.69 -13.47 10.75
CA VAL D 265 45.01 -13.32 12.16
C VAL D 265 46.40 -12.70 12.35
N VAL D 266 46.61 -12.06 13.50
CA VAL D 266 47.91 -11.52 13.88
C VAL D 266 48.25 -11.94 15.30
N ARG D 267 49.50 -11.77 15.69
CA ARG D 267 49.85 -12.07 17.08
C ARG D 267 49.38 -10.92 17.97
N THR D 268 49.16 -11.23 19.24
CA THR D 268 48.87 -10.20 20.23
C THR D 268 50.16 -9.47 20.52
N GLN D 269 50.06 -8.31 21.17
CA GLN D 269 51.21 -7.49 21.46
C GLN D 269 52.09 -8.13 22.52
N THR D 270 51.48 -8.87 23.44
CA THR D 270 52.21 -9.26 24.64
C THR D 270 52.31 -10.75 24.95
N ASN D 271 51.57 -11.61 24.26
CA ASN D 271 51.58 -13.02 24.67
C ASN D 271 51.51 -14.09 23.58
N GLY D 272 51.76 -13.73 22.32
CA GLY D 272 51.91 -14.73 21.28
C GLY D 272 50.70 -15.55 20.90
N LEU D 273 49.53 -15.16 21.38
CA LEU D 273 48.29 -15.79 20.95
C LEU D 273 47.87 -15.14 19.65
N TRP D 274 47.15 -15.86 18.81
CA TRP D 274 46.66 -15.28 17.55
C TRP D 274 45.24 -14.74 17.64
N VAL D 275 45.06 -13.50 17.20
CA VAL D 275 43.75 -12.86 17.18
C VAL D 275 43.44 -12.36 15.76
N PRO D 276 42.15 -12.34 15.39
CA PRO D 276 41.80 -11.89 14.04
C PRO D 276 42.33 -10.49 13.78
N ALA D 277 42.83 -10.26 12.57
CA ALA D 277 43.49 -9.01 12.20
C ALA D 277 42.52 -7.85 12.12
N ASN D 278 41.24 -8.16 12.03
CA ASN D 278 40.23 -7.16 11.73
C ASN D 278 39.60 -6.58 12.97
N THR D 279 39.75 -7.32 14.07
CA THR D 279 39.03 -7.09 15.31
C THR D 279 39.04 -5.62 15.74
N GLU D 280 37.92 -5.16 16.27
CA GLU D 280 37.78 -3.76 16.72
C GLU D 280 38.65 -3.42 17.92
N ILE D 281 38.61 -4.29 18.92
CA ILE D 281 39.36 -4.15 20.16
C ILE D 281 39.83 -5.55 20.56
N VAL D 282 41.08 -5.64 21.04
CA VAL D 282 41.59 -6.88 21.65
C VAL D 282 42.13 -6.66 23.08
N LEU D 283 41.69 -7.50 24.02
CA LEU D 283 42.16 -7.41 25.39
C LEU D 283 43.21 -8.50 25.59
N GLU D 284 44.28 -8.20 26.32
CA GLU D 284 45.33 -9.20 26.54
C GLU D 284 45.72 -9.25 28.01
N GLY D 285 45.98 -10.47 28.50
CA GLY D 285 46.49 -10.65 29.84
C GLY D 285 46.44 -12.09 30.30
N GLU D 286 45.88 -12.30 31.48
CA GLU D 286 45.88 -13.64 32.04
C GLU D 286 44.65 -13.95 32.88
N ILE D 287 44.18 -15.19 32.80
CA ILE D 287 43.14 -15.67 33.69
C ILE D 287 43.78 -16.13 34.99
N SER D 288 43.49 -15.41 36.08
CA SER D 288 44.16 -15.65 37.35
C SER D 288 43.93 -17.05 37.88
N LEU D 289 44.82 -17.48 38.76
CA LEU D 289 44.79 -18.85 39.26
C LEU D 289 43.72 -19.01 40.35
N ASP D 290 43.80 -18.21 41.41
CA ASP D 290 42.88 -18.38 42.52
C ASP D 290 42.12 -17.10 42.89
N GLU D 291 42.40 -16.01 42.19
CA GLU D 291 41.69 -14.75 42.42
C GLU D 291 40.27 -14.82 41.86
N THR D 292 39.34 -14.20 42.59
CA THR D 292 37.94 -14.13 42.17
C THR D 292 37.30 -12.80 42.57
N ALA D 293 36.12 -12.54 42.02
CA ALA D 293 35.36 -11.35 42.29
C ALA D 293 33.89 -11.61 42.04
N LEU D 294 33.04 -11.06 42.90
CA LEU D 294 31.61 -11.21 42.76
C LEU D 294 31.15 -10.67 41.42
N GLU D 295 30.86 -11.57 40.49
CA GLU D 295 30.40 -11.17 39.16
C GLU D 295 28.90 -11.45 38.99
N GLY D 296 28.20 -10.48 38.43
CA GLY D 296 26.76 -10.59 38.24
C GLY D 296 26.00 -9.88 39.34
N PRO D 297 24.66 -9.95 39.31
CA PRO D 297 23.92 -10.66 38.28
C PRO D 297 23.71 -9.84 37.01
N MET D 298 23.19 -10.49 35.97
CA MET D 298 22.92 -9.79 34.72
C MET D 298 21.63 -10.38 34.17
N GLY D 299 20.97 -9.65 33.28
CA GLY D 299 19.85 -10.21 32.54
C GLY D 299 20.37 -11.36 31.70
N GLU D 300 19.64 -12.46 31.65
CA GLU D 300 20.08 -13.64 30.89
C GLU D 300 19.17 -14.01 29.71
N TYR D 301 19.64 -14.99 28.94
CA TYR D 301 18.96 -15.49 27.75
C TYR D 301 17.51 -15.83 28.01
N HIS D 302 17.22 -16.36 29.20
CA HIS D 302 15.86 -16.80 29.53
C HIS D 302 14.92 -15.64 29.82
N GLY D 303 15.43 -14.41 29.74
CA GLY D 303 14.59 -13.23 29.87
C GLY D 303 14.40 -12.73 31.28
N TYR D 304 15.20 -13.21 32.22
CA TYR D 304 15.09 -12.81 33.62
C TYR D 304 16.40 -12.33 34.22
N SER D 305 16.28 -11.53 35.29
CA SER D 305 17.41 -11.10 36.08
C SER D 305 17.28 -11.57 37.53
N PHE D 306 17.90 -12.69 37.85
CA PHE D 306 17.94 -13.20 39.21
C PHE D 306 18.83 -12.33 40.07
N PRO D 307 18.50 -12.18 41.37
CA PRO D 307 19.11 -11.21 42.30
C PRO D 307 20.56 -11.47 42.73
N ILE D 308 20.93 -12.71 42.99
CA ILE D 308 22.23 -12.99 43.60
C ILE D 308 23.34 -13.16 42.56
N GLY D 309 24.53 -12.63 42.85
CA GLY D 309 25.68 -12.81 42.00
C GLY D 309 26.50 -14.03 42.38
N LYS D 310 27.66 -14.19 41.73
CA LYS D 310 28.54 -15.33 42.03
C LYS D 310 30.00 -14.93 41.84
N PRO D 311 30.89 -15.39 42.74
CA PRO D 311 32.33 -15.10 42.60
C PRO D 311 32.94 -15.75 41.36
N GLN D 312 33.60 -14.96 40.51
CA GLN D 312 34.16 -15.48 39.27
C GLN D 312 35.64 -15.12 39.14
N PRO D 313 36.40 -15.87 38.32
CA PRO D 313 37.83 -15.60 38.18
C PRO D 313 38.21 -14.24 37.58
N LEU D 314 39.33 -13.71 38.08
CA LEU D 314 39.88 -12.45 37.63
C LEU D 314 40.66 -12.58 36.32
N PHE D 315 40.33 -11.71 35.39
CA PHE D 315 41.07 -11.58 34.14
C PHE D 315 41.92 -10.32 34.24
N HIS D 316 43.22 -10.48 34.48
CA HIS D 316 44.12 -9.34 34.56
C HIS D 316 44.47 -8.88 33.14
N VAL D 317 44.17 -7.63 32.83
CA VAL D 317 44.40 -7.09 31.50
C VAL D 317 45.72 -6.34 31.46
N HIS D 318 46.71 -6.91 30.76
CA HIS D 318 48.06 -6.36 30.72
C HIS D 318 48.23 -5.43 29.55
N ALA D 319 47.37 -5.57 28.54
CA ALA D 319 47.44 -4.74 27.34
C ALA D 319 46.14 -4.75 26.54
N LEU D 320 45.97 -3.78 25.65
CA LEU D 320 44.84 -3.75 24.72
C LEU D 320 45.18 -3.02 23.42
N SER D 321 44.70 -3.56 22.31
CA SER D 321 44.74 -2.84 21.05
C SER D 321 43.33 -2.61 20.48
N PHE D 322 43.20 -1.58 19.66
CA PHE D 322 41.93 -1.26 19.05
C PHE D 322 42.12 -0.49 17.75
N ARG D 323 41.20 -0.69 16.83
CA ARG D 323 41.23 0.05 15.57
C ARG D 323 40.91 1.50 15.86
N ASP D 324 41.41 2.40 15.02
CA ASP D 324 40.99 3.79 15.06
C ASP D 324 39.47 3.81 15.00
N GLN D 325 38.87 4.72 15.77
CA GLN D 325 37.41 4.83 15.88
C GLN D 325 36.74 3.52 16.31
N PRO D 326 37.25 2.88 17.38
CA PRO D 326 36.85 1.50 17.66
C PRO D 326 35.37 1.36 17.92
N ILE D 327 34.79 0.25 17.46
CA ILE D 327 33.40 -0.05 17.80
C ILE D 327 33.28 -1.24 18.74
N LEU D 328 32.69 -1.00 19.91
CA LEU D 328 32.43 -2.06 20.87
C LEU D 328 31.03 -2.61 20.63
N PRO D 329 30.93 -3.89 20.23
CA PRO D 329 29.62 -4.52 20.10
C PRO D 329 29.10 -4.93 21.46
N ILE D 330 27.78 -4.91 21.67
CA ILE D 330 27.20 -5.29 22.96
C ILE D 330 25.94 -6.11 22.81
N CYS D 331 25.67 -6.96 23.81
CA CYS D 331 24.43 -7.72 23.91
C CYS D 331 23.75 -7.32 25.21
N VAL D 332 22.50 -6.90 25.10
CA VAL D 332 21.68 -6.65 26.28
C VAL D 332 20.74 -7.85 26.43
N ALA D 333 21.21 -8.86 27.15
CA ALA D 333 20.50 -10.12 27.26
C ALA D 333 19.16 -9.92 27.97
N GLY D 334 18.18 -10.73 27.61
CA GLY D 334 16.84 -10.57 28.13
C GLY D 334 15.81 -11.29 27.28
N THR D 335 14.56 -10.85 27.36
CA THR D 335 13.48 -11.48 26.61
C THR D 335 13.76 -11.43 25.10
N PRO D 336 13.28 -12.44 24.38
CA PRO D 336 13.53 -12.63 22.94
C PRO D 336 12.98 -11.51 22.04
N PRO D 337 13.59 -11.34 20.86
CA PRO D 337 14.77 -12.10 20.39
C PRO D 337 16.08 -11.30 20.43
N GLU D 338 17.06 -11.79 21.21
CA GLU D 338 18.41 -11.19 21.28
C GLU D 338 19.45 -12.18 20.72
N GLU D 339 20.72 -11.80 20.79
CA GLU D 339 21.82 -12.62 20.29
C GLU D 339 21.97 -14.01 20.94
N ASN D 340 21.60 -14.14 22.23
CA ASN D 340 21.61 -15.43 22.89
C ASN D 340 20.71 -16.38 22.13
N HIS D 341 19.61 -15.83 21.64
CA HIS D 341 18.64 -16.61 20.92
C HIS D 341 19.00 -16.76 19.43
N THR D 342 19.09 -15.64 18.70
CA THR D 342 19.34 -15.70 17.25
C THR D 342 20.63 -16.45 16.87
N ILE D 343 21.71 -16.21 17.60
CA ILE D 343 22.99 -16.82 17.26
C ILE D 343 23.12 -18.20 17.86
N TRP D 344 23.09 -18.28 19.19
CA TRP D 344 23.30 -19.55 19.88
C TRP D 344 22.16 -20.55 19.71
N GLY D 345 20.93 -20.04 19.64
CA GLY D 345 19.78 -20.92 19.46
C GLY D 345 19.79 -21.56 18.09
N THR D 346 20.12 -20.77 17.08
CA THR D 346 20.21 -21.22 15.69
C THR D 346 21.31 -22.27 15.59
N MET D 347 22.44 -22.00 16.24
CA MET D 347 23.53 -22.96 16.23
C MET D 347 23.22 -24.25 17.04
N ILE D 348 22.48 -24.12 18.14
CA ILE D 348 22.01 -25.30 18.88
C ILE D 348 21.04 -26.09 18.03
N SER D 349 20.24 -25.40 17.22
CA SER D 349 19.29 -26.05 16.31
C SER D 349 20.01 -26.86 15.23
N ALA D 350 21.05 -26.29 14.66
CA ALA D 350 21.78 -26.99 13.62
C ALA D 350 22.41 -28.25 14.19
N GLN D 351 23.08 -28.11 15.32
CA GLN D 351 23.77 -29.22 15.95
C GLN D 351 22.80 -30.35 16.33
N LEU D 352 21.66 -29.98 16.89
CA LEU D 352 20.66 -30.96 17.31
C LEU D 352 20.11 -31.74 16.13
N LEU D 353 19.95 -31.07 14.98
CA LEU D 353 19.47 -31.73 13.78
C LEU D 353 20.45 -32.82 13.36
N ASP D 354 21.74 -32.57 13.58
CA ASP D 354 22.77 -33.51 13.20
C ASP D 354 22.82 -34.65 14.20
N VAL D 355 22.76 -34.31 15.48
CA VAL D 355 22.77 -35.28 16.57
C VAL D 355 21.61 -36.28 16.41
N ALA D 356 20.43 -35.78 16.07
CA ALA D 356 19.25 -36.63 15.84
C ALA D 356 19.44 -37.48 14.59
N GLN D 357 19.81 -36.84 13.49
CA GLN D 357 20.05 -37.51 12.22
C GLN D 357 21.15 -38.56 12.26
N ASN D 358 22.31 -38.24 12.83
CA ASN D 358 23.36 -39.25 12.93
C ASN D 358 23.04 -40.32 13.98
N ALA D 359 21.95 -40.10 14.72
CA ALA D 359 21.46 -41.10 15.66
C ALA D 359 20.48 -42.09 15.01
N GLY D 360 19.75 -41.64 14.00
CA GLY D 360 18.77 -42.50 13.35
C GLY D 360 17.34 -42.05 13.59
N LEU D 361 17.19 -40.99 14.38
CA LEU D 361 15.89 -40.39 14.63
C LEU D 361 15.36 -39.80 13.33
N PRO D 362 14.03 -39.92 13.11
CA PRO D 362 13.39 -39.43 11.87
C PRO D 362 13.15 -37.92 11.85
N VAL D 363 14.17 -37.16 12.23
CA VAL D 363 14.05 -35.71 12.30
C VAL D 363 14.61 -35.07 11.02
N ASP D 364 13.90 -34.07 10.48
CA ASP D 364 14.35 -33.37 9.27
C ASP D 364 14.62 -31.89 9.48
N MET D 365 14.29 -31.40 10.66
CA MET D 365 14.55 -30.02 11.06
C MET D 365 14.37 -29.88 12.57
N VAL D 366 15.21 -29.06 13.19
CA VAL D 366 15.04 -28.68 14.58
C VAL D 366 15.14 -27.17 14.69
N TRP D 367 14.19 -26.52 15.37
CA TRP D 367 14.26 -25.09 15.57
C TRP D 367 13.94 -24.66 16.99
N CYS D 368 14.92 -24.07 17.65
CA CYS D 368 14.73 -23.54 19.00
C CYS D 368 14.05 -22.19 18.90
N SER D 369 12.71 -22.20 18.92
CA SER D 369 11.91 -20.99 18.77
C SER D 369 12.47 -19.83 19.59
N TYR D 370 12.59 -18.68 18.96
CA TYR D 370 13.14 -17.51 19.63
C TYR D 370 12.21 -17.10 20.75
N GLU D 371 10.92 -17.19 20.47
CA GLU D 371 9.88 -16.81 21.41
C GLU D 371 9.99 -17.57 22.73
N ALA D 372 10.44 -18.82 22.66
CA ALA D 372 10.59 -19.66 23.86
C ALA D 372 11.94 -19.51 24.55
N ALA D 373 12.74 -18.54 24.09
CA ALA D 373 14.00 -18.18 24.75
C ALA D 373 14.93 -19.38 25.01
N THR D 374 15.04 -20.27 24.02
CA THR D 374 15.95 -21.42 24.07
C THR D 374 15.67 -22.33 25.26
N CYS D 375 14.43 -22.33 25.72
CA CYS D 375 14.01 -23.31 26.71
C CYS D 375 13.25 -24.39 26.00
N TRP D 376 12.97 -24.21 24.71
CA TRP D 376 12.51 -25.36 23.92
C TRP D 376 13.02 -25.52 22.49
N ALA D 377 13.13 -26.78 22.08
CA ALA D 377 13.50 -27.15 20.73
C ALA D 377 12.39 -28.02 20.16
N VAL D 378 11.77 -27.55 19.09
CA VAL D 378 10.76 -28.32 18.39
C VAL D 378 11.42 -29.24 17.40
N LEU D 379 11.00 -30.50 17.41
CA LEU D 379 11.56 -31.50 16.50
C LEU D 379 10.59 -31.90 15.40
N SER D 380 10.99 -31.57 14.17
CA SER D 380 10.22 -31.87 12.97
C SER D 380 10.36 -33.35 12.60
N ILE D 381 9.26 -34.09 12.70
CA ILE D 381 9.28 -35.54 12.50
C ILE D 381 8.72 -35.98 11.16
N ASP D 382 9.41 -36.92 10.53
CA ASP D 382 9.01 -37.54 9.26
C ASP D 382 8.19 -38.81 9.55
N VAL D 383 6.87 -38.71 9.45
CA VAL D 383 5.99 -39.78 9.92
C VAL D 383 6.00 -41.05 9.08
N GLN D 384 6.90 -41.11 8.10
CA GLN D 384 7.04 -42.30 7.27
C GLN D 384 8.26 -43.06 7.73
N ARG D 385 9.29 -42.32 8.12
CA ARG D 385 10.47 -42.90 8.73
C ARG D 385 10.19 -43.15 10.20
N LEU D 386 9.20 -42.45 10.75
CA LEU D 386 8.71 -42.74 12.09
C LEU D 386 7.97 -44.08 12.11
N ALA D 387 7.12 -44.31 11.11
CA ALA D 387 6.31 -45.51 11.06
C ALA D 387 7.15 -46.77 10.88
N ALA D 388 8.25 -46.63 10.12
CA ALA D 388 9.19 -47.73 9.89
C ALA D 388 9.85 -48.19 11.18
N LEU D 389 10.04 -47.27 12.11
CA LEU D 389 10.63 -47.60 13.40
C LEU D 389 9.76 -48.56 14.22
N GLY D 390 8.48 -48.66 13.87
CA GLY D 390 7.54 -49.53 14.56
C GLY D 390 7.48 -49.34 16.07
N THR D 391 7.38 -48.11 16.55
CA THR D 391 7.42 -47.85 17.99
C THR D 391 6.15 -47.14 18.50
N ASP D 392 6.25 -46.52 19.67
CA ASP D 392 5.13 -45.77 20.27
C ASP D 392 5.65 -44.58 21.03
N ALA D 393 4.74 -43.67 21.40
CA ALA D 393 5.13 -42.41 22.04
C ALA D 393 6.08 -42.55 23.22
N ALA D 394 5.70 -43.37 24.22
CA ALA D 394 6.46 -43.51 25.46
C ALA D 394 7.89 -43.95 25.23
N ALA D 395 8.07 -45.00 24.43
CA ALA D 395 9.40 -45.48 24.08
C ALA D 395 10.15 -44.49 23.19
N PHE D 396 9.42 -43.83 22.31
CA PHE D 396 10.02 -42.89 21.36
C PHE D 396 10.55 -41.64 22.06
N ALA D 397 9.72 -41.09 22.94
CA ALA D 397 10.11 -39.95 23.76
C ALA D 397 11.36 -40.23 24.62
N ALA D 398 11.45 -41.44 25.18
CA ALA D 398 12.61 -41.81 25.99
C ALA D 398 13.89 -41.88 25.15
N ARG D 399 13.79 -42.49 23.97
CA ARG D 399 14.89 -42.51 22.99
C ARG D 399 15.32 -41.11 22.62
N VAL D 400 14.36 -40.24 22.33
CA VAL D 400 14.70 -38.86 21.95
C VAL D 400 15.36 -38.12 23.11
N ALA D 401 14.80 -38.28 24.31
CA ALA D 401 15.39 -37.73 25.53
C ALA D 401 16.85 -38.16 25.68
N GLU D 402 17.10 -39.47 25.58
CA GLU D 402 18.44 -40.06 25.72
C GLU D 402 19.40 -39.45 24.73
N THR D 403 19.06 -39.56 23.45
CA THR D 403 19.87 -39.07 22.36
C THR D 403 20.15 -37.56 22.44
N VAL D 404 19.09 -36.76 22.60
CA VAL D 404 19.22 -35.31 22.58
C VAL D 404 19.80 -34.72 23.87
N PHE D 405 19.26 -35.10 25.04
CA PHE D 405 19.77 -34.53 26.28
C PHE D 405 21.19 -35.01 26.63
N GLY D 406 21.54 -36.19 26.14
CA GLY D 406 22.90 -36.69 26.31
C GLY D 406 23.92 -35.92 25.49
N SER D 407 23.49 -35.35 24.36
CA SER D 407 24.38 -34.53 23.53
C SER D 407 24.74 -33.22 24.24
N HIS D 408 25.81 -32.58 23.79
CA HIS D 408 26.24 -31.35 24.43
C HIS D 408 25.25 -30.23 24.15
N ALA D 409 24.83 -30.07 22.90
CA ALA D 409 23.88 -29.03 22.55
C ALA D 409 22.52 -29.25 23.20
N GLY D 410 22.08 -30.50 23.29
CA GLY D 410 20.81 -30.81 23.92
C GLY D 410 20.77 -30.62 25.42
N HIS D 411 21.94 -30.61 26.05
CA HIS D 411 22.05 -30.37 27.48
C HIS D 411 21.52 -28.98 27.91
N LEU D 412 21.49 -28.03 26.96
CA LEU D 412 21.14 -26.64 27.21
C LEU D 412 19.64 -26.35 27.10
N VAL D 413 18.90 -27.28 26.52
CA VAL D 413 17.45 -27.08 26.31
C VAL D 413 16.67 -28.07 27.16
N PRO D 414 15.85 -27.56 28.11
CA PRO D 414 15.14 -28.42 29.06
C PRO D 414 13.92 -29.10 28.45
N LYS D 415 13.26 -28.44 27.52
CA LYS D 415 12.06 -29.00 26.89
C LYS D 415 12.23 -29.30 25.40
N LEU D 416 11.72 -30.45 24.96
CA LEU D 416 11.67 -30.74 23.53
C LEU D 416 10.26 -31.05 23.06
N ILE D 417 9.89 -30.51 21.89
CA ILE D 417 8.59 -30.80 21.29
C ILE D 417 8.74 -31.66 20.04
N LEU D 418 7.99 -32.76 19.99
CA LEU D 418 7.97 -33.62 18.81
C LEU D 418 6.67 -33.41 18.04
N VAL D 419 6.77 -32.95 16.80
CA VAL D 419 5.57 -32.83 15.95
C VAL D 419 5.89 -33.22 14.51
N GLY D 420 4.90 -33.81 13.82
CA GLY D 420 5.04 -34.19 12.43
C GLY D 420 5.42 -33.01 11.55
N ASN D 421 6.13 -33.28 10.45
CA ASN D 421 6.71 -32.24 9.63
C ASN D 421 5.77 -31.61 8.63
N ASP D 422 4.47 -31.84 8.82
CA ASP D 422 3.48 -31.17 7.98
C ASP D 422 3.37 -29.68 8.34
N ILE D 423 3.83 -29.32 9.53
CA ILE D 423 3.90 -27.91 9.93
C ILE D 423 5.34 -27.45 9.89
N ASP D 424 5.51 -26.14 9.84
CA ASP D 424 6.83 -25.54 9.80
C ASP D 424 7.27 -25.29 11.23
N VAL D 425 8.22 -26.06 11.74
CA VAL D 425 8.63 -25.89 13.14
C VAL D 425 9.43 -24.59 13.37
N THR D 426 9.62 -23.79 12.32
CA THR D 426 10.26 -22.48 12.47
C THR D 426 9.23 -21.37 12.63
N GLU D 427 7.95 -21.71 12.47
CA GLU D 427 6.88 -20.76 12.69
C GLU D 427 6.17 -21.05 13.99
N ILE D 428 6.27 -20.13 14.94
CA ILE D 428 5.73 -20.33 16.28
C ILE D 428 4.22 -20.55 16.26
N ASP D 429 3.55 -19.88 15.34
CA ASP D 429 2.08 -19.99 15.30
C ASP D 429 1.61 -21.36 14.82
N GLN D 430 2.47 -22.09 14.10
CA GLN D 430 2.13 -23.45 13.68
C GLN D 430 2.54 -24.43 14.77
N VAL D 431 3.57 -24.03 15.51
CA VAL D 431 3.98 -24.79 16.68
C VAL D 431 2.86 -24.72 17.72
N VAL D 432 2.26 -23.54 17.89
CA VAL D 432 1.17 -23.35 18.85
C VAL D 432 -0.10 -24.15 18.49
N TRP D 433 -0.47 -24.15 17.20
CA TRP D 433 -1.63 -24.91 16.73
C TRP D 433 -1.49 -26.41 17.00
N ALA D 434 -0.34 -26.96 16.61
CA ALA D 434 -0.02 -28.35 16.85
C ALA D 434 0.00 -28.61 18.34
N LEU D 435 0.62 -27.71 19.08
CA LEU D 435 0.69 -27.83 20.53
C LEU D 435 -0.72 -27.96 21.07
N ALA D 436 -1.49 -26.88 20.92
CA ALA D 436 -2.89 -26.84 21.31
C ALA D 436 -3.68 -28.07 20.86
N THR D 437 -3.65 -28.38 19.57
CA THR D 437 -4.54 -29.41 18.98
C THR D 437 -4.00 -30.86 18.99
N ARG D 438 -2.71 -31.07 19.22
CA ARG D 438 -2.15 -32.43 19.19
C ARG D 438 -1.58 -32.90 20.53
N ALA D 439 -1.31 -32.00 21.46
CA ALA D 439 -0.79 -32.45 22.75
C ALA D 439 -1.92 -32.90 23.68
N HIS D 440 -2.01 -34.21 23.89
CA HIS D 440 -3.04 -34.78 24.75
C HIS D 440 -2.57 -34.75 26.19
N PRO D 441 -3.27 -33.97 27.03
CA PRO D 441 -3.06 -33.80 28.49
C PRO D 441 -2.68 -35.08 29.23
N LEU D 442 -3.27 -36.20 28.84
CA LEU D 442 -3.08 -37.44 29.55
C LEU D 442 -1.90 -38.27 29.05
N HIS D 443 -1.48 -38.04 27.83
CA HIS D 443 -0.57 -38.99 27.19
C HIS D 443 0.76 -38.40 26.77
N ASP D 444 0.79 -37.10 26.49
CA ASP D 444 1.91 -36.51 25.79
C ASP D 444 2.88 -35.70 26.65
N HIS D 445 2.76 -35.84 27.96
CA HIS D 445 3.58 -35.08 28.89
C HIS D 445 4.58 -36.02 29.52
N PHE D 446 5.63 -36.31 28.76
CA PHE D 446 6.69 -37.23 29.14
C PHE D 446 7.80 -36.50 29.89
N ALA D 447 7.78 -36.65 31.21
CA ALA D 447 8.77 -36.01 32.06
C ALA D 447 9.93 -36.97 32.32
N PHE D 448 11.14 -36.43 32.22
CA PHE D 448 12.36 -37.18 32.55
C PHE D 448 13.09 -36.53 33.72
N PRO D 449 12.68 -36.88 34.95
CA PRO D 449 13.19 -36.25 36.17
C PRO D 449 14.51 -36.82 36.68
N GLN D 450 15.08 -37.79 35.97
CA GLN D 450 16.38 -38.32 36.37
C GLN D 450 17.49 -37.85 35.45
N ILE D 451 17.12 -37.24 34.32
CA ILE D 451 18.09 -36.63 33.41
C ILE D 451 18.55 -35.26 33.91
N ARG D 452 19.86 -35.13 34.14
CA ARG D 452 20.43 -33.96 34.79
C ARG D 452 20.28 -32.65 34.00
N ASP D 453 20.02 -31.58 34.74
CA ASP D 453 19.59 -30.32 34.14
C ASP D 453 20.73 -29.34 33.89
N PHE D 454 20.52 -28.49 32.89
CA PHE D 454 21.24 -27.25 32.78
C PHE D 454 20.73 -26.38 33.92
N PRO D 455 21.64 -25.95 34.82
CA PRO D 455 21.34 -25.20 36.04
C PRO D 455 20.75 -23.80 35.84
N MET D 456 20.92 -23.24 34.64
CA MET D 456 20.47 -21.89 34.38
C MET D 456 18.99 -21.81 34.09
N VAL D 457 18.35 -22.96 33.83
CA VAL D 457 16.93 -22.96 33.51
C VAL D 457 16.09 -22.30 34.61
N PRO D 458 15.30 -21.28 34.23
CA PRO D 458 14.71 -20.37 35.23
C PRO D 458 13.67 -20.98 36.15
N TYR D 459 12.92 -21.99 35.70
CA TYR D 459 11.83 -22.51 36.51
C TYR D 459 12.22 -23.55 37.56
N LEU D 460 13.51 -23.91 37.63
CA LEU D 460 13.92 -24.95 38.57
C LEU D 460 13.64 -24.47 39.97
N ASP D 461 13.39 -25.40 40.89
CA ASP D 461 13.18 -25.02 42.30
C ASP D 461 14.32 -25.54 43.16
N ALA D 462 14.16 -25.39 44.47
CA ALA D 462 15.17 -25.85 45.42
C ALA D 462 15.45 -27.34 45.27
N GLU D 463 14.39 -28.12 45.14
CA GLU D 463 14.50 -29.58 45.11
C GLU D 463 15.26 -30.09 43.88
N ASP D 464 15.16 -29.37 42.78
CA ASP D 464 15.77 -29.77 41.52
C ASP D 464 17.29 -29.59 41.60
N LYS D 465 17.73 -28.55 42.30
CA LYS D 465 19.13 -28.19 42.36
C LYS D 465 19.92 -29.10 43.29
N ALA D 466 19.29 -29.49 44.39
CA ALA D 466 19.88 -30.44 45.31
C ALA D 466 20.00 -31.80 44.63
N ARG D 467 18.95 -32.17 43.92
CA ARG D 467 18.88 -33.42 43.18
C ARG D 467 19.77 -33.38 41.93
N GLY D 468 19.81 -32.22 41.27
CA GLY D 468 20.60 -32.04 40.06
C GLY D 468 19.80 -32.31 38.79
N SER D 469 18.52 -32.60 38.96
CA SER D 469 17.64 -32.97 37.86
C SER D 469 16.21 -32.57 38.16
N GLY D 470 15.32 -32.74 37.17
CA GLY D 470 13.88 -32.59 37.37
C GLY D 470 13.17 -31.68 36.39
N GLY D 471 13.93 -30.99 35.55
CA GLY D 471 13.35 -29.97 34.71
C GLY D 471 13.11 -30.41 33.28
N ARG D 472 13.61 -31.59 32.95
CA ARG D 472 13.52 -32.11 31.58
C ARG D 472 12.12 -32.57 31.22
N LEU D 473 11.73 -32.29 29.99
CA LEU D 473 10.43 -32.69 29.51
C LEU D 473 10.45 -32.93 28.00
N VAL D 474 9.73 -33.96 27.57
CA VAL D 474 9.42 -34.15 26.17
C VAL D 474 7.90 -33.97 26.01
N ILE D 475 7.49 -33.06 25.12
CA ILE D 475 6.08 -32.88 24.82
C ILE D 475 5.81 -33.45 23.44
N ASN D 476 4.96 -34.47 23.39
CA ASN D 476 4.66 -35.20 22.19
C ASN D 476 3.45 -34.65 21.46
N CYS D 477 3.65 -34.10 20.26
CA CYS D 477 2.54 -33.64 19.45
C CYS D 477 2.26 -34.58 18.28
N LEU D 478 2.70 -35.83 18.41
CA LEU D 478 2.39 -36.85 17.41
C LEU D 478 1.16 -37.65 17.85
N TYR D 479 0.17 -37.72 16.97
CA TYR D 479 -1.01 -38.56 17.21
C TYR D 479 -0.61 -40.04 17.19
N PRO D 480 -1.23 -40.84 18.08
CA PRO D 480 -0.84 -42.23 18.31
C PRO D 480 -0.72 -43.01 17.01
N GLU D 481 -1.61 -42.70 16.08
CA GLU D 481 -1.74 -43.41 14.82
C GLU D 481 -0.62 -43.03 13.84
N GLN D 482 0.10 -41.95 14.15
CA GLN D 482 1.21 -41.52 13.29
C GLN D 482 2.42 -42.45 13.46
N PHE D 483 2.41 -43.20 14.56
CA PHE D 483 3.42 -44.24 14.80
C PHE D 483 3.11 -45.45 13.94
N ALA D 484 1.94 -45.43 13.31
CA ALA D 484 1.50 -46.48 12.40
C ALA D 484 1.64 -45.99 10.96
N GLY D 485 1.92 -44.71 10.80
CA GLY D 485 2.05 -44.10 9.49
C GLY D 485 0.79 -43.40 9.05
N GLN D 486 -0.12 -43.21 10.00
CA GLN D 486 -1.45 -42.68 9.71
C GLN D 486 -1.70 -41.32 10.34
N MET D 487 -2.90 -40.81 10.14
CA MET D 487 -3.27 -39.49 10.64
C MET D 487 -4.79 -39.38 10.60
N ARG D 488 -5.36 -38.92 11.70
CA ARG D 488 -6.81 -38.94 11.88
C ARG D 488 -7.59 -37.99 10.98
N ALA D 489 -6.93 -36.95 10.47
CA ALA D 489 -7.63 -35.88 9.77
C ALA D 489 -6.71 -35.05 8.89
N ALA D 490 -7.22 -34.59 7.75
CA ALA D 490 -6.48 -33.66 6.90
C ALA D 490 -6.47 -32.28 7.54
N THR D 491 -5.61 -31.40 7.04
CA THR D 491 -5.55 -30.04 7.53
C THR D 491 -6.44 -29.13 6.67
N ALA D 492 -7.36 -28.41 7.32
CA ALA D 492 -8.22 -27.46 6.64
C ALA D 492 -7.52 -26.13 6.43
N SER D 493 -6.70 -26.06 5.38
CA SER D 493 -6.03 -24.82 5.01
C SER D 493 -5.89 -24.79 3.52
N PHE D 494 -5.60 -23.59 2.99
CA PHE D 494 -5.46 -23.35 1.55
C PHE D 494 -4.57 -24.39 0.87
N ARG D 495 -3.42 -24.65 1.47
CA ARG D 495 -2.46 -25.60 0.93
C ARG D 495 -2.95 -27.07 1.01
N HIS D 496 -3.77 -27.39 2.01
CA HIS D 496 -4.14 -28.79 2.22
C HIS D 496 -5.59 -29.16 1.92
N ALA D 497 -6.47 -28.18 1.77
CA ALA D 497 -7.89 -28.52 1.54
C ALA D 497 -8.28 -28.35 0.09
N TYR D 498 -7.31 -28.03 -0.77
CA TYR D 498 -7.58 -27.77 -2.20
C TYR D 498 -6.55 -28.49 -3.07
N PRO D 499 -7.00 -29.03 -4.22
CA PRO D 499 -6.12 -29.69 -5.19
C PRO D 499 -5.02 -28.78 -5.74
N THR D 500 -3.95 -29.40 -6.21
CA THR D 500 -2.76 -28.71 -6.71
C THR D 500 -3.05 -27.63 -7.76
N ALA D 501 -3.82 -28.00 -8.78
CA ALA D 501 -4.05 -27.12 -9.93
C ALA D 501 -4.92 -25.92 -9.59
N LEU D 502 -5.76 -26.08 -8.57
CA LEU D 502 -6.61 -24.98 -8.11
C LEU D 502 -5.80 -23.92 -7.38
N ARG D 503 -4.89 -24.37 -6.52
CA ARG D 503 -4.01 -23.46 -5.78
C ARG D 503 -3.21 -22.57 -6.72
N ARG D 504 -2.73 -23.15 -7.82
CA ARG D 504 -1.97 -22.40 -8.81
C ARG D 504 -2.87 -21.40 -9.53
N ARG D 505 -4.05 -21.88 -9.93
CA ARG D 505 -5.06 -21.03 -10.57
C ARG D 505 -5.44 -19.82 -9.72
N VAL D 506 -5.64 -20.04 -8.42
CA VAL D 506 -5.89 -18.94 -7.48
C VAL D 506 -4.68 -18.02 -7.37
N GLU D 507 -3.50 -18.61 -7.33
CA GLU D 507 -2.26 -17.83 -7.23
C GLU D 507 -2.02 -16.99 -8.48
N GLU D 508 -2.46 -17.52 -9.63
CA GLU D 508 -2.20 -16.91 -10.93
C GLU D 508 -3.21 -15.85 -11.31
N ARG D 509 -4.40 -15.93 -10.74
CA ARG D 509 -5.45 -14.98 -11.08
C ARG D 509 -5.72 -14.06 -9.91
N TRP D 510 -4.81 -14.10 -8.92
CA TRP D 510 -4.93 -13.29 -7.71
C TRP D 510 -5.07 -11.80 -8.06
N SER D 511 -4.30 -11.34 -9.05
CA SER D 511 -4.44 -9.98 -9.57
C SER D 511 -5.75 -9.81 -10.32
N ASP D 512 -6.15 -10.87 -11.04
CA ASP D 512 -7.39 -10.84 -11.79
C ASP D 512 -8.57 -10.67 -10.85
N TYR D 513 -8.61 -11.49 -9.79
CA TYR D 513 -9.65 -11.43 -8.75
C TYR D 513 -9.86 -10.04 -8.18
N GLY D 514 -8.82 -9.22 -8.19
CA GLY D 514 -8.93 -7.85 -7.73
C GLY D 514 -8.08 -7.55 -6.49
N PHE D 515 -7.28 -8.51 -6.07
CA PHE D 515 -6.29 -8.24 -5.04
C PHE D 515 -5.04 -7.62 -5.65
S SO4 E . 29.01 -7.23 0.66
O1 SO4 E . 29.40 -6.05 1.44
O2 SO4 E . 29.09 -8.42 1.52
O3 SO4 E . 27.67 -7.03 0.13
O4 SO4 E . 29.95 -7.41 -0.44
#